data_5ENQ
#
_entry.id   5ENQ
#
_cell.length_a   107.726
_cell.length_b   145.517
_cell.length_c   173.452
_cell.angle_alpha   90.00
_cell.angle_beta   90.00
_cell.angle_gamma   90.00
#
_symmetry.space_group_name_H-M   'P 21 21 21'
#
loop_
_entity.id
_entity.type
_entity.pdbx_description
1 polymer 'Multidrug efflux pump subunit AcrB,Multidrug efflux pump subunit AcrB'
2 polymer DARPin
3 non-polymer ~{N}-[4-[2-[[5-cyano-8-[(2~{S},6~{R})-2,6-dimethylmorpholin-4-yl]-3,3-dimethyl-1,4-dihydropyrano[3,4-c]pyridin-6-yl]sulfanyl]ethyl]phenyl]ethanamide
4 water water
#
loop_
_entity_poly.entity_id
_entity_poly.type
_entity_poly.pdbx_seq_one_letter_code
_entity_poly.pdbx_strand_id
1 'polypeptide(L)'
;APPAVTISASYPGADAKTVQDTVTQVIEQNMNGIDNLMYMSSNSDSTGTVQITLTFESGTDADIAQVQVQNKLQLAMPLL
PQEVQQQGVSVEKSSSSFLMVVGVINTDGTMTQEDISDYVAANMKDAISRTSGVGDVQLFGSQYAMRIWMNPNELNKFQL
TPVDVITAIKAQNAQVAAGQLGGTPPVKGQQLNASIIAQTRLTSTEEFGKILLKVNQDGSRVLLRDVAKIELGGENYDII
AEFNGQPASGLGIKLATGANALDTAAAIRAELAKMEPFFPSGLKIVYPYDTGGSGGSGGSSSFLPDEDQGVFMTMVQLPA
GATQERTQKVLNEVTHYYLTKEKNNVESVFAVNGFGFAGRGQNTGIAFVSLKDWADRPGEENKVEAITMRATRAFSQIKD
AMVFAFNLPAIVELGTATGFDFELIDQAGLGHEKLTQARNQLLAEAAKHPDMLTSVRPNGLEDTPQFKIDIDQEKAQALG
VSINDINTTLGAAWGGSYVNDFIDRGRVKKVYVMSEAKYRMLPDDIGDWYVRAADGQMVPFSAFSSSRWEYGSPRLERYN
GLPSMEILGQAAPGKSTGEAMELMEQLASKLPTGVGYDWTGMSYQERLS
;
A,B,C
2 'polypeptide(L)'
;MRGSHHHHHHGSDLGKKLLEAARAGRDDEVRILMANGADVNAADVVGWTPLHLAAYWGHLEIVEVLLKNGADVNAYDTLG
STPLHLAAHFGHLEIVEVLLKNGADVNAKDDNGITPLHLAANRGHLEIVEVLLKYGADVNAQDKFGKTAFDISINNGNED
LAEILQKLN
;
D,E,F
#
# COMPACT_ATOMS: atom_id res chain seq x y z
N ALA A 1 -23.64 3.12 -27.73
CA ALA A 1 -22.68 3.73 -26.75
C ALA A 1 -21.47 2.78 -26.59
N PRO A 2 -20.26 3.18 -27.08
CA PRO A 2 -19.12 2.27 -26.86
C PRO A 2 -18.84 2.11 -25.33
N PRO A 3 -18.36 0.96 -24.88
CA PRO A 3 -18.18 0.74 -23.46
C PRO A 3 -17.11 1.69 -22.83
N ALA A 4 -17.30 2.07 -21.57
CA ALA A 4 -16.40 2.99 -20.88
C ALA A 4 -16.11 2.41 -19.50
N VAL A 5 -14.84 2.48 -19.09
CA VAL A 5 -14.41 2.22 -17.71
C VAL A 5 -14.09 3.60 -17.10
N THR A 6 -14.53 3.81 -15.87
CA THR A 6 -14.26 5.05 -15.18
C THR A 6 -13.41 4.82 -13.91
N ILE A 7 -12.36 5.59 -13.72
CA ILE A 7 -11.56 5.59 -12.52
C ILE A 7 -11.97 6.82 -11.73
N SER A 8 -12.33 6.66 -10.45
CA SER A 8 -12.73 7.79 -9.61
C SER A 8 -11.92 7.82 -8.33
N ALA A 9 -11.53 9.03 -7.93
CA ALA A 9 -10.78 9.17 -6.73
C ALA A 9 -11.12 10.49 -6.06
N SER A 10 -10.72 10.61 -4.81
CA SER A 10 -11.13 11.78 -4.04
C SER A 10 -10.05 12.17 -3.10
N TYR A 11 -9.79 13.48 -3.01
CA TYR A 11 -8.77 14.05 -2.19
C TYR A 11 -9.45 15.18 -1.43
N PRO A 12 -9.91 14.90 -0.20
CA PRO A 12 -10.69 15.93 0.54
C PRO A 12 -9.90 17.20 0.78
N GLY A 13 -10.49 18.33 0.40
CA GLY A 13 -9.85 19.62 0.60
C GLY A 13 -8.96 20.03 -0.54
N ALA A 14 -8.80 19.20 -1.55
CA ALA A 14 -7.87 19.53 -2.65
C ALA A 14 -8.49 20.39 -3.73
N ASP A 15 -7.69 21.33 -4.24
CA ASP A 15 -8.11 22.18 -5.37
C ASP A 15 -7.87 21.36 -6.70
N ALA A 16 -8.36 21.85 -7.82
CA ALA A 16 -8.29 21.12 -9.08
C ALA A 16 -6.85 20.84 -9.50
N LYS A 17 -5.97 21.84 -9.38
CA LYS A 17 -4.58 21.64 -9.81
C LYS A 17 -3.82 20.60 -8.95
N THR A 18 -4.07 20.63 -7.65
CA THR A 18 -3.47 19.66 -6.72
C THR A 18 -3.98 18.29 -7.08
N VAL A 19 -5.26 18.17 -7.42
CA VAL A 19 -5.77 16.84 -7.81
C VAL A 19 -5.09 16.40 -9.10
N GLN A 20 -5.04 17.33 -10.07
CA GLN A 20 -4.48 16.98 -11.34
C GLN A 20 -2.99 16.55 -11.22
N ASP A 21 -2.22 17.27 -10.42
CA ASP A 21 -0.76 17.12 -10.42
C ASP A 21 -0.27 16.08 -9.42
N THR A 22 -1.11 15.63 -8.49
CA THR A 22 -0.71 14.59 -7.55
C THR A 22 -1.46 13.29 -7.74
N VAL A 23 -2.54 13.30 -8.55
CA VAL A 23 -3.35 12.10 -8.77
C VAL A 23 -3.57 11.83 -10.22
N THR A 24 -4.22 12.74 -10.94
CA THR A 24 -4.63 12.45 -12.31
C THR A 24 -3.47 12.11 -13.24
N GLN A 25 -2.44 12.96 -13.22
CA GLN A 25 -1.28 12.75 -14.11
C GLN A 25 -0.59 11.45 -13.84
N VAL A 26 -0.47 11.09 -12.57
CA VAL A 26 0.27 9.86 -12.13
C VAL A 26 -0.46 8.64 -12.68
N ILE A 27 -1.78 8.65 -12.57
CA ILE A 27 -2.59 7.56 -13.14
C ILE A 27 -2.53 7.55 -14.63
N GLU A 28 -2.80 8.68 -15.28
CA GLU A 28 -2.83 8.69 -16.75
C GLU A 28 -1.53 8.25 -17.39
N GLN A 29 -0.39 8.60 -16.81
CA GLN A 29 0.90 8.16 -17.39
C GLN A 29 1.04 6.65 -17.50
N ASN A 30 0.30 5.90 -16.72
CA ASN A 30 0.26 4.42 -16.87
C ASN A 30 -0.84 3.87 -17.83
N MET A 31 -1.74 4.73 -18.30
CA MET A 31 -2.85 4.24 -19.14
C MET A 31 -2.48 3.99 -20.61
N ASN A 32 -1.55 3.09 -20.85
CA ASN A 32 -1.11 2.73 -22.23
C ASN A 32 -0.92 1.21 -22.20
N GLY A 33 -0.85 0.58 -23.37
CA GLY A 33 -0.80 -0.89 -23.42
C GLY A 33 -2.08 -1.57 -23.00
N ILE A 34 -3.21 -0.90 -23.19
CA ILE A 34 -4.54 -1.39 -22.88
C ILE A 34 -5.18 -1.68 -24.24
N ASP A 35 -5.74 -2.87 -24.37
CA ASP A 35 -6.29 -3.32 -25.63
C ASP A 35 -7.60 -2.62 -25.96
N ASN A 36 -7.81 -2.35 -27.25
CA ASN A 36 -9.02 -1.73 -27.80
C ASN A 36 -9.44 -0.39 -27.22
N LEU A 37 -8.47 0.37 -26.78
CA LEU A 37 -8.75 1.69 -26.22
C LEU A 37 -8.84 2.74 -27.33
N MET A 38 -9.93 3.46 -27.37
CA MET A 38 -10.12 4.53 -28.37
C MET A 38 -9.55 5.83 -27.87
N TYR A 39 -9.91 6.19 -26.64
CA TYR A 39 -9.47 7.46 -26.07
C TYR A 39 -9.69 7.51 -24.57
N MET A 40 -9.02 8.43 -23.94
CA MET A 40 -9.13 8.70 -22.51
C MET A 40 -9.35 10.16 -22.24
N SER A 41 -10.18 10.50 -21.27
CA SER A 41 -10.41 11.91 -20.89
C SER A 41 -10.49 11.97 -19.37
N SER A 42 -10.24 13.13 -18.79
CA SER A 42 -10.36 13.23 -17.38
C SER A 42 -10.76 14.65 -16.98
N ASN A 43 -11.42 14.74 -15.84
CA ASN A 43 -11.67 15.96 -15.13
C ASN A 43 -11.10 15.93 -13.75
N SER A 44 -10.47 17.04 -13.33
CA SER A 44 -9.86 17.16 -12.03
C SER A 44 -10.49 18.41 -11.45
N ASP A 45 -11.21 18.28 -10.35
CA ASP A 45 -12.08 19.41 -9.84
C ASP A 45 -11.70 19.95 -8.48
N SER A 46 -12.23 21.13 -8.18
CA SER A 46 -11.90 21.79 -6.90
C SER A 46 -12.83 21.27 -5.76
N THR A 47 -13.69 20.31 -6.08
CA THR A 47 -14.34 19.44 -5.05
C THR A 47 -13.38 18.38 -4.51
N GLY A 48 -12.14 18.33 -5.04
CA GLY A 48 -11.16 17.30 -4.75
C GLY A 48 -11.44 15.98 -5.42
N THR A 49 -12.16 15.98 -6.50
CA THR A 49 -12.52 14.80 -7.23
C THR A 49 -11.80 14.69 -8.57
N VAL A 50 -11.49 13.46 -8.96
CA VAL A 50 -11.06 13.16 -10.31
C VAL A 50 -11.86 12.02 -10.81
N GLN A 51 -12.21 12.16 -12.06
CA GLN A 51 -12.74 11.12 -12.83
C GLN A 51 -12.01 10.96 -14.15
N ILE A 52 -11.51 9.75 -14.45
CA ILE A 52 -10.86 9.43 -15.69
C ILE A 52 -11.74 8.41 -16.38
N THR A 53 -12.14 8.75 -17.59
CA THR A 53 -12.94 7.89 -18.40
C THR A 53 -12.14 7.32 -19.58
N LEU A 54 -12.13 5.99 -19.69
CA LEU A 54 -11.50 5.28 -20.77
C LEU A 54 -12.56 4.57 -21.65
N THR A 55 -12.59 4.92 -22.94
CA THR A 55 -13.60 4.51 -23.87
C THR A 55 -13.01 3.51 -24.86
N PHE A 56 -13.67 2.37 -24.95
CA PHE A 56 -13.24 1.22 -25.68
C PHE A 56 -14.08 1.00 -26.98
N GLU A 57 -13.52 0.29 -27.93
CA GLU A 57 -14.18 0.02 -29.21
C GLU A 57 -15.40 -0.85 -28.93
N SER A 58 -16.44 -0.64 -29.70
CA SER A 58 -17.66 -1.47 -29.64
C SER A 58 -17.36 -2.91 -29.72
N GLY A 59 -18.07 -3.70 -28.93
CA GLY A 59 -17.80 -5.15 -28.80
C GLY A 59 -16.63 -5.56 -27.89
N THR A 60 -15.94 -4.61 -27.28
CA THR A 60 -14.90 -4.97 -26.32
C THR A 60 -15.55 -5.68 -25.12
N ASP A 61 -14.93 -6.74 -24.62
CA ASP A 61 -15.41 -7.37 -23.37
C ASP A 61 -15.11 -6.42 -22.15
N ALA A 62 -16.18 -5.96 -21.52
CA ALA A 62 -16.06 -4.98 -20.48
C ALA A 62 -15.34 -5.53 -19.24
N ASP A 63 -15.50 -6.83 -18.93
CA ASP A 63 -14.70 -7.42 -17.87
C ASP A 63 -13.24 -7.28 -18.13
N ILE A 64 -12.83 -7.55 -19.36
CA ILE A 64 -11.42 -7.53 -19.72
C ILE A 64 -10.87 -6.08 -19.71
N ALA A 65 -11.65 -5.12 -20.23
CA ALA A 65 -11.30 -3.70 -20.20
C ALA A 65 -11.09 -3.23 -18.75
N GLN A 66 -12.05 -3.53 -17.87
CA GLN A 66 -11.92 -3.19 -16.48
C GLN A 66 -10.67 -3.78 -15.81
N VAL A 67 -10.41 -5.06 -16.05
CA VAL A 67 -9.20 -5.74 -15.58
C VAL A 67 -7.92 -5.02 -16.07
N GLN A 68 -7.88 -4.68 -17.34
CA GLN A 68 -6.65 -4.14 -17.92
C GLN A 68 -6.42 -2.69 -17.41
N VAL A 69 -7.50 -1.95 -17.19
CA VAL A 69 -7.38 -0.59 -16.68
C VAL A 69 -6.94 -0.67 -15.22
N GLN A 70 -7.56 -1.54 -14.46
CA GLN A 70 -7.13 -1.66 -13.08
C GLN A 70 -5.65 -2.06 -12.93
N ASN A 71 -5.19 -3.01 -13.72
CA ASN A 71 -3.76 -3.45 -13.79
CA ASN A 71 -3.84 -3.44 -13.59
C ASN A 71 -2.84 -2.25 -13.88
N LYS A 72 -3.16 -1.33 -14.78
CA LYS A 72 -2.33 -0.13 -14.99
C LYS A 72 -2.48 0.85 -13.87
N LEU A 73 -3.71 0.95 -13.30
CA LEU A 73 -3.90 1.77 -12.14
C LEU A 73 -3.02 1.33 -10.96
N GLN A 74 -2.82 0.04 -10.82
CA GLN A 74 -2.01 -0.44 -9.65
C GLN A 74 -0.56 0.03 -9.69
N LEU A 75 -0.04 0.41 -10.86
CA LEU A 75 1.30 0.93 -11.00
C LEU A 75 1.39 2.29 -10.31
N ALA A 76 0.28 3.03 -10.38
CA ALA A 76 0.23 4.37 -9.78
C ALA A 76 -0.17 4.43 -8.34
N MET A 77 -0.88 3.40 -7.84
CA MET A 77 -1.44 3.42 -6.48
C MET A 77 -0.45 3.80 -5.36
N PRO A 78 0.78 3.22 -5.33
CA PRO A 78 1.71 3.56 -4.24
C PRO A 78 2.26 4.94 -4.40
N LEU A 79 2.05 5.61 -5.52
CA LEU A 79 2.53 6.98 -5.71
C LEU A 79 1.46 8.02 -5.37
N LEU A 80 0.22 7.59 -5.16
CA LEU A 80 -0.83 8.51 -4.81
C LEU A 80 -0.73 8.93 -3.33
N PRO A 81 -1.18 10.16 -3.02
CA PRO A 81 -1.24 10.56 -1.61
C PRO A 81 -2.05 9.58 -0.77
N GLN A 82 -1.59 9.37 0.45
CA GLN A 82 -2.26 8.46 1.34
C GLN A 82 -3.72 8.87 1.53
N GLU A 83 -3.96 10.17 1.54
CA GLU A 83 -5.33 10.69 1.70
C GLU A 83 -6.27 10.25 0.61
N VAL A 84 -5.74 10.00 -0.58
CA VAL A 84 -6.55 9.56 -1.71
C VAL A 84 -6.72 8.04 -1.63
N GLN A 85 -5.63 7.35 -1.38
CA GLN A 85 -5.70 5.89 -1.25
C GLN A 85 -6.72 5.44 -0.16
N GLN A 86 -6.74 6.18 0.92
CA GLN A 86 -7.62 5.88 2.08
C GLN A 86 -9.05 6.19 1.81
N GLN A 87 -9.39 7.00 0.82
CA GLN A 87 -10.79 7.21 0.47
C GLN A 87 -11.38 6.07 -0.37
N GLY A 88 -10.51 5.22 -0.92
CA GLY A 88 -10.87 4.09 -1.75
C GLY A 88 -11.03 4.53 -3.18
N VAL A 89 -10.07 4.21 -4.03
CA VAL A 89 -10.16 4.52 -5.44
C VAL A 89 -11.10 3.50 -6.06
N SER A 90 -11.97 3.93 -6.99
CA SER A 90 -12.89 3.00 -7.68
C SER A 90 -12.66 2.89 -9.18
N VAL A 91 -12.92 1.68 -9.72
CA VAL A 91 -12.81 1.38 -11.08
C VAL A 91 -14.12 0.65 -11.47
N GLU A 92 -14.94 1.33 -12.27
CA GLU A 92 -16.29 0.86 -12.62
C GLU A 92 -16.47 0.73 -14.12
N LYS A 93 -17.37 -0.17 -14.48
CA LYS A 93 -17.69 -0.43 -15.88
C LYS A 93 -19.17 -0.21 -15.97
N SER A 94 -19.57 1.03 -16.02
CA SER A 94 -21.02 1.33 -16.11
C SER A 94 -21.41 2.18 -17.31
N SER A 95 -22.70 2.10 -17.62
CA SER A 95 -23.34 3.10 -18.48
C SER A 95 -23.15 4.46 -17.80
N SER A 96 -23.23 5.55 -18.55
CA SER A 96 -22.96 6.88 -17.95
C SER A 96 -24.29 7.46 -17.41
N SER A 97 -25.43 6.88 -17.79
CA SER A 97 -26.74 7.42 -17.37
C SER A 97 -27.41 6.49 -16.36
N PHE A 98 -28.41 7.03 -15.69
CA PHE A 98 -29.03 6.29 -14.58
C PHE A 98 -30.08 5.36 -15.15
N LEU A 99 -30.12 4.13 -14.68
CA LEU A 99 -31.23 3.19 -14.94
C LEU A 99 -32.49 3.59 -14.13
N MET A 100 -32.31 3.96 -12.84
CA MET A 100 -33.42 4.34 -11.97
C MET A 100 -32.88 5.09 -10.83
N VAL A 101 -33.76 5.78 -10.15
CA VAL A 101 -33.44 6.38 -8.89
C VAL A 101 -34.37 5.78 -7.87
N VAL A 102 -33.85 5.43 -6.73
CA VAL A 102 -34.64 4.97 -5.57
C VAL A 102 -34.62 6.17 -4.61
N GLY A 103 -35.77 6.80 -4.37
CA GLY A 103 -35.86 7.92 -3.39
C GLY A 103 -36.28 7.38 -2.05
N VAL A 104 -35.83 8.08 -1.02
CA VAL A 104 -36.20 7.77 0.31
C VAL A 104 -36.61 9.05 0.99
N ILE A 105 -37.79 8.97 1.63
CA ILE A 105 -38.40 10.05 2.40
C ILE A 105 -38.90 9.52 3.75
N ASN A 106 -39.25 10.46 4.63
CA ASN A 106 -39.79 10.11 5.91
C ASN A 106 -41.13 10.86 6.01
N THR A 107 -42.22 10.12 5.83
CA THR A 107 -43.59 10.69 5.89
C THR A 107 -44.04 11.11 7.29
N ASP A 108 -43.31 10.77 8.35
CA ASP A 108 -43.57 11.37 9.66
C ASP A 108 -42.82 12.68 9.91
N GLY A 109 -42.03 13.19 8.95
CA GLY A 109 -41.16 14.38 9.18
C GLY A 109 -40.10 14.28 10.29
N THR A 110 -39.93 13.08 10.89
CA THR A 110 -39.10 12.86 12.09
C THR A 110 -37.62 12.58 11.78
N MET A 111 -37.23 12.71 10.50
CA MET A 111 -35.84 12.53 10.05
C MET A 111 -35.48 13.70 9.15
N THR A 112 -34.34 14.33 9.37
CA THR A 112 -33.86 15.31 8.41
C THR A 112 -33.28 14.65 7.17
N GLN A 113 -33.01 15.48 6.16
CA GLN A 113 -32.33 15.06 4.92
C GLN A 113 -31.04 14.29 5.27
N GLU A 114 -30.30 14.82 6.25
CA GLU A 114 -29.02 14.26 6.69
C GLU A 114 -29.20 12.85 7.31
N ASP A 115 -30.23 12.69 8.16
CA ASP A 115 -30.59 11.40 8.76
C ASP A 115 -30.99 10.38 7.73
N ILE A 116 -31.82 10.79 6.78
CA ILE A 116 -32.24 9.89 5.72
C ILE A 116 -31.03 9.40 4.89
N SER A 117 -30.14 10.34 4.55
CA SER A 117 -28.97 10.05 3.77
C SER A 117 -28.07 9.05 4.48
N ASP A 118 -27.92 9.27 5.79
CA ASP A 118 -27.13 8.25 6.61
C ASP A 118 -27.79 6.96 6.64
N TYR A 119 -29.13 6.93 6.88
CA TYR A 119 -29.81 5.65 6.85
C TYR A 119 -29.62 4.90 5.54
N VAL A 120 -29.75 5.60 4.42
CA VAL A 120 -29.62 4.95 3.13
C VAL A 120 -28.14 4.42 2.99
N ALA A 121 -27.18 5.29 3.31
CA ALA A 121 -25.75 4.95 3.16
C ALA A 121 -25.38 3.72 4.03
N ALA A 122 -25.97 3.67 5.20
CA ALA A 122 -25.58 2.69 6.24
C ALA A 122 -26.35 1.38 6.18
N ASN A 123 -27.54 1.37 5.58
CA ASN A 123 -28.45 0.17 5.66
C ASN A 123 -28.87 -0.31 4.34
N MET A 124 -28.67 0.47 3.25
CA MET A 124 -29.21 0.15 1.93
C MET A 124 -28.21 0.09 0.73
N LYS A 125 -27.28 1.04 0.69
CA LYS A 125 -26.45 1.24 -0.45
C LYS A 125 -25.57 0.03 -0.76
N ASP A 126 -24.98 -0.56 0.30
CA ASP A 126 -23.99 -1.62 0.08
C ASP A 126 -24.62 -2.82 -0.59
N ALA A 127 -25.79 -3.25 -0.09
CA ALA A 127 -26.50 -4.32 -0.70
C ALA A 127 -26.86 -4.04 -2.15
N ILE A 128 -27.30 -2.80 -2.44
CA ILE A 128 -27.61 -2.49 -3.80
C ILE A 128 -26.33 -2.52 -4.68
N SER A 129 -25.22 -1.98 -4.14
CA SER A 129 -23.96 -1.90 -4.86
C SER A 129 -23.37 -3.29 -5.19
N ARG A 130 -23.76 -4.30 -4.44
CA ARG A 130 -23.32 -5.68 -4.70
C ARG A 130 -24.23 -6.48 -5.64
N THR A 131 -25.38 -5.93 -5.95
CA THR A 131 -26.36 -6.58 -6.80
C THR A 131 -25.80 -6.69 -8.24
N SER A 132 -25.87 -7.89 -8.79
CA SER A 132 -25.36 -8.16 -10.10
C SER A 132 -26.08 -7.29 -11.17
N GLY A 133 -25.25 -6.67 -12.01
CA GLY A 133 -25.68 -5.69 -12.97
C GLY A 133 -25.70 -4.24 -12.55
N VAL A 134 -25.41 -3.96 -11.26
CA VAL A 134 -25.30 -2.61 -10.84
C VAL A 134 -23.86 -2.17 -11.09
N GLY A 135 -23.70 -1.18 -11.96
CA GLY A 135 -22.40 -0.72 -12.40
C GLY A 135 -21.83 0.37 -11.49
N ASP A 136 -22.69 1.24 -10.99
CA ASP A 136 -22.31 2.43 -10.21
C ASP A 136 -23.54 2.84 -9.39
N VAL A 137 -23.34 3.27 -8.14
CA VAL A 137 -24.47 3.77 -7.36
C VAL A 137 -24.03 5.10 -6.81
N GLN A 138 -24.86 6.11 -7.02
CA GLN A 138 -24.61 7.43 -6.47
C GLN A 138 -25.56 7.71 -5.30
N LEU A 139 -25.02 8.00 -4.12
CA LEU A 139 -25.81 8.44 -3.01
C LEU A 139 -26.12 9.93 -3.16
N PHE A 140 -27.37 10.33 -2.96
CA PHE A 140 -27.74 11.74 -3.04
C PHE A 140 -27.77 12.29 -1.62
N GLY A 141 -26.55 12.47 -1.09
CA GLY A 141 -26.30 12.82 0.29
C GLY A 141 -25.01 12.14 0.68
N SER A 142 -24.85 11.96 2.00
CA SER A 142 -23.62 11.51 2.55
C SER A 142 -23.84 10.68 3.80
N GLN A 143 -22.98 9.67 3.96
CA GLN A 143 -23.07 8.88 5.21
C GLN A 143 -22.62 9.75 6.32
N TYR A 144 -23.14 9.54 7.54
CA TYR A 144 -22.54 10.22 8.64
C TYR A 144 -21.09 9.81 8.81
N ALA A 145 -20.37 10.76 9.31
CA ALA A 145 -19.14 10.59 10.00
C ALA A 145 -19.28 11.17 11.35
N MET A 146 -18.32 10.88 12.23
CA MET A 146 -18.16 11.64 13.43
C MET A 146 -17.43 12.95 13.08
N ARG A 147 -18.10 14.10 13.33
CA ARG A 147 -17.50 15.41 13.00
C ARG A 147 -17.05 16.06 14.29
N ILE A 148 -15.79 16.45 14.29
CA ILE A 148 -15.18 17.20 15.35
C ILE A 148 -15.02 18.61 14.68
N TRP A 149 -15.80 19.58 15.15
CA TRP A 149 -15.74 20.96 14.65
C TRP A 149 -14.96 21.85 15.60
N MET A 150 -13.70 22.06 15.29
CA MET A 150 -12.76 22.76 16.13
C MET A 150 -13.04 24.27 16.22
N ASN A 151 -12.68 24.81 17.36
CA ASN A 151 -12.72 26.24 17.68
C ASN A 151 -11.30 26.68 17.89
N PRO A 152 -10.82 27.61 17.05
CA PRO A 152 -9.43 27.98 17.14
C PRO A 152 -9.08 28.83 18.37
N ASN A 153 -10.06 29.56 18.90
CA ASN A 153 -9.84 30.38 20.08
C ASN A 153 -9.56 29.51 21.30
N GLU A 154 -10.39 28.49 21.45
CA GLU A 154 -10.25 27.46 22.51
C GLU A 154 -8.99 26.63 22.35
N LEU A 155 -8.64 26.28 21.13
CA LEU A 155 -7.42 25.54 20.96
C LEU A 155 -6.24 26.40 21.39
N ASN A 156 -6.22 27.67 20.96
CA ASN A 156 -5.10 28.58 21.27
C ASN A 156 -5.01 28.82 22.79
N LYS A 157 -6.17 28.99 23.43
CA LYS A 157 -6.25 29.17 24.84
C LYS A 157 -5.54 28.04 25.63
N PHE A 158 -5.55 26.83 25.11
CA PHE A 158 -4.89 25.71 25.81
C PHE A 158 -3.61 25.32 25.18
N GLN A 159 -3.04 26.16 24.32
CA GLN A 159 -1.80 25.83 23.65
C GLN A 159 -1.85 24.48 22.86
N LEU A 160 -3.00 24.30 22.18
CA LEU A 160 -3.28 23.11 21.35
C LEU A 160 -3.48 23.49 19.90
N THR A 161 -3.17 22.56 19.00
CA THR A 161 -3.46 22.71 17.61
C THR A 161 -4.33 21.58 17.10
N PRO A 162 -4.78 21.69 15.82
CA PRO A 162 -5.39 20.53 15.18
C PRO A 162 -4.50 19.30 15.11
N VAL A 163 -3.18 19.44 15.04
CA VAL A 163 -2.24 18.27 15.11
C VAL A 163 -2.48 17.57 16.46
N ASP A 164 -2.58 18.31 17.55
CA ASP A 164 -2.82 17.67 18.85
C ASP A 164 -4.18 16.94 18.91
N VAL A 165 -5.19 17.48 18.23
CA VAL A 165 -6.52 16.88 18.19
C VAL A 165 -6.44 15.59 17.42
N ILE A 166 -5.78 15.61 16.27
CA ILE A 166 -5.67 14.46 15.39
C ILE A 166 -4.89 13.35 16.09
N THR A 167 -3.76 13.72 16.66
CA THR A 167 -2.95 12.78 17.47
C THR A 167 -3.76 12.12 18.57
N ALA A 168 -4.47 12.90 19.34
CA ALA A 168 -5.32 12.36 20.40
C ALA A 168 -6.43 11.42 19.92
N ILE A 169 -7.10 11.75 18.80
CA ILE A 169 -8.10 10.90 18.25
C ILE A 169 -7.49 9.60 17.78
N LYS A 170 -6.32 9.64 17.14
CA LYS A 170 -5.71 8.36 16.73
C LYS A 170 -5.30 7.54 17.96
N ALA A 171 -4.95 8.19 19.04
CA ALA A 171 -4.48 7.46 20.25
C ALA A 171 -5.65 6.94 21.08
N GLN A 172 -6.74 7.69 21.13
CA GLN A 172 -7.87 7.37 22.02
C GLN A 172 -9.13 6.84 21.40
N ASN A 173 -9.14 6.84 20.07
CA ASN A 173 -10.14 6.15 19.27
C ASN A 173 -9.40 5.07 18.49
N ALA A 174 -9.06 4.01 19.20
CA ALA A 174 -8.09 3.03 18.69
C ALA A 174 -8.65 1.64 18.86
N GLN A 175 -8.21 0.69 18.05
CA GLN A 175 -8.68 -0.68 18.20
C GLN A 175 -7.44 -1.53 18.34
N VAL A 176 -7.17 -2.03 19.55
CA VAL A 176 -5.85 -2.51 19.89
C VAL A 176 -5.84 -4.05 19.87
N ALA A 177 -4.87 -4.62 19.16
CA ALA A 177 -4.61 -6.07 19.22
C ALA A 177 -3.74 -6.32 20.44
N ALA A 178 -4.26 -7.01 21.45
CA ALA A 178 -3.58 -7.09 22.74
C ALA A 178 -3.21 -8.47 23.18
N GLY A 179 -3.49 -9.51 22.36
CA GLY A 179 -3.04 -10.83 22.66
C GLY A 179 -3.95 -11.55 23.62
N GLN A 180 -3.34 -12.42 24.43
CA GLN A 180 -4.07 -13.40 25.22
C GLN A 180 -3.29 -13.70 26.50
N LEU A 181 -4.07 -14.02 27.54
CA LEU A 181 -3.53 -14.72 28.69
C LEU A 181 -3.54 -16.17 28.39
N GLY A 182 -2.44 -16.84 28.69
CA GLY A 182 -2.37 -18.27 28.42
C GLY A 182 -2.36 -18.73 27.01
N GLY A 183 -1.89 -17.86 26.10
CA GLY A 183 -1.90 -18.26 24.68
C GLY A 183 -0.74 -19.16 24.34
N THR A 184 -0.77 -19.74 23.15
CA THR A 184 0.29 -20.64 22.71
C THR A 184 1.57 -19.89 22.27
N PRO A 185 2.75 -20.46 22.45
CA PRO A 185 2.95 -21.65 23.26
C PRO A 185 2.85 -21.32 24.76
N PRO A 186 2.15 -22.18 25.54
CA PRO A 186 1.95 -21.84 26.96
C PRO A 186 2.99 -22.52 27.84
N VAL A 187 2.97 -22.20 29.12
CA VAL A 187 3.60 -23.09 30.12
C VAL A 187 2.75 -24.30 30.18
N LYS A 188 3.36 -25.48 30.02
CA LYS A 188 2.56 -26.71 30.04
C LYS A 188 1.81 -26.84 31.38
N GLY A 189 0.60 -27.30 31.32
CA GLY A 189 -0.22 -27.31 32.51
C GLY A 189 -1.17 -26.11 32.59
N GLN A 190 -0.99 -25.13 31.72
CA GLN A 190 -1.91 -23.94 31.71
C GLN A 190 -3.37 -24.26 31.49
N GLN A 191 -4.26 -23.78 32.36
CA GLN A 191 -5.69 -23.98 32.19
C GLN A 191 -6.44 -22.71 31.70
N LEU A 192 -6.02 -21.55 32.16
CA LEU A 192 -6.63 -20.28 31.80
C LEU A 192 -6.21 -19.89 30.39
N ASN A 193 -7.17 -19.68 29.54
CA ASN A 193 -6.85 -18.99 28.30
C ASN A 193 -7.94 -17.97 28.01
N ALA A 194 -7.55 -16.71 27.79
CA ALA A 194 -8.53 -15.64 27.51
C ALA A 194 -7.92 -14.56 26.63
N SER A 195 -8.71 -14.05 25.69
CA SER A 195 -8.32 -12.84 25.01
C SER A 195 -8.21 -11.64 25.92
N ILE A 196 -7.19 -10.82 25.68
CA ILE A 196 -7.07 -9.53 26.28
C ILE A 196 -7.78 -8.55 25.35
N ILE A 197 -8.66 -7.75 25.94
CA ILE A 197 -9.39 -6.72 25.21
C ILE A 197 -8.90 -5.42 25.79
N ALA A 198 -8.34 -4.51 24.96
CA ALA A 198 -7.84 -3.24 25.47
C ALA A 198 -8.73 -2.17 24.84
N GLN A 199 -8.16 -1.09 24.34
CA GLN A 199 -9.00 -0.07 23.72
C GLN A 199 -9.74 -0.63 22.56
N THR A 200 -10.93 -0.06 22.36
CA THR A 200 -11.76 -0.41 21.28
C THR A 200 -12.31 0.91 20.66
N ARG A 201 -12.73 0.83 19.40
CA ARG A 201 -13.20 2.04 18.71
C ARG A 201 -14.36 2.66 19.54
N LEU A 202 -14.40 3.98 19.51
CA LEU A 202 -15.47 4.74 20.10
C LEU A 202 -16.71 4.66 19.30
N THR A 203 -17.89 4.83 19.94
CA THR A 203 -19.11 4.62 19.28
C THR A 203 -20.11 5.78 19.32
N SER A 204 -19.79 6.91 19.96
CA SER A 204 -20.80 7.89 20.22
C SER A 204 -20.13 9.24 20.37
N THR A 205 -20.94 10.31 20.22
CA THR A 205 -20.40 11.64 20.45
C THR A 205 -19.89 11.84 21.88
N GLU A 206 -20.56 11.19 22.85
CA GLU A 206 -20.17 11.27 24.25
C GLU A 206 -18.77 10.79 24.49
N GLU A 207 -18.38 9.65 23.89
CA GLU A 207 -17.04 9.13 24.05
C GLU A 207 -15.99 10.02 23.41
N PHE A 208 -16.29 10.51 22.20
CA PHE A 208 -15.37 11.41 21.49
C PHE A 208 -15.16 12.69 22.33
N GLY A 209 -16.23 13.18 22.90
CA GLY A 209 -16.21 14.36 23.76
C GLY A 209 -15.27 14.30 24.96
N LYS A 210 -15.12 13.08 25.52
CA LYS A 210 -14.21 12.93 26.66
C LYS A 210 -12.84 12.46 26.33
N ILE A 211 -12.48 12.43 25.04
CA ILE A 211 -11.10 12.27 24.72
C ILE A 211 -10.25 13.34 25.50
N LEU A 212 -9.11 12.94 26.08
CA LEU A 212 -8.34 13.77 26.99
C LEU A 212 -7.20 14.37 26.23
N LEU A 213 -7.26 15.68 26.01
CA LEU A 213 -6.22 16.30 25.20
C LEU A 213 -4.98 16.63 25.99
N LYS A 214 -5.13 17.10 27.20
CA LYS A 214 -4.01 17.38 28.06
C LYS A 214 -4.46 17.56 29.48
N VAL A 215 -3.45 17.43 30.34
CA VAL A 215 -3.57 17.64 31.79
C VAL A 215 -2.72 18.89 32.04
N ASN A 216 -3.34 19.92 32.59
CA ASN A 216 -2.60 21.15 32.91
C ASN A 216 -1.60 20.93 34.05
N GLN A 217 -0.65 21.86 34.23
CA GLN A 217 0.23 21.82 35.42
C GLN A 217 -0.55 21.78 36.77
N ASP A 218 -1.61 22.56 36.90
CA ASP A 218 -2.47 22.52 38.07
C ASP A 218 -3.35 21.27 38.22
N GLY A 219 -3.24 20.28 37.33
CA GLY A 219 -4.10 19.06 37.37
C GLY A 219 -5.47 19.09 36.67
N SER A 220 -5.97 20.25 36.24
CA SER A 220 -7.23 20.31 35.47
C SER A 220 -7.05 19.64 34.08
N ARG A 221 -8.20 19.29 33.50
CA ARG A 221 -8.23 18.46 32.25
C ARG A 221 -8.82 19.25 31.07
N VAL A 222 -8.16 19.17 29.94
CA VAL A 222 -8.74 19.68 28.74
C VAL A 222 -9.25 18.50 27.92
N LEU A 223 -10.56 18.40 27.81
CA LEU A 223 -11.17 17.35 27.03
C LEU A 223 -11.48 17.83 25.59
N LEU A 224 -11.75 16.91 24.66
CA LEU A 224 -12.02 17.33 23.29
C LEU A 224 -13.27 18.15 23.18
N ARG A 225 -14.29 17.89 23.99
CA ARG A 225 -15.48 18.75 23.96
C ARG A 225 -15.20 20.18 24.49
N ASP A 226 -14.02 20.46 25.04
CA ASP A 226 -13.68 21.84 25.46
C ASP A 226 -13.09 22.68 24.31
N VAL A 227 -12.71 22.05 23.20
CA VAL A 227 -12.14 22.77 22.10
C VAL A 227 -12.95 22.57 20.80
N ALA A 228 -14.07 21.83 20.85
CA ALA A 228 -14.77 21.34 19.65
C ALA A 228 -16.19 20.99 19.91
N LYS A 229 -17.04 21.20 18.94
CA LYS A 229 -18.37 20.67 18.94
C LYS A 229 -18.32 19.32 18.29
N ILE A 230 -19.07 18.36 18.82
CA ILE A 230 -18.98 17.00 18.39
C ILE A 230 -20.30 16.49 18.00
N GLU A 231 -20.45 16.09 16.75
CA GLU A 231 -21.71 15.62 16.34
C GLU A 231 -21.59 14.68 15.17
N LEU A 232 -22.60 13.84 14.96
CA LEU A 232 -22.66 13.12 13.70
C LEU A 232 -23.03 14.04 12.57
N GLY A 233 -22.36 13.95 11.42
CA GLY A 233 -22.69 14.79 10.24
C GLY A 233 -22.03 14.18 9.02
N GLY A 234 -22.48 14.57 7.82
CA GLY A 234 -22.05 14.02 6.59
C GLY A 234 -20.53 14.03 6.45
N GLU A 235 -20.01 12.99 5.83
CA GLU A 235 -18.65 13.04 5.29
C GLU A 235 -18.44 14.28 4.48
N ASN A 236 -19.41 14.62 3.66
CA ASN A 236 -19.39 15.91 3.07
C ASN A 236 -20.79 16.52 3.06
N TYR A 237 -20.89 17.81 2.69
CA TYR A 237 -22.16 18.49 2.73
C TYR A 237 -22.51 19.08 1.36
N ASP A 238 -22.15 18.41 0.33
CA ASP A 238 -22.28 18.95 -0.98
C ASP A 238 -23.53 18.55 -1.69
N ILE A 239 -24.18 17.46 -1.28
CA ILE A 239 -25.31 16.94 -2.07
C ILE A 239 -26.55 16.96 -1.22
N ILE A 240 -27.58 17.69 -1.64
CA ILE A 240 -28.83 17.71 -0.87
C ILE A 240 -29.99 17.44 -1.83
N ALA A 241 -30.95 16.60 -1.42
CA ALA A 241 -32.06 16.28 -2.31
C ALA A 241 -33.43 16.57 -1.69
N GLU A 242 -34.45 16.69 -2.55
CA GLU A 242 -35.87 16.86 -2.16
C GLU A 242 -36.78 16.10 -3.09
N PHE A 243 -37.86 15.54 -2.54
CA PHE A 243 -38.87 14.83 -3.33
C PHE A 243 -40.14 15.63 -3.09
N ASN A 244 -40.62 16.26 -4.14
CA ASN A 244 -41.85 17.11 -4.09
C ASN A 244 -41.73 18.13 -3.00
N GLY A 245 -40.58 18.80 -2.94
CA GLY A 245 -40.26 19.71 -1.89
C GLY A 245 -40.11 19.19 -0.48
N GLN A 246 -40.11 17.88 -0.22
CA GLN A 246 -39.85 17.41 1.15
C GLN A 246 -38.42 16.76 1.25
N PRO A 247 -37.81 16.76 2.47
CA PRO A 247 -36.45 16.21 2.64
C PRO A 247 -36.35 14.78 2.09
N ALA A 248 -35.29 14.48 1.34
CA ALA A 248 -35.16 13.18 0.80
C ALA A 248 -33.68 12.83 0.64
N SER A 249 -33.38 11.54 0.41
CA SER A 249 -32.11 11.08 -0.12
C SER A 249 -32.45 10.09 -1.18
N GLY A 250 -31.46 9.44 -1.74
CA GLY A 250 -31.72 8.42 -2.70
C GLY A 250 -30.48 7.79 -3.21
N LEU A 251 -30.67 6.80 -4.09
CA LEU A 251 -29.63 6.14 -4.82
C LEU A 251 -29.90 6.30 -6.32
N GLY A 252 -28.93 6.87 -7.03
CA GLY A 252 -28.95 6.86 -8.49
C GLY A 252 -28.20 5.65 -8.98
N ILE A 253 -28.85 4.76 -9.72
CA ILE A 253 -28.26 3.48 -10.08
C ILE A 253 -27.97 3.49 -11.57
N LYS A 254 -26.77 3.10 -11.94
CA LYS A 254 -26.40 2.96 -13.36
C LYS A 254 -26.18 1.50 -13.63
N LEU A 255 -26.53 1.09 -14.84
CA LEU A 255 -26.42 -0.29 -15.28
C LEU A 255 -24.94 -0.64 -15.65
N ALA A 256 -24.44 -1.80 -15.18
CA ALA A 256 -23.12 -2.37 -15.64
C ALA A 256 -23.17 -2.59 -17.14
N THR A 257 -22.07 -2.29 -17.82
CA THR A 257 -21.95 -2.51 -19.26
C THR A 257 -22.39 -3.92 -19.63
N GLY A 258 -23.35 -3.97 -20.56
CA GLY A 258 -23.84 -5.21 -21.11
C GLY A 258 -24.84 -5.93 -20.27
N ALA A 259 -25.12 -5.46 -19.05
CA ALA A 259 -26.05 -6.20 -18.19
C ALA A 259 -27.50 -5.97 -18.67
N ASN A 260 -28.37 -6.88 -18.27
CA ASN A 260 -29.79 -6.77 -18.64
C ASN A 260 -30.59 -5.77 -17.76
N ALA A 261 -31.18 -4.74 -18.37
CA ALA A 261 -31.88 -3.73 -17.60
C ALA A 261 -33.14 -4.21 -16.80
N LEU A 262 -33.98 -5.05 -17.42
CA LEU A 262 -35.20 -5.60 -16.79
C LEU A 262 -34.90 -6.43 -15.54
N ASP A 263 -33.94 -7.32 -15.72
CA ASP A 263 -33.44 -8.22 -14.72
C ASP A 263 -32.78 -7.49 -13.56
N THR A 264 -31.89 -6.55 -13.89
CA THR A 264 -31.14 -5.83 -12.87
C THR A 264 -32.15 -5.01 -12.03
N ALA A 265 -33.08 -4.34 -12.70
CA ALA A 265 -34.12 -3.51 -12.03
C ALA A 265 -34.95 -4.36 -11.08
N ALA A 266 -35.38 -5.50 -11.57
CA ALA A 266 -36.03 -6.52 -10.75
C ALA A 266 -35.17 -7.01 -9.55
N ALA A 267 -33.86 -7.26 -9.75
CA ALA A 267 -33.01 -7.70 -8.62
C ALA A 267 -32.89 -6.60 -7.52
N ILE A 268 -32.88 -5.32 -7.98
CA ILE A 268 -32.83 -4.13 -7.12
C ILE A 268 -34.11 -4.07 -6.26
N ARG A 269 -35.27 -4.26 -6.90
CA ARG A 269 -36.58 -4.27 -6.15
C ARG A 269 -36.68 -5.40 -5.14
N ALA A 270 -36.18 -6.58 -5.51
CA ALA A 270 -36.15 -7.72 -4.59
C ALA A 270 -35.20 -7.44 -3.37
N GLU A 271 -34.06 -6.78 -3.62
CA GLU A 271 -33.22 -6.37 -2.52
C GLU A 271 -33.88 -5.30 -1.62
N LEU A 272 -34.59 -4.33 -2.22
CA LEU A 272 -35.30 -3.31 -1.43
C LEU A 272 -36.43 -3.93 -0.58
N ALA A 273 -37.13 -4.93 -1.14
CA ALA A 273 -38.17 -5.69 -0.39
C ALA A 273 -37.62 -6.40 0.89
N LYS A 274 -36.34 -6.84 0.89
CA LYS A 274 -35.71 -7.35 2.14
C LYS A 274 -35.45 -6.28 3.20
N MET A 275 -35.29 -5.03 2.76
CA MET A 275 -34.88 -3.98 3.69
C MET A 275 -36.07 -3.35 4.37
N GLU A 276 -37.11 -3.12 3.55
CA GLU A 276 -38.36 -2.45 3.97
C GLU A 276 -38.92 -2.82 5.31
N PRO A 277 -39.01 -4.13 5.64
CA PRO A 277 -39.64 -4.44 6.96
C PRO A 277 -38.88 -3.95 8.18
N PHE A 278 -37.61 -3.54 8.02
CA PHE A 278 -36.77 -3.10 9.14
C PHE A 278 -36.58 -1.60 9.23
N PHE A 279 -37.16 -0.83 8.30
CA PHE A 279 -37.13 0.62 8.36
C PHE A 279 -37.61 1.18 9.66
N PRO A 280 -37.04 2.31 10.10
CA PRO A 280 -37.65 3.01 11.26
C PRO A 280 -38.96 3.62 10.79
N SER A 281 -39.82 4.03 11.72
CA SER A 281 -41.16 4.48 11.34
C SER A 281 -41.08 5.75 10.51
N GLY A 282 -41.96 5.86 9.55
CA GLY A 282 -42.04 7.03 8.74
C GLY A 282 -41.27 6.79 7.46
N LEU A 283 -40.25 5.93 7.47
CA LEU A 283 -39.35 5.88 6.29
C LEU A 283 -40.03 5.14 5.17
N LYS A 284 -39.96 5.68 3.97
CA LYS A 284 -40.65 5.14 2.83
C LYS A 284 -39.76 5.22 1.55
N ILE A 285 -39.77 4.17 0.72
CA ILE A 285 -39.21 4.21 -0.63
C ILE A 285 -40.22 4.83 -1.62
N VAL A 286 -39.70 5.69 -2.48
CA VAL A 286 -40.40 6.23 -3.62
C VAL A 286 -39.60 6.07 -4.87
N TYR A 287 -40.29 6.13 -6.00
CA TYR A 287 -39.68 5.73 -7.25
C TYR A 287 -39.79 6.89 -8.21
N PRO A 288 -38.87 7.84 -8.11
CA PRO A 288 -39.01 9.02 -8.91
C PRO A 288 -38.51 8.96 -10.32
N TYR A 289 -37.89 7.86 -10.75
CA TYR A 289 -37.32 7.82 -12.06
C TYR A 289 -36.99 6.41 -12.48
N ASP A 290 -37.88 5.79 -13.25
CA ASP A 290 -37.64 4.45 -13.84
C ASP A 290 -37.70 4.64 -15.31
N THR A 291 -36.60 4.35 -16.00
CA THR A 291 -36.54 4.42 -17.48
C THR A 291 -37.15 3.13 -18.08
N GLN A 309 -42.24 7.76 -22.49
CA GLN A 309 -41.30 7.07 -21.60
C GLN A 309 -41.73 7.25 -20.14
N GLY A 310 -42.55 8.28 -19.89
CA GLY A 310 -43.10 8.56 -18.54
C GLY A 310 -42.17 9.40 -17.66
N VAL A 311 -40.95 9.71 -18.13
CA VAL A 311 -39.93 10.43 -17.29
C VAL A 311 -39.07 11.27 -18.15
N PHE A 312 -38.33 12.16 -17.51
CA PHE A 312 -37.33 13.04 -18.12
C PHE A 312 -36.57 13.74 -16.97
N MET A 313 -35.56 14.49 -17.35
CA MET A 313 -34.69 15.16 -16.47
C MET A 313 -34.60 16.60 -16.87
N THR A 314 -34.14 17.40 -15.91
CA THR A 314 -33.84 18.81 -16.12
C THR A 314 -32.49 19.03 -15.57
N MET A 315 -31.64 19.63 -16.39
CA MET A 315 -30.30 19.93 -15.96
C MET A 315 -30.23 21.41 -15.58
N VAL A 316 -29.49 21.67 -14.51
CA VAL A 316 -29.29 23.00 -14.02
C VAL A 316 -27.81 23.14 -13.94
N GLN A 317 -27.31 24.17 -14.60
CA GLN A 317 -25.85 24.43 -14.64
C GLN A 317 -25.67 25.91 -14.46
N LEU A 318 -25.08 26.29 -13.37
CA LEU A 318 -24.78 27.66 -13.17
C LEU A 318 -23.29 27.92 -13.51
N PRO A 319 -22.89 29.23 -13.52
CA PRO A 319 -21.45 29.53 -13.68
C PRO A 319 -20.65 29.03 -12.46
N ALA A 320 -19.40 28.62 -12.68
CA ALA A 320 -18.47 28.39 -11.54
C ALA A 320 -18.39 29.63 -10.61
N GLY A 321 -18.23 29.46 -9.30
CA GLY A 321 -18.37 30.61 -8.35
C GLY A 321 -19.76 30.62 -7.69
N ALA A 322 -20.77 30.02 -8.33
CA ALA A 322 -22.14 29.99 -7.73
C ALA A 322 -22.22 29.15 -6.42
N THR A 323 -22.63 29.80 -5.31
CA THR A 323 -22.99 29.13 -4.03
C THR A 323 -24.13 28.07 -4.14
N GLN A 324 -24.10 27.12 -3.23
CA GLN A 324 -25.21 26.21 -2.99
C GLN A 324 -26.59 26.97 -2.95
N GLU A 325 -26.64 28.13 -2.31
CA GLU A 325 -27.90 28.88 -2.13
C GLU A 325 -28.44 29.34 -3.44
N ARG A 326 -27.59 29.78 -4.35
CA ARG A 326 -28.03 30.18 -5.66
C ARG A 326 -28.49 29.03 -6.55
N THR A 327 -27.77 27.92 -6.53
CA THR A 327 -28.24 26.78 -7.26
C THR A 327 -29.65 26.36 -6.70
N GLN A 328 -29.82 26.49 -5.40
CA GLN A 328 -31.09 26.08 -4.76
C GLN A 328 -32.25 26.95 -5.26
N LYS A 329 -31.97 28.25 -5.32
CA LYS A 329 -32.90 29.22 -5.87
C LYS A 329 -33.36 28.87 -7.32
N VAL A 330 -32.47 28.34 -8.16
CA VAL A 330 -32.82 27.98 -9.47
C VAL A 330 -33.56 26.65 -9.45
N LEU A 331 -33.10 25.71 -8.60
CA LEU A 331 -33.86 24.44 -8.48
C LEU A 331 -35.29 24.70 -8.01
N ASN A 332 -35.46 25.65 -7.10
CA ASN A 332 -36.79 26.01 -6.59
C ASN A 332 -37.69 26.55 -7.67
N GLU A 333 -37.17 27.42 -8.54
CA GLU A 333 -37.91 27.78 -9.74
C GLU A 333 -38.33 26.62 -10.65
N VAL A 334 -37.44 25.64 -10.89
CA VAL A 334 -37.75 24.59 -11.74
C VAL A 334 -38.82 23.70 -11.09
N THR A 335 -38.64 23.36 -9.83
CA THR A 335 -39.60 22.48 -9.18
C THR A 335 -40.96 23.24 -9.12
N HIS A 336 -40.89 24.56 -8.94
CA HIS A 336 -42.12 25.40 -8.82
C HIS A 336 -42.90 25.29 -10.10
N TYR A 337 -42.17 25.35 -11.21
CA TYR A 337 -42.80 25.28 -12.51
C TYR A 337 -43.57 23.97 -12.70
N TYR A 338 -42.93 22.83 -12.43
CA TYR A 338 -43.59 21.53 -12.55
C TYR A 338 -44.77 21.31 -11.61
N LEU A 339 -44.67 21.85 -10.41
CA LEU A 339 -45.69 21.63 -9.37
C LEU A 339 -46.86 22.60 -9.47
N THR A 340 -46.74 23.66 -10.30
CA THR A 340 -47.81 24.66 -10.55
C THR A 340 -48.31 24.60 -11.99
N LYS A 341 -47.52 25.12 -12.94
CA LYS A 341 -47.77 24.99 -14.36
C LYS A 341 -48.07 23.58 -14.90
N GLU A 342 -47.36 22.52 -14.49
CA GLU A 342 -47.55 21.18 -15.05
C GLU A 342 -48.14 20.18 -14.12
N LYS A 343 -48.92 20.65 -13.17
CA LYS A 343 -49.34 19.79 -12.08
C LYS A 343 -50.33 18.73 -12.56
N ASN A 344 -51.01 18.96 -13.69
CA ASN A 344 -51.87 17.90 -14.27
C ASN A 344 -51.14 16.77 -14.96
N ASN A 345 -49.91 17.03 -15.43
CA ASN A 345 -49.06 16.03 -16.10
C ASN A 345 -48.00 15.35 -15.21
N VAL A 346 -47.51 16.06 -14.19
CA VAL A 346 -46.32 15.66 -13.42
C VAL A 346 -46.72 15.04 -12.12
N GLU A 347 -46.28 13.80 -11.90
CA GLU A 347 -46.54 13.06 -10.67
C GLU A 347 -45.56 13.54 -9.57
N SER A 348 -44.29 13.76 -9.93
CA SER A 348 -43.23 13.97 -8.95
C SER A 348 -41.96 14.55 -9.52
N VAL A 349 -41.25 15.29 -8.66
CA VAL A 349 -39.94 15.85 -8.96
C VAL A 349 -39.02 15.46 -7.78
N PHE A 350 -37.90 14.80 -8.12
CA PHE A 350 -36.81 14.49 -7.16
C PHE A 350 -35.67 15.39 -7.67
N ALA A 351 -35.36 16.43 -6.88
CA ALA A 351 -34.40 17.44 -7.25
C ALA A 351 -33.15 17.29 -6.36
N VAL A 352 -31.99 17.46 -6.95
CA VAL A 352 -30.71 17.23 -6.23
C VAL A 352 -29.83 18.42 -6.49
N ASN A 353 -29.43 19.10 -5.43
CA ASN A 353 -28.54 20.24 -5.51
C ASN A 353 -27.12 19.75 -5.16
N GLY A 354 -26.18 20.01 -6.04
CA GLY A 354 -24.79 19.69 -5.79
C GLY A 354 -24.31 18.55 -6.69
N PHE A 355 -25.18 17.95 -7.49
CA PHE A 355 -24.81 16.85 -8.38
C PHE A 355 -25.56 17.01 -9.65
N GLY A 356 -24.95 16.73 -10.78
CA GLY A 356 -25.73 16.83 -12.04
C GLY A 356 -25.12 16.06 -13.15
N PHE A 357 -25.49 16.40 -14.40
CA PHE A 357 -24.86 15.68 -15.56
C PHE A 357 -23.35 15.90 -15.60
N ALA A 358 -22.89 17.08 -15.19
CA ALA A 358 -21.45 17.33 -15.05
C ALA A 358 -20.81 16.62 -13.82
N GLY A 359 -21.51 15.66 -13.18
CA GLY A 359 -21.12 15.10 -11.87
C GLY A 359 -21.25 16.09 -10.69
N ARG A 360 -20.33 15.99 -9.73
CA ARG A 360 -20.41 16.69 -8.46
C ARG A 360 -19.93 18.15 -8.56
N GLY A 361 -20.69 19.09 -8.00
CA GLY A 361 -20.30 20.51 -8.07
C GLY A 361 -21.41 21.36 -7.49
N GLN A 362 -20.98 22.47 -6.93
CA GLN A 362 -21.76 23.39 -6.13
C GLN A 362 -22.72 24.28 -7.00
N ASN A 363 -22.45 24.34 -8.29
CA ASN A 363 -23.11 25.23 -9.22
C ASN A 363 -23.92 24.33 -10.13
N THR A 364 -24.27 23.10 -9.71
CA THR A 364 -24.94 22.15 -10.59
C THR A 364 -26.09 21.44 -9.84
N GLY A 365 -27.18 21.14 -10.54
CA GLY A 365 -28.24 20.31 -9.99
C GLY A 365 -28.92 19.56 -11.07
N ILE A 366 -29.79 18.64 -10.66
CA ILE A 366 -30.57 17.85 -11.56
C ILE A 366 -31.96 17.63 -10.94
N ALA A 367 -32.97 17.54 -11.80
CA ALA A 367 -34.30 17.20 -11.41
C ALA A 367 -34.73 16.04 -12.23
N PHE A 368 -35.21 14.99 -11.55
CA PHE A 368 -35.79 13.80 -12.16
C PHE A 368 -37.30 13.95 -12.06
N VAL A 369 -37.96 13.89 -13.22
CA VAL A 369 -39.37 14.18 -13.30
C VAL A 369 -40.10 12.94 -13.78
N SER A 370 -41.13 12.59 -13.04
CA SER A 370 -41.93 11.47 -13.36
C SER A 370 -43.32 11.95 -13.72
N LEU A 371 -43.84 11.45 -14.85
CA LEU A 371 -45.17 11.85 -15.31
C LEU A 371 -46.25 10.95 -14.84
N LYS A 372 -47.47 11.52 -14.82
CA LYS A 372 -48.64 10.67 -14.52
C LYS A 372 -48.80 9.68 -15.65
N ASP A 373 -49.64 8.71 -15.40
CA ASP A 373 -50.08 7.72 -16.39
C ASP A 373 -50.26 8.30 -17.84
N TRP A 374 -49.78 7.56 -18.85
CA TRP A 374 -50.13 7.75 -20.28
C TRP A 374 -51.62 8.14 -20.46
N ALA A 375 -52.49 7.33 -19.88
CA ALA A 375 -53.96 7.49 -19.89
C ALA A 375 -54.50 8.83 -19.37
N ASP A 376 -53.89 9.38 -18.32
CA ASP A 376 -54.33 10.69 -17.74
C ASP A 376 -53.72 11.95 -18.41
N ARG A 377 -52.98 11.79 -19.52
CA ARG A 377 -52.35 12.94 -20.21
C ARG A 377 -52.74 12.90 -21.68
N PRO A 378 -54.05 13.05 -21.99
CA PRO A 378 -54.47 13.00 -23.40
C PRO A 378 -54.01 14.21 -24.20
N GLY A 379 -53.74 14.00 -25.48
CA GLY A 379 -53.25 15.03 -26.38
C GLY A 379 -51.72 15.04 -26.50
N GLU A 380 -51.25 15.36 -27.71
CA GLU A 380 -49.82 15.64 -28.03
C GLU A 380 -49.14 16.64 -27.09
N GLU A 381 -49.86 17.70 -26.74
CA GLU A 381 -49.34 18.77 -25.91
C GLU A 381 -49.04 18.32 -24.41
N ASN A 382 -49.56 17.18 -24.01
CA ASN A 382 -49.27 16.54 -22.73
C ASN A 382 -48.37 15.32 -22.80
N LYS A 383 -47.61 15.22 -23.88
CA LYS A 383 -46.64 14.13 -24.02
C LYS A 383 -45.29 14.73 -23.73
N VAL A 384 -44.32 13.85 -23.51
CA VAL A 384 -43.04 14.25 -22.94
C VAL A 384 -42.36 15.26 -23.82
N GLU A 385 -42.46 15.10 -25.14
CA GLU A 385 -41.77 16.05 -26.03
C GLU A 385 -42.30 17.47 -25.84
N ALA A 386 -43.63 17.62 -25.88
CA ALA A 386 -44.19 18.97 -25.80
C ALA A 386 -43.98 19.52 -24.35
N ILE A 387 -44.04 18.64 -23.33
CA ILE A 387 -43.81 19.09 -21.89
C ILE A 387 -42.42 19.63 -21.76
N THR A 388 -41.43 18.84 -22.18
CA THR A 388 -40.04 19.29 -22.15
C THR A 388 -39.79 20.51 -23.03
N MET A 389 -40.41 20.56 -24.21
CA MET A 389 -40.24 21.79 -25.03
C MET A 389 -40.68 23.02 -24.28
N ARG A 390 -41.89 22.96 -23.72
CA ARG A 390 -42.48 24.08 -22.94
C ARG A 390 -41.64 24.41 -21.72
N ALA A 391 -41.12 23.36 -21.06
CA ALA A 391 -40.31 23.57 -19.83
C ALA A 391 -39.05 24.32 -20.15
N THR A 392 -38.32 23.78 -21.13
CA THR A 392 -37.10 24.41 -21.63
C THR A 392 -37.38 25.86 -22.04
N ARG A 393 -38.48 26.06 -22.74
CA ARG A 393 -38.82 27.46 -23.08
C ARG A 393 -39.04 28.32 -21.81
N ALA A 394 -39.83 27.84 -20.83
CA ALA A 394 -40.05 28.64 -19.59
C ALA A 394 -38.77 28.86 -18.85
N PHE A 395 -37.84 27.91 -18.92
CA PHE A 395 -36.58 28.07 -18.13
C PHE A 395 -35.51 28.82 -18.94
N SER A 396 -35.77 29.10 -20.23
CA SER A 396 -34.81 29.81 -21.11
C SER A 396 -34.55 31.24 -20.70
N GLN A 397 -35.41 31.80 -19.86
CA GLN A 397 -35.25 33.16 -19.39
C GLN A 397 -34.59 33.24 -18.03
N ILE A 398 -34.22 32.12 -17.42
CA ILE A 398 -33.58 32.19 -16.10
C ILE A 398 -32.16 32.78 -16.27
N LYS A 399 -31.85 33.78 -15.46
CA LYS A 399 -30.60 34.54 -15.65
C LYS A 399 -29.37 33.75 -15.16
N ASP A 400 -28.32 33.74 -15.98
CA ASP A 400 -27.02 33.17 -15.54
C ASP A 400 -27.23 31.69 -15.11
N ALA A 401 -27.80 30.90 -16.04
CA ALA A 401 -28.04 29.52 -15.81
C ALA A 401 -28.50 28.84 -17.05
N MET A 402 -27.96 27.67 -17.22
CA MET A 402 -28.26 26.87 -18.37
C MET A 402 -29.23 25.86 -17.74
N VAL A 403 -30.51 25.98 -18.10
CA VAL A 403 -31.50 25.05 -17.59
C VAL A 403 -32.23 24.48 -18.78
N PHE A 404 -32.21 23.16 -18.95
CA PHE A 404 -33.10 22.53 -19.88
C PHE A 404 -33.60 21.18 -19.56
N ALA A 405 -34.78 20.92 -20.12
CA ALA A 405 -35.52 19.72 -19.89
C ALA A 405 -35.44 18.88 -21.15
N PHE A 406 -35.09 17.61 -21.01
CA PHE A 406 -35.07 16.66 -22.15
C PHE A 406 -35.26 15.23 -21.64
N ASN A 407 -35.86 14.38 -22.48
CA ASN A 407 -35.87 12.95 -22.26
C ASN A 407 -34.51 12.36 -22.77
N LEU A 408 -33.89 11.48 -21.96
CA LEU A 408 -32.63 10.74 -22.28
C LEU A 408 -31.37 11.46 -21.80
N ALA A 417 -27.80 14.06 -31.33
CA ALA A 417 -27.16 13.18 -32.30
C ALA A 417 -26.12 13.94 -33.16
N THR A 418 -26.58 15.06 -33.76
CA THR A 418 -25.89 15.82 -34.86
C THR A 418 -25.08 17.09 -34.49
N GLY A 419 -24.65 17.15 -33.25
CA GLY A 419 -23.59 18.03 -32.89
C GLY A 419 -22.24 17.48 -33.29
N PHE A 420 -21.25 18.20 -32.83
CA PHE A 420 -19.90 17.73 -32.94
C PHE A 420 -19.29 17.90 -31.53
N ASP A 421 -18.17 17.22 -31.34
CA ASP A 421 -17.52 17.17 -29.99
C ASP A 421 -15.99 17.31 -30.17
N PHE A 422 -15.48 18.50 -29.89
CA PHE A 422 -14.11 18.91 -30.32
C PHE A 422 -13.26 19.06 -29.05
N GLU A 423 -11.97 18.68 -29.13
CA GLU A 423 -11.03 18.80 -28.04
C GLU A 423 -9.91 19.71 -28.50
N LEU A 424 -9.79 20.88 -27.88
CA LEU A 424 -8.58 21.70 -28.03
C LEU A 424 -7.51 21.26 -27.04
N ILE A 425 -6.29 21.05 -27.52
CA ILE A 425 -5.27 20.32 -26.71
C ILE A 425 -3.97 21.17 -26.67
N ASP A 426 -3.42 21.33 -25.45
CA ASP A 426 -2.13 21.92 -25.24
C ASP A 426 -1.05 20.91 -25.54
N GLN A 427 -0.38 21.03 -26.68
CA GLN A 427 0.62 20.05 -27.11
C GLN A 427 2.06 20.55 -26.94
N ALA A 428 2.28 21.60 -26.16
CA ALA A 428 3.66 22.17 -26.07
C ALA A 428 3.98 22.69 -24.69
N GLY A 429 3.33 22.20 -23.64
CA GLY A 429 3.52 22.76 -22.29
C GLY A 429 3.15 24.23 -22.18
N LEU A 430 2.17 24.71 -22.94
CA LEU A 430 1.79 26.11 -22.87
C LEU A 430 1.16 26.52 -21.59
N GLY A 431 0.40 25.62 -20.97
CA GLY A 431 -0.21 25.97 -19.70
C GLY A 431 -1.66 26.40 -19.86
N HIS A 432 -2.37 26.36 -18.74
CA HIS A 432 -3.82 26.58 -18.71
C HIS A 432 -4.24 27.94 -19.27
N GLU A 433 -3.53 28.99 -18.87
CA GLU A 433 -3.85 30.39 -19.24
C GLU A 433 -3.75 30.59 -20.76
N LYS A 434 -2.68 30.11 -21.38
CA LYS A 434 -2.54 30.17 -22.83
C LYS A 434 -3.54 29.29 -23.55
N LEU A 435 -3.88 28.15 -22.96
CA LEU A 435 -4.86 27.31 -23.58
C LEU A 435 -6.21 28.01 -23.56
N THR A 436 -6.55 28.65 -22.47
CA THR A 436 -7.81 29.47 -22.41
C THR A 436 -7.84 30.54 -23.51
N GLN A 437 -6.74 31.24 -23.67
CA GLN A 437 -6.67 32.32 -24.73
C GLN A 437 -6.88 31.75 -26.08
N ALA A 438 -6.24 30.65 -26.36
CA ALA A 438 -6.45 29.97 -27.61
C ALA A 438 -7.90 29.52 -27.82
N ARG A 439 -8.54 28.99 -26.76
CA ARG A 439 -9.94 28.57 -26.82
C ARG A 439 -10.91 29.74 -27.21
N ASN A 440 -10.72 30.86 -26.52
CA ASN A 440 -11.48 32.13 -26.77
C ASN A 440 -11.27 32.65 -28.21
N GLN A 441 -10.04 32.53 -28.72
CA GLN A 441 -9.76 32.87 -30.09
C GLN A 441 -10.58 32.00 -31.04
N LEU A 442 -10.60 30.67 -30.84
CA LEU A 442 -11.40 29.77 -31.65
C LEU A 442 -12.88 30.02 -31.52
N LEU A 443 -13.33 30.39 -30.34
CA LEU A 443 -14.76 30.54 -30.10
C LEU A 443 -15.26 31.83 -30.78
N ALA A 444 -14.47 32.90 -30.69
CA ALA A 444 -14.79 34.16 -31.40
C ALA A 444 -14.77 33.97 -32.92
N GLU A 445 -13.78 33.28 -33.47
CA GLU A 445 -13.76 32.97 -34.91
C GLU A 445 -14.99 32.16 -35.33
N ALA A 446 -15.37 31.15 -34.53
CA ALA A 446 -16.53 30.29 -34.85
C ALA A 446 -17.86 31.11 -34.91
N ALA A 447 -17.93 32.12 -34.04
CA ALA A 447 -19.05 33.03 -33.90
C ALA A 447 -19.28 33.87 -35.19
N LYS A 448 -18.24 34.07 -35.98
CA LYS A 448 -18.36 34.78 -37.25
C LYS A 448 -18.82 33.92 -38.42
N HIS A 449 -19.23 32.68 -38.16
CA HIS A 449 -19.77 31.78 -39.18
C HIS A 449 -21.11 31.16 -38.74
N PRO A 450 -22.12 31.99 -38.45
CA PRO A 450 -23.44 31.41 -38.17
C PRO A 450 -24.04 30.60 -39.32
N ASP A 451 -23.53 30.78 -40.52
CA ASP A 451 -23.95 29.97 -41.69
C ASP A 451 -23.52 28.51 -41.67
N MET A 452 -22.47 28.17 -40.91
CA MET A 452 -21.98 26.80 -40.88
C MET A 452 -22.04 26.17 -39.48
N LEU A 453 -21.97 27.00 -38.44
CA LEU A 453 -21.84 26.56 -37.04
C LEU A 453 -22.76 27.34 -36.13
N THR A 454 -23.44 26.58 -35.26
CA THR A 454 -24.37 27.09 -34.29
C THR A 454 -23.93 26.66 -32.88
N SER A 455 -24.02 27.62 -31.97
CA SER A 455 -23.85 27.47 -30.53
C SER A 455 -22.58 26.69 -30.18
N VAL A 456 -21.48 27.25 -30.69
CA VAL A 456 -20.14 26.71 -30.42
C VAL A 456 -19.74 27.27 -29.08
N ARG A 457 -19.42 26.36 -28.15
CA ARG A 457 -19.36 26.73 -26.74
C ARG A 457 -18.46 25.74 -25.93
N PRO A 458 -17.87 26.20 -24.83
CA PRO A 458 -17.02 25.25 -24.08
C PRO A 458 -17.91 24.35 -23.28
N ASN A 459 -17.54 23.08 -23.14
CA ASN A 459 -18.25 22.24 -22.17
C ASN A 459 -17.90 22.47 -20.67
N GLY A 460 -16.81 23.17 -20.38
CA GLY A 460 -16.23 23.29 -19.05
C GLY A 460 -16.53 24.55 -18.31
N LEU A 461 -15.73 24.84 -17.29
CA LEU A 461 -15.97 25.91 -16.36
C LEU A 461 -14.91 26.98 -16.50
N GLU A 462 -15.29 28.22 -16.15
CA GLU A 462 -14.36 29.35 -16.16
C GLU A 462 -13.55 29.45 -14.87
N ASP A 463 -12.39 30.12 -14.96
CA ASP A 463 -11.58 30.39 -13.80
C ASP A 463 -12.29 31.31 -12.82
N THR A 464 -11.99 31.16 -11.56
CA THR A 464 -12.60 31.89 -10.47
C THR A 464 -11.55 32.35 -9.55
N PRO A 465 -11.84 33.35 -8.72
CA PRO A 465 -10.87 33.78 -7.77
C PRO A 465 -10.48 32.68 -6.76
N GLN A 466 -9.21 32.62 -6.43
CA GLN A 466 -8.70 31.72 -5.42
C GLN A 466 -7.75 32.45 -4.51
N PHE A 467 -7.59 31.95 -3.29
CA PHE A 467 -6.81 32.59 -2.25
C PHE A 467 -5.47 31.96 -2.16
N LYS A 468 -4.45 32.65 -2.67
CA LYS A 468 -3.10 32.13 -2.70
C LYS A 468 -2.39 32.49 -1.42
N ILE A 469 -1.95 31.49 -0.67
CA ILE A 469 -1.17 31.67 0.56
C ILE A 469 0.27 31.14 0.40
N ASP A 470 1.25 32.01 0.66
CA ASP A 470 2.71 31.68 0.63
C ASP A 470 3.22 31.52 2.04
N ILE A 471 3.71 30.35 2.34
CA ILE A 471 4.35 30.09 3.61
C ILE A 471 5.79 30.55 3.52
N ASP A 472 6.18 31.45 4.43
CA ASP A 472 7.58 31.88 4.44
C ASP A 472 8.48 30.90 5.19
N GLN A 473 9.34 30.23 4.43
CA GLN A 473 10.17 29.19 4.98
C GLN A 473 11.18 29.72 6.03
N GLU A 474 11.74 30.88 5.75
CA GLU A 474 12.75 31.42 6.62
C GLU A 474 12.17 31.79 7.97
N LYS A 475 11.00 32.42 7.95
CA LYS A 475 10.29 32.75 9.16
C LYS A 475 9.86 31.50 9.95
N ALA A 476 9.27 30.52 9.26
CA ALA A 476 8.92 29.28 9.90
C ALA A 476 10.18 28.68 10.57
N GLN A 477 11.30 28.64 9.87
CA GLN A 477 12.51 28.05 10.47
C GLN A 477 12.99 28.85 11.70
N ALA A 478 12.96 30.17 11.60
CA ALA A 478 13.44 31.04 12.69
C ALA A 478 12.61 30.88 13.92
N LEU A 479 11.29 30.76 13.76
CA LEU A 479 10.34 30.57 14.84
C LEU A 479 10.27 29.13 15.39
N GLY A 480 10.78 28.16 14.62
CA GLY A 480 10.73 26.77 15.00
C GLY A 480 9.37 26.11 14.82
N VAL A 481 8.64 26.52 13.80
CA VAL A 481 7.35 25.97 13.40
C VAL A 481 7.60 25.07 12.20
N SER A 482 7.17 23.83 12.30
CA SER A 482 7.46 22.86 11.25
C SER A 482 6.44 23.00 10.12
N ILE A 483 6.91 22.77 8.91
CA ILE A 483 6.02 22.81 7.74
C ILE A 483 4.88 21.80 7.80
N ASN A 484 5.14 20.62 8.32
CA ASN A 484 4.07 19.63 8.46
C ASN A 484 2.96 20.11 9.40
N ASP A 485 3.34 20.75 10.52
CA ASP A 485 2.36 21.27 11.45
C ASP A 485 1.59 22.40 10.73
N ILE A 486 2.28 23.25 9.99
CA ILE A 486 1.61 24.35 9.29
C ILE A 486 0.57 23.79 8.32
N ASN A 487 0.98 22.82 7.52
CA ASN A 487 0.09 22.23 6.54
C ASN A 487 -1.07 21.46 7.10
N THR A 488 -0.86 20.68 8.13
CA THR A 488 -1.93 19.99 8.78
C THR A 488 -2.90 20.96 9.40
N THR A 489 -2.38 22.02 10.02
CA THR A 489 -3.29 22.99 10.65
C THR A 489 -4.18 23.66 9.61
N LEU A 490 -3.59 24.09 8.52
CA LEU A 490 -4.38 24.77 7.50
C LEU A 490 -5.36 23.82 6.83
N GLY A 491 -4.86 22.70 6.33
CA GLY A 491 -5.70 21.68 5.66
C GLY A 491 -6.78 21.06 6.50
N ALA A 492 -6.43 20.68 7.73
CA ALA A 492 -7.45 20.17 8.61
C ALA A 492 -8.53 21.22 8.93
N ALA A 493 -8.12 22.44 9.31
CA ALA A 493 -9.11 23.48 9.65
C ALA A 493 -10.03 23.88 8.47
N TRP A 494 -9.48 24.12 7.27
CA TRP A 494 -10.20 24.78 6.22
C TRP A 494 -10.73 23.78 5.20
N GLY A 495 -10.15 22.59 5.15
CA GLY A 495 -10.50 21.52 4.19
C GLY A 495 -11.13 20.27 4.80
N GLY A 496 -10.81 19.98 6.05
CA GLY A 496 -11.32 18.79 6.73
C GLY A 496 -10.29 17.68 6.58
N SER A 497 -10.08 16.89 7.62
CA SER A 497 -9.13 15.77 7.53
C SER A 497 -9.78 14.48 8.04
N TYR A 498 -9.74 13.43 7.22
CA TYR A 498 -10.23 12.12 7.61
C TYR A 498 -9.15 11.55 8.54
N VAL A 499 -9.50 11.32 9.79
CA VAL A 499 -8.52 10.92 10.78
C VAL A 499 -8.36 9.39 10.89
N ASN A 500 -9.46 8.72 11.22
CA ASN A 500 -9.53 7.25 11.33
C ASN A 500 -10.99 6.84 11.38
N ASP A 501 -11.28 5.55 11.62
CA ASP A 501 -12.64 5.06 11.69
C ASP A 501 -13.19 4.91 13.12
N PHE A 502 -14.51 4.85 13.20
CA PHE A 502 -15.21 4.57 14.46
C PHE A 502 -16.36 3.64 14.13
N ILE A 503 -17.13 3.20 15.12
CA ILE A 503 -18.21 2.30 14.87
C ILE A 503 -19.48 2.97 15.35
N ASP A 504 -20.37 3.23 14.40
CA ASP A 504 -21.67 3.84 14.63
C ASP A 504 -22.74 2.79 14.48
N ARG A 505 -23.34 2.39 15.63
CA ARG A 505 -24.44 1.43 15.61
C ARG A 505 -24.03 0.14 14.81
N GLY A 506 -22.83 -0.29 15.12
CA GLY A 506 -22.26 -1.52 14.58
C GLY A 506 -21.60 -1.44 13.23
N ARG A 507 -21.61 -0.28 12.57
CA ARG A 507 -20.99 -0.08 11.25
C ARG A 507 -19.78 0.82 11.29
N VAL A 508 -18.69 0.40 10.61
CA VAL A 508 -17.56 1.19 10.50
C VAL A 508 -17.84 2.43 9.66
N LYS A 509 -17.47 3.58 10.18
CA LYS A 509 -17.67 4.88 9.55
C LYS A 509 -16.45 5.77 9.85
N LYS A 510 -16.37 6.91 9.19
CA LYS A 510 -15.23 7.81 9.29
C LYS A 510 -15.33 8.85 10.38
N VAL A 511 -14.17 9.37 10.77
CA VAL A 511 -14.04 10.44 11.72
C VAL A 511 -13.31 11.59 10.99
N TYR A 512 -13.91 12.78 11.00
CA TYR A 512 -13.34 14.00 10.36
C TYR A 512 -13.18 15.15 11.34
N VAL A 513 -12.07 15.86 11.24
CA VAL A 513 -11.84 17.06 11.99
C VAL A 513 -11.86 18.18 10.97
N MET A 514 -12.43 19.33 11.36
CA MET A 514 -12.54 20.51 10.49
C MET A 514 -12.92 21.66 11.45
N SER A 515 -12.56 22.88 11.07
CA SER A 515 -13.07 24.06 11.76
C SER A 515 -14.56 24.10 11.72
N GLU A 516 -15.15 24.56 12.81
CA GLU A 516 -16.51 24.98 12.82
C GLU A 516 -16.64 26.11 11.75
N ALA A 517 -17.75 26.14 11.05
CA ALA A 517 -18.02 26.99 9.92
C ALA A 517 -17.59 28.45 10.15
N LYS A 518 -17.93 29.07 11.27
CA LYS A 518 -17.73 30.51 11.45
C LYS A 518 -16.30 30.90 11.54
N TYR A 519 -15.38 29.96 11.79
CA TYR A 519 -13.95 30.24 11.81
C TYR A 519 -13.21 29.93 10.51
N ARG A 520 -13.93 29.67 9.45
CA ARG A 520 -13.31 29.40 8.14
C ARG A 520 -14.11 30.02 7.00
N MET A 521 -14.68 31.19 7.26
CA MET A 521 -15.46 31.90 6.24
C MET A 521 -14.74 33.06 5.60
N LEU A 522 -13.89 33.76 6.31
CA LEU A 522 -13.31 35.00 5.79
C LEU A 522 -11.79 34.98 5.82
N PRO A 523 -11.11 35.74 4.91
CA PRO A 523 -9.64 35.80 4.86
C PRO A 523 -9.01 36.17 6.18
N ASP A 524 -9.56 37.12 6.90
CA ASP A 524 -8.99 37.45 8.20
C ASP A 524 -9.04 36.28 9.22
N ASP A 525 -9.91 35.31 9.04
CA ASP A 525 -9.92 34.11 9.92
C ASP A 525 -8.60 33.31 9.88
N ILE A 526 -7.85 33.43 8.79
CA ILE A 526 -6.57 32.75 8.66
C ILE A 526 -5.68 33.05 9.81
N GLY A 527 -5.69 34.30 10.21
CA GLY A 527 -4.88 34.74 11.34
C GLY A 527 -5.34 34.33 12.74
N ASP A 528 -6.51 33.71 12.89
CA ASP A 528 -6.98 33.25 14.19
C ASP A 528 -6.48 31.86 14.53
N TRP A 529 -5.78 31.23 13.57
CA TRP A 529 -5.28 29.86 13.73
C TRP A 529 -3.81 29.90 14.16
N TYR A 530 -3.55 29.22 15.25
CA TYR A 530 -2.22 29.18 15.84
C TYR A 530 -1.56 27.80 15.67
N VAL A 531 -0.25 27.83 15.45
CA VAL A 531 0.58 26.63 15.40
C VAL A 531 1.60 26.70 16.55
N ARG A 532 1.93 25.53 17.10
CA ARG A 532 2.83 25.49 18.28
C ARG A 532 4.25 25.25 17.79
N ALA A 533 5.14 26.13 18.18
CA ALA A 533 6.58 26.03 17.85
C ALA A 533 7.28 25.00 18.73
N ALA A 534 8.48 24.63 18.34
CA ALA A 534 9.28 23.60 19.05
C ALA A 534 9.60 24.00 20.50
N ASP A 535 9.65 25.30 20.79
CA ASP A 535 9.83 25.85 22.10
C ASP A 535 8.55 26.07 22.87
N GLY A 536 7.39 25.64 22.35
CA GLY A 536 6.13 25.71 23.03
C GLY A 536 5.33 26.98 22.83
N GLN A 537 5.90 28.01 22.20
CA GLN A 537 5.14 29.24 21.93
C GLN A 537 4.09 29.00 20.85
N MET A 538 2.96 29.68 20.97
CA MET A 538 1.87 29.65 20.00
C MET A 538 2.09 30.77 18.98
N VAL A 539 2.11 30.47 17.70
CA VAL A 539 2.43 31.42 16.63
C VAL A 539 1.21 31.49 15.70
N PRO A 540 0.68 32.70 15.41
CA PRO A 540 -0.46 32.83 14.54
C PRO A 540 0.02 32.68 13.11
N PHE A 541 -0.87 32.19 12.28
CA PHE A 541 -0.63 32.00 10.85
C PHE A 541 -0.11 33.22 10.15
N SER A 542 -0.56 34.38 10.60
CA SER A 542 -0.15 35.61 10.06
C SER A 542 1.37 35.87 10.29
N ALA A 543 2.01 35.24 11.24
CA ALA A 543 3.44 35.53 11.43
C ALA A 543 4.36 34.95 10.36
N PHE A 544 3.94 33.85 9.67
CA PHE A 544 4.84 33.16 8.75
C PHE A 544 4.21 32.99 7.34
N SER A 545 3.14 33.72 7.04
CA SER A 545 2.42 33.57 5.79
C SER A 545 2.02 34.94 5.23
N SER A 546 1.83 34.97 3.93
CA SER A 546 1.20 36.11 3.25
C SER A 546 0.24 35.57 2.20
N SER A 547 -0.75 36.37 1.83
CA SER A 547 -1.74 35.98 0.87
C SER A 547 -2.17 37.02 -0.15
N ARG A 548 -2.73 36.55 -1.25
CA ARG A 548 -3.23 37.43 -2.30
C ARG A 548 -4.25 36.70 -3.11
N TRP A 549 -5.14 37.47 -3.72
CA TRP A 549 -6.12 36.93 -4.68
C TRP A 549 -5.50 36.68 -6.04
N GLU A 550 -5.88 35.58 -6.67
CA GLU A 550 -5.50 35.28 -8.03
C GLU A 550 -6.61 34.53 -8.69
N TYR A 551 -6.48 34.20 -9.96
CA TYR A 551 -7.44 33.37 -10.61
C TYR A 551 -6.87 31.97 -10.81
N GLY A 552 -7.76 30.97 -10.84
CA GLY A 552 -7.43 29.62 -11.31
C GLY A 552 -8.64 28.77 -11.61
N SER A 553 -8.39 27.56 -12.05
CA SER A 553 -9.42 26.73 -12.61
C SER A 553 -10.13 25.86 -11.54
N PRO A 554 -11.44 25.78 -11.55
CA PRO A 554 -12.17 24.85 -10.67
C PRO A 554 -12.37 23.48 -11.33
N ARG A 555 -12.02 23.35 -12.59
CA ARG A 555 -12.15 22.08 -13.29
C ARG A 555 -11.18 22.00 -14.43
N LEU A 556 -10.14 21.18 -14.27
CA LEU A 556 -9.10 21.08 -15.27
C LEU A 556 -9.37 19.81 -16.08
N GLU A 557 -9.40 19.94 -17.38
CA GLU A 557 -9.68 18.81 -18.28
C GLU A 557 -8.45 18.27 -18.99
N ARG A 558 -8.44 16.97 -19.29
CA ARG A 558 -7.36 16.42 -20.04
C ARG A 558 -7.92 15.46 -21.07
N TYR A 559 -7.23 15.31 -22.18
CA TYR A 559 -7.67 14.43 -23.24
C TYR A 559 -6.45 13.68 -23.75
N ASN A 560 -6.55 12.36 -23.74
CA ASN A 560 -5.42 11.44 -23.98
C ASN A 560 -4.10 11.86 -23.22
N GLY A 561 -4.27 12.36 -22.02
CA GLY A 561 -3.19 12.72 -21.14
C GLY A 561 -2.59 14.09 -21.28
N LEU A 562 -3.16 14.97 -22.10
CA LEU A 562 -2.69 16.33 -22.22
C LEU A 562 -3.77 17.31 -21.85
N PRO A 563 -3.39 18.47 -21.27
CA PRO A 563 -4.38 19.46 -21.04
C PRO A 563 -5.23 19.80 -22.29
N SER A 564 -6.52 19.95 -22.01
CA SER A 564 -7.49 20.08 -23.07
C SER A 564 -8.71 20.92 -22.65
N MET A 565 -9.51 21.31 -23.65
CA MET A 565 -10.76 22.06 -23.38
C MET A 565 -11.72 21.58 -24.42
N GLU A 566 -12.84 21.08 -23.94
CA GLU A 566 -13.80 20.46 -24.80
C GLU A 566 -14.76 21.55 -25.34
N ILE A 567 -15.04 21.49 -26.63
CA ILE A 567 -15.92 22.49 -27.29
C ILE A 567 -17.01 21.72 -27.97
N LEU A 568 -18.26 22.06 -27.64
CA LEU A 568 -19.40 21.47 -28.30
C LEU A 568 -19.96 22.49 -29.32
N GLY A 569 -20.73 21.97 -30.27
CA GLY A 569 -21.52 22.78 -31.22
C GLY A 569 -22.29 21.90 -32.19
N GLN A 570 -22.92 22.57 -33.18
CA GLN A 570 -23.88 22.00 -34.16
C GLN A 570 -23.53 22.49 -35.56
N ALA A 571 -23.65 21.64 -36.56
CA ALA A 571 -23.74 22.17 -37.95
C ALA A 571 -24.97 23.10 -38.05
N ALA A 572 -24.83 24.26 -38.69
CA ALA A 572 -26.01 25.13 -39.02
C ALA A 572 -27.11 24.38 -39.86
N PRO A 573 -28.34 24.93 -39.92
CA PRO A 573 -29.45 24.20 -40.64
C PRO A 573 -29.11 23.67 -42.05
N GLY A 574 -29.29 22.35 -42.21
CA GLY A 574 -28.87 21.62 -43.44
C GLY A 574 -27.42 21.70 -43.96
N LYS A 575 -26.44 21.92 -43.07
CA LYS A 575 -25.03 21.67 -43.43
C LYS A 575 -24.71 20.33 -42.82
N SER A 576 -23.81 19.52 -43.41
CA SER A 576 -23.52 18.18 -42.81
C SER A 576 -22.61 18.36 -41.56
N THR A 577 -22.58 17.39 -40.67
CA THR A 577 -21.61 17.46 -39.58
C THR A 577 -20.21 17.56 -40.22
N GLY A 578 -19.94 16.74 -41.24
CA GLY A 578 -18.71 16.81 -42.06
C GLY A 578 -18.20 18.18 -42.49
N GLU A 579 -19.06 19.03 -43.07
CA GLU A 579 -18.67 20.40 -43.42
C GLU A 579 -18.42 21.22 -42.18
N ALA A 580 -19.26 21.01 -41.15
CA ALA A 580 -19.05 21.72 -39.87
C ALA A 580 -17.65 21.39 -39.28
N MET A 581 -17.33 20.10 -39.25
CA MET A 581 -16.03 19.64 -38.69
C MET A 581 -14.88 20.25 -39.51
N GLU A 582 -15.03 20.19 -40.85
CA GLU A 582 -14.02 20.76 -41.76
C GLU A 582 -13.70 22.21 -41.45
N LEU A 583 -14.71 23.02 -41.17
CA LEU A 583 -14.44 24.44 -40.86
C LEU A 583 -13.72 24.64 -39.51
N MET A 584 -14.15 23.86 -38.53
CA MET A 584 -13.53 23.91 -37.19
C MET A 584 -12.06 23.62 -37.32
N GLU A 585 -11.73 22.63 -38.14
CA GLU A 585 -10.34 22.28 -38.42
C GLU A 585 -9.51 23.38 -39.10
N GLN A 586 -10.15 24.13 -40.00
CA GLN A 586 -9.51 25.27 -40.64
C GLN A 586 -9.31 26.42 -39.67
N LEU A 587 -10.34 26.73 -38.89
CA LEU A 587 -10.21 27.73 -37.86
C LEU A 587 -9.13 27.31 -36.82
N ALA A 588 -9.08 26.02 -36.50
CA ALA A 588 -8.09 25.51 -35.49
C ALA A 588 -6.67 25.63 -36.00
N SER A 589 -6.50 25.50 -37.33
CA SER A 589 -5.20 25.59 -37.97
C SER A 589 -4.59 26.96 -37.87
N LYS A 590 -5.35 27.96 -37.49
CA LYS A 590 -4.84 29.31 -37.30
C LYS A 590 -4.47 29.67 -35.86
N LEU A 591 -4.52 28.71 -34.94
CA LEU A 591 -4.32 29.05 -33.51
C LEU A 591 -2.84 29.06 -33.19
N PRO A 592 -2.43 29.60 -32.00
CA PRO A 592 -1.01 29.68 -31.69
C PRO A 592 -0.32 28.35 -31.78
N THR A 593 0.99 28.40 -32.08
CA THR A 593 1.79 27.24 -32.12
C THR A 593 1.75 26.48 -30.80
N GLY A 594 1.70 25.18 -30.95
CA GLY A 594 1.65 24.24 -29.84
C GLY A 594 0.22 23.89 -29.42
N VAL A 595 -0.81 24.51 -30.01
CA VAL A 595 -2.20 24.18 -29.76
C VAL A 595 -2.71 23.30 -30.89
N GLY A 596 -3.07 22.07 -30.56
CA GLY A 596 -3.67 21.08 -31.50
C GLY A 596 -5.11 20.77 -31.10
N TYR A 597 -5.67 19.75 -31.73
CA TYR A 597 -7.07 19.39 -31.58
C TYR A 597 -7.25 17.95 -31.92
N ASP A 598 -8.37 17.42 -31.47
CA ASP A 598 -8.85 16.10 -31.93
C ASP A 598 -10.39 16.07 -31.86
N TRP A 599 -10.99 15.02 -32.40
CA TRP A 599 -12.45 14.79 -32.30
C TRP A 599 -12.69 13.64 -31.41
N THR A 600 -13.73 13.73 -30.60
CA THR A 600 -14.05 12.69 -29.70
C THR A 600 -15.61 12.36 -29.77
N GLY A 601 -16.04 11.38 -28.99
CA GLY A 601 -17.48 11.05 -28.83
C GLY A 601 -18.16 10.83 -30.18
N MET A 602 -19.23 11.59 -30.37
CA MET A 602 -20.05 11.47 -31.59
C MET A 602 -19.27 11.84 -32.84
N SER A 603 -18.20 12.64 -32.73
CA SER A 603 -17.39 12.99 -33.85
C SER A 603 -16.22 12.09 -34.20
N TYR A 604 -15.88 11.17 -33.30
CA TYR A 604 -14.73 10.32 -33.49
C TYR A 604 -14.80 9.42 -34.78
N GLN A 605 -15.92 8.72 -35.04
CA GLN A 605 -16.19 8.15 -36.45
C GLN A 605 -16.90 9.18 -37.38
N ALA B 1 -21.81 -27.17 -8.64
CA ALA B 1 -21.85 -26.49 -7.27
C ALA B 1 -21.66 -24.99 -7.51
N PRO B 2 -22.36 -24.13 -6.75
CA PRO B 2 -22.07 -22.69 -6.99
C PRO B 2 -20.59 -22.43 -6.66
N PRO B 3 -19.85 -21.76 -7.55
CA PRO B 3 -18.43 -21.57 -7.21
C PRO B 3 -18.28 -20.54 -6.08
N ALA B 4 -17.32 -20.77 -5.23
CA ALA B 4 -17.05 -19.88 -4.07
C ALA B 4 -15.62 -19.39 -4.09
N VAL B 5 -15.46 -18.09 -3.82
CA VAL B 5 -14.15 -17.47 -3.70
C VAL B 5 -13.97 -17.14 -2.22
N THR B 6 -12.82 -17.48 -1.66
CA THR B 6 -12.52 -17.17 -0.26
C THR B 6 -11.39 -16.16 -0.09
N ILE B 7 -11.61 -15.16 0.72
CA ILE B 7 -10.61 -14.23 1.16
C ILE B 7 -10.15 -14.57 2.58
N SER B 8 -8.84 -14.68 2.83
CA SER B 8 -8.32 -14.94 4.18
C SER B 8 -7.28 -13.92 4.51
N ALA B 9 -7.36 -13.44 5.75
CA ALA B 9 -6.42 -12.46 6.25
C ALA B 9 -6.15 -12.73 7.76
N SER B 10 -5.08 -12.19 8.27
CA SER B 10 -4.74 -12.38 9.67
C SER B 10 -4.10 -11.15 10.27
N TYR B 11 -4.31 -11.05 11.59
CA TYR B 11 -3.93 -9.90 12.39
C TYR B 11 -3.40 -10.55 13.70
N PRO B 12 -2.08 -10.73 13.81
CA PRO B 12 -1.46 -11.37 14.98
C PRO B 12 -1.84 -10.66 16.25
N GLY B 13 -2.40 -11.47 17.16
CA GLY B 13 -2.79 -11.03 18.50
C GLY B 13 -4.13 -10.30 18.57
N ALA B 14 -4.89 -10.23 17.46
CA ALA B 14 -6.18 -9.58 17.49
C ALA B 14 -7.27 -10.53 17.97
N ASP B 15 -8.19 -9.95 18.72
CA ASP B 15 -9.43 -10.57 19.09
C ASP B 15 -10.45 -10.43 17.95
N ALA B 16 -11.50 -11.23 18.04
CA ALA B 16 -12.57 -11.28 17.01
C ALA B 16 -13.16 -9.91 16.62
N LYS B 17 -13.50 -9.09 17.63
CA LYS B 17 -14.07 -7.78 17.38
C LYS B 17 -13.07 -6.86 16.68
N THR B 18 -11.80 -6.89 17.08
CA THR B 18 -10.78 -6.11 16.45
C THR B 18 -10.67 -6.52 14.99
N VAL B 19 -10.65 -7.83 14.72
CA VAL B 19 -10.56 -8.31 13.35
C VAL B 19 -11.75 -7.85 12.54
N GLN B 20 -12.92 -8.03 13.12
CA GLN B 20 -14.13 -7.69 12.44
C GLN B 20 -14.21 -6.19 12.09
N ASP B 21 -13.85 -5.36 13.06
CA ASP B 21 -14.02 -3.92 12.91
C ASP B 21 -12.93 -3.17 12.18
N THR B 22 -11.74 -3.79 12.01
CA THR B 22 -10.67 -3.14 11.26
C THR B 22 -10.39 -3.84 9.93
N VAL B 23 -10.90 -5.05 9.75
CA VAL B 23 -10.64 -5.83 8.56
C VAL B 23 -11.90 -6.28 7.87
N THR B 24 -12.69 -7.07 8.54
CA THR B 24 -13.81 -7.71 7.88
C THR B 24 -14.83 -6.72 7.33
N GLN B 25 -15.30 -5.77 8.14
CA GLN B 25 -16.27 -4.81 7.68
C GLN B 25 -15.71 -3.96 6.52
N VAL B 26 -14.42 -3.60 6.61
CA VAL B 26 -13.76 -2.77 5.55
C VAL B 26 -13.75 -3.49 4.20
N ILE B 27 -13.36 -4.77 4.20
CA ILE B 27 -13.37 -5.55 2.97
C ILE B 27 -14.81 -5.73 2.40
N GLU B 28 -15.73 -6.12 3.26
CA GLU B 28 -17.10 -6.30 2.87
C GLU B 28 -17.75 -5.04 2.26
N GLN B 29 -17.52 -3.88 2.86
CA GLN B 29 -18.02 -2.65 2.27
C GLN B 29 -17.46 -2.32 0.87
N ASN B 30 -16.37 -2.97 0.48
CA ASN B 30 -15.74 -2.73 -0.77
C ASN B 30 -15.86 -3.85 -1.79
N MET B 31 -16.76 -4.79 -1.56
CA MET B 31 -17.01 -5.92 -2.44
C MET B 31 -18.17 -5.65 -3.42
N ASN B 32 -18.17 -4.45 -3.96
CA ASN B 32 -19.17 -3.93 -4.89
C ASN B 32 -18.76 -4.05 -6.32
N GLY B 33 -19.76 -4.10 -7.21
CA GLY B 33 -19.52 -4.01 -8.66
C GLY B 33 -18.91 -5.29 -9.16
N ILE B 34 -19.12 -6.38 -8.41
CA ILE B 34 -18.59 -7.71 -8.76
C ILE B 34 -19.81 -8.47 -9.37
N ASP B 35 -19.63 -9.10 -10.54
CA ASP B 35 -20.77 -9.76 -11.21
C ASP B 35 -21.19 -11.09 -10.59
N ASN B 36 -22.46 -11.39 -10.66
CA ASN B 36 -22.99 -12.72 -10.38
C ASN B 36 -22.85 -13.20 -8.95
N LEU B 37 -22.75 -12.28 -7.99
CA LEU B 37 -22.51 -12.67 -6.58
C LEU B 37 -23.89 -12.98 -5.96
N MET B 38 -24.07 -14.21 -5.49
CA MET B 38 -25.32 -14.63 -4.86
C MET B 38 -25.40 -14.16 -3.40
N TYR B 39 -24.35 -14.44 -2.62
CA TYR B 39 -24.26 -14.05 -1.22
C TYR B 39 -22.82 -14.07 -0.73
N MET B 40 -22.63 -13.46 0.42
CA MET B 40 -21.29 -13.35 1.02
C MET B 40 -21.47 -13.73 2.49
N SER B 41 -20.51 -14.40 3.09
CA SER B 41 -20.53 -14.62 4.54
C SER B 41 -19.10 -14.50 5.11
N SER B 42 -18.97 -14.19 6.38
CA SER B 42 -17.64 -14.09 6.99
C SER B 42 -17.63 -14.59 8.41
N ASN B 43 -16.46 -15.03 8.83
CA ASN B 43 -16.13 -15.26 10.22
C ASN B 43 -14.91 -14.48 10.61
N SER B 44 -14.94 -13.85 11.75
CA SER B 44 -13.85 -13.06 12.30
C SER B 44 -13.57 -13.70 13.66
N ASP B 45 -12.36 -14.18 13.86
CA ASP B 45 -12.07 -15.03 15.01
C ASP B 45 -11.01 -14.49 15.95
N SER B 46 -11.01 -15.06 17.14
CA SER B 46 -10.07 -14.74 18.23
C SER B 46 -8.68 -15.27 18.00
N THR B 47 -8.53 -16.08 16.95
CA THR B 47 -7.20 -16.47 16.48
C THR B 47 -6.55 -15.35 15.67
N GLY B 48 -7.26 -14.23 15.47
CA GLY B 48 -6.75 -13.14 14.66
C GLY B 48 -6.95 -13.36 13.18
N THR B 49 -7.89 -14.21 12.79
CA THR B 49 -8.10 -14.51 11.40
C THR B 49 -9.47 -14.16 10.92
N VAL B 50 -9.56 -13.80 9.64
CA VAL B 50 -10.87 -13.65 8.99
C VAL B 50 -10.94 -14.54 7.76
N GLN B 51 -12.11 -15.03 7.51
CA GLN B 51 -12.41 -15.72 6.21
C GLN B 51 -13.73 -15.18 5.69
N ILE B 52 -13.72 -14.65 4.48
CA ILE B 52 -14.89 -14.11 3.82
C ILE B 52 -15.14 -15.00 2.59
N THR B 53 -16.31 -15.59 2.50
CA THR B 53 -16.70 -16.52 1.43
C THR B 53 -17.70 -15.88 0.52
N LEU B 54 -17.30 -15.65 -0.73
CA LEU B 54 -18.22 -15.10 -1.70
C LEU B 54 -18.72 -16.22 -2.62
N THR B 55 -20.03 -16.43 -2.67
CA THR B 55 -20.62 -17.50 -3.44
C THR B 55 -21.33 -16.91 -4.66
N PHE B 56 -21.01 -17.45 -5.83
CA PHE B 56 -21.48 -16.95 -7.09
C PHE B 56 -22.63 -17.83 -7.67
N GLU B 57 -23.45 -17.22 -8.52
CA GLU B 57 -24.49 -17.99 -9.26
C GLU B 57 -23.85 -19.21 -9.95
N SER B 58 -24.61 -20.31 -9.91
CA SER B 58 -24.33 -21.46 -10.78
C SER B 58 -24.08 -21.05 -12.23
N GLY B 59 -23.04 -21.62 -12.80
CA GLY B 59 -22.56 -21.30 -14.14
C GLY B 59 -21.61 -20.12 -14.26
N THR B 60 -21.36 -19.36 -13.18
CA THR B 60 -20.33 -18.31 -13.20
C THR B 60 -18.96 -18.89 -13.49
N ASP B 61 -18.18 -18.19 -14.28
CA ASP B 61 -16.81 -18.56 -14.51
C ASP B 61 -15.94 -18.18 -13.28
N ALA B 62 -15.38 -19.16 -12.61
CA ALA B 62 -14.72 -18.96 -11.33
C ALA B 62 -13.44 -18.16 -11.49
N ASP B 63 -12.80 -18.20 -12.66
CA ASP B 63 -11.63 -17.35 -12.98
C ASP B 63 -12.01 -15.90 -12.92
N ILE B 64 -13.11 -15.57 -13.59
CA ILE B 64 -13.55 -14.16 -13.64
C ILE B 64 -13.99 -13.69 -12.26
N ALA B 65 -14.70 -14.56 -11.55
CA ALA B 65 -15.10 -14.25 -10.17
C ALA B 65 -13.91 -13.96 -9.29
N GLN B 66 -12.90 -14.82 -9.33
CA GLN B 66 -11.74 -14.63 -8.51
C GLN B 66 -11.02 -13.27 -8.88
N VAL B 67 -10.83 -13.05 -10.15
CA VAL B 67 -10.18 -11.81 -10.64
C VAL B 67 -10.91 -10.54 -10.13
N GLN B 68 -12.24 -10.54 -10.29
CA GLN B 68 -13.01 -9.39 -9.86
C GLN B 68 -12.86 -9.18 -8.34
N VAL B 69 -12.96 -10.27 -7.54
CA VAL B 69 -12.74 -10.19 -6.10
C VAL B 69 -11.33 -9.62 -5.84
N GLN B 70 -10.32 -10.18 -6.47
CA GLN B 70 -8.90 -9.76 -6.18
C GLN B 70 -8.69 -8.31 -6.46
N ASN B 71 -9.31 -7.82 -7.54
CA ASN B 71 -9.18 -6.43 -7.91
C ASN B 71 -9.91 -5.49 -6.94
N LYS B 72 -11.10 -5.83 -6.51
CA LYS B 72 -11.74 -4.98 -5.51
C LYS B 72 -10.96 -5.01 -4.18
N LEU B 73 -10.46 -6.18 -3.81
CA LEU B 73 -9.66 -6.26 -2.58
C LEU B 73 -8.38 -5.39 -2.66
N GLN B 74 -7.69 -5.42 -3.81
CA GLN B 74 -6.52 -4.59 -4.07
C GLN B 74 -6.79 -3.13 -3.85
N LEU B 75 -7.93 -2.69 -4.31
CA LEU B 75 -8.27 -1.28 -4.09
C LEU B 75 -8.62 -1.01 -2.63
N ALA B 76 -9.07 -2.05 -1.91
CA ALA B 76 -9.32 -1.88 -0.42
C ALA B 76 -8.11 -2.13 0.53
N MET B 77 -7.01 -2.64 -0.01
CA MET B 77 -5.82 -2.92 0.79
C MET B 77 -5.28 -1.72 1.60
N PRO B 78 -5.25 -0.50 1.01
CA PRO B 78 -4.77 0.65 1.78
C PRO B 78 -5.62 1.02 2.99
N LEU B 79 -6.83 0.47 3.07
CA LEU B 79 -7.76 0.78 4.14
C LEU B 79 -7.53 -0.15 5.32
N LEU B 80 -6.72 -1.20 5.13
CA LEU B 80 -6.51 -2.22 6.22
C LEU B 80 -5.31 -1.90 7.04
N PRO B 81 -5.27 -2.35 8.30
CA PRO B 81 -4.10 -2.14 9.12
C PRO B 81 -2.85 -2.70 8.48
N GLN B 82 -1.75 -1.99 8.66
CA GLN B 82 -0.45 -2.41 8.13
C GLN B 82 -0.07 -3.82 8.58
N GLU B 83 -0.42 -4.16 9.82
CA GLU B 83 -0.16 -5.50 10.38
C GLU B 83 -0.84 -6.62 9.62
N VAL B 84 -2.00 -6.33 9.06
CA VAL B 84 -2.72 -7.27 8.24
C VAL B 84 -2.17 -7.34 6.81
N GLN B 85 -1.98 -6.17 6.21
CA GLN B 85 -1.44 -6.09 4.84
C GLN B 85 -0.09 -6.88 4.78
N GLN B 86 0.74 -6.70 5.78
CA GLN B 86 2.10 -7.29 5.79
C GLN B 86 2.14 -8.79 6.03
N GLN B 87 1.06 -9.39 6.55
CA GLN B 87 0.93 -10.85 6.57
C GLN B 87 0.64 -11.51 5.22
N GLY B 88 0.16 -10.75 4.23
CA GLY B 88 -0.33 -11.30 2.97
C GLY B 88 -1.81 -11.61 3.10
N VAL B 89 -2.62 -11.13 2.21
CA VAL B 89 -4.01 -11.56 2.16
C VAL B 89 -4.08 -12.53 1.04
N SER B 90 -4.84 -13.59 1.22
CA SER B 90 -5.08 -14.52 0.10
C SER B 90 -6.50 -14.61 -0.40
N VAL B 91 -6.58 -14.99 -1.67
CA VAL B 91 -7.85 -15.09 -2.34
C VAL B 91 -7.79 -16.36 -3.18
N GLU B 92 -8.66 -17.29 -2.88
CA GLU B 92 -8.61 -18.62 -3.48
C GLU B 92 -9.94 -19.00 -4.08
N LYS B 93 -9.88 -19.86 -5.10
CA LYS B 93 -11.09 -20.39 -5.75
C LYS B 93 -10.97 -21.87 -5.61
N SER B 94 -11.41 -22.39 -4.51
CA SER B 94 -11.21 -23.84 -4.37
C SER B 94 -12.40 -24.48 -3.76
N SER B 95 -12.45 -25.80 -3.89
CA SER B 95 -13.42 -26.61 -3.16
C SER B 95 -13.14 -26.44 -1.68
N SER B 96 -14.17 -26.60 -0.87
CA SER B 96 -13.99 -26.46 0.60
C SER B 96 -13.48 -27.75 1.26
N SER B 97 -13.51 -28.89 0.55
CA SER B 97 -13.05 -30.18 1.09
C SER B 97 -11.62 -30.56 0.59
N PHE B 98 -10.92 -31.41 1.31
CA PHE B 98 -9.62 -31.88 0.90
C PHE B 98 -9.65 -32.93 -0.20
N LEU B 99 -8.79 -32.75 -1.19
CA LEU B 99 -8.52 -33.71 -2.23
C LEU B 99 -7.55 -34.78 -1.73
N MET B 100 -6.49 -34.38 -1.02
CA MET B 100 -5.56 -35.30 -0.43
C MET B 100 -4.80 -34.62 0.71
N VAL B 101 -4.18 -35.45 1.54
CA VAL B 101 -3.26 -34.99 2.59
C VAL B 101 -1.92 -35.65 2.28
N VAL B 102 -0.87 -34.84 2.20
CA VAL B 102 0.49 -35.31 2.17
C VAL B 102 1.01 -35.25 3.57
N GLY B 103 1.35 -36.41 4.11
CA GLY B 103 1.96 -36.46 5.42
C GLY B 103 3.46 -36.59 5.33
N VAL B 104 4.13 -36.11 6.33
CA VAL B 104 5.57 -36.19 6.45
C VAL B 104 5.91 -36.59 7.87
N ILE B 105 6.73 -37.65 7.98
CA ILE B 105 7.27 -38.09 9.26
C ILE B 105 8.79 -38.23 9.18
N ASN B 106 9.41 -38.33 10.33
CA ASN B 106 10.75 -38.83 10.34
C ASN B 106 10.84 -40.26 10.98
N THR B 107 11.07 -41.28 10.16
CA THR B 107 11.14 -42.70 10.57
C THR B 107 12.25 -43.00 11.57
N ASP B 108 13.33 -42.25 11.54
CA ASP B 108 14.38 -42.35 12.58
C ASP B 108 14.08 -41.56 13.83
N GLY B 109 12.87 -41.06 13.99
CA GLY B 109 12.56 -40.15 15.11
C GLY B 109 13.58 -39.07 15.48
N THR B 110 14.45 -38.68 14.55
CA THR B 110 15.47 -37.61 14.81
C THR B 110 15.03 -36.13 14.55
N MET B 111 13.79 -35.90 14.11
CA MET B 111 13.28 -34.52 13.90
C MET B 111 11.99 -34.40 14.67
N THR B 112 11.82 -33.30 15.41
CA THR B 112 10.56 -33.05 16.13
C THR B 112 9.43 -32.61 15.22
N GLN B 113 8.21 -32.57 15.76
CA GLN B 113 7.06 -32.12 15.01
C GLN B 113 7.34 -30.68 14.40
N GLU B 114 7.98 -29.83 15.19
CA GLU B 114 8.24 -28.41 14.83
C GLU B 114 9.23 -28.32 13.67
N ASP B 115 10.29 -29.14 13.74
CA ASP B 115 11.31 -29.32 12.69
C ASP B 115 10.72 -29.85 11.40
N ILE B 116 9.86 -30.85 11.51
CA ILE B 116 9.23 -31.43 10.35
C ILE B 116 8.34 -30.39 9.67
N SER B 117 7.55 -29.66 10.44
CA SER B 117 6.67 -28.66 9.88
C SER B 117 7.47 -27.58 9.15
N ASP B 118 8.58 -27.14 9.75
CA ASP B 118 9.46 -26.13 9.07
C ASP B 118 10.01 -26.70 7.78
N TYR B 119 10.48 -27.95 7.78
CA TYR B 119 11.01 -28.55 6.59
C TYR B 119 9.95 -28.50 5.48
N VAL B 120 8.71 -28.87 5.82
CA VAL B 120 7.67 -28.91 4.82
C VAL B 120 7.37 -27.48 4.29
N ALA B 121 7.28 -26.55 5.22
CA ALA B 121 6.98 -25.18 4.84
C ALA B 121 8.08 -24.60 3.95
N ALA B 122 9.32 -24.93 4.25
CA ALA B 122 10.47 -24.23 3.69
C ALA B 122 10.95 -24.88 2.37
N ASN B 123 10.64 -26.19 2.18
CA ASN B 123 11.09 -26.99 1.07
C ASN B 123 10.08 -27.66 0.19
N MET B 124 8.82 -27.76 0.64
CA MET B 124 7.84 -28.50 -0.10
C MET B 124 6.61 -27.70 -0.46
N LYS B 125 6.14 -26.84 0.45
CA LYS B 125 4.85 -26.24 0.28
C LYS B 125 4.76 -25.36 -0.95
N ASP B 126 5.79 -24.56 -1.20
CA ASP B 126 5.60 -23.59 -2.31
C ASP B 126 5.50 -24.27 -3.65
N ALA B 127 6.35 -25.27 -3.93
CA ALA B 127 6.19 -26.02 -5.19
C ALA B 127 4.87 -26.73 -5.32
N ILE B 128 4.39 -27.34 -4.26
CA ILE B 128 3.00 -27.87 -4.30
C ILE B 128 1.95 -26.80 -4.60
N SER B 129 2.05 -25.66 -3.92
CA SER B 129 1.08 -24.55 -4.12
C SER B 129 1.07 -23.99 -5.53
N ARG B 130 2.18 -24.14 -6.27
CA ARG B 130 2.23 -23.70 -7.66
C ARG B 130 1.79 -24.78 -8.63
N THR B 131 1.45 -25.96 -8.16
CA THR B 131 1.10 -27.03 -9.06
C THR B 131 -0.32 -26.71 -9.63
N SER B 132 -0.51 -26.87 -10.92
CA SER B 132 -1.83 -26.54 -11.55
C SER B 132 -2.92 -27.48 -11.00
N GLY B 133 -4.06 -26.91 -10.64
CA GLY B 133 -5.12 -27.65 -10.01
C GLY B 133 -5.21 -27.49 -8.50
N VAL B 134 -4.15 -26.99 -7.88
CA VAL B 134 -4.10 -26.90 -6.45
C VAL B 134 -4.69 -25.52 -6.09
N GLY B 135 -5.81 -25.54 -5.39
CA GLY B 135 -6.59 -24.38 -5.08
C GLY B 135 -6.25 -23.74 -3.75
N ASP B 136 -5.90 -24.56 -2.78
CA ASP B 136 -5.59 -24.11 -1.42
C ASP B 136 -4.69 -25.21 -0.84
N VAL B 137 -3.70 -24.81 -0.06
CA VAL B 137 -2.82 -25.74 0.66
C VAL B 137 -2.74 -25.30 2.06
N GLN B 138 -3.12 -26.18 2.97
CA GLN B 138 -3.04 -25.88 4.40
C GLN B 138 -1.81 -26.62 4.96
N LEU B 139 -0.89 -25.93 5.60
CA LEU B 139 0.22 -26.60 6.31
C LEU B 139 -0.30 -27.04 7.70
N PHE B 140 -0.03 -28.29 8.06
CA PHE B 140 -0.43 -28.79 9.38
C PHE B 140 0.73 -28.63 10.34
N GLY B 141 0.92 -27.39 10.74
CA GLY B 141 2.07 -26.90 11.44
C GLY B 141 2.38 -25.48 11.01
N SER B 142 3.59 -25.02 11.30
CA SER B 142 3.98 -23.68 10.99
C SER B 142 5.45 -23.65 10.55
N GLN B 143 5.74 -22.72 9.63
CA GLN B 143 7.14 -22.44 9.21
C GLN B 143 7.86 -21.84 10.41
N TYR B 144 9.15 -22.10 10.58
CA TYR B 144 9.90 -21.32 11.58
C TYR B 144 9.94 -19.81 11.30
N ALA B 145 9.94 -19.04 12.39
CA ALA B 145 10.33 -17.63 12.47
C ALA B 145 11.48 -17.58 13.42
N MET B 146 12.22 -16.47 13.40
CA MET B 146 13.17 -16.19 14.46
C MET B 146 12.32 -15.66 15.63
N ARG B 147 12.38 -16.33 16.76
CA ARG B 147 11.54 -16.00 17.92
C ARG B 147 12.44 -15.34 18.93
N ILE B 148 12.07 -14.10 19.27
CA ILE B 148 12.69 -13.34 20.34
C ILE B 148 11.73 -13.38 21.51
N TRP B 149 12.06 -14.18 22.50
CA TRP B 149 11.19 -14.40 23.68
C TRP B 149 11.68 -13.47 24.82
N MET B 150 10.95 -12.40 25.04
CA MET B 150 11.34 -11.29 25.92
C MET B 150 11.11 -11.60 27.38
N ASN B 151 12.03 -11.11 28.20
CA ASN B 151 11.92 -11.25 29.66
C ASN B 151 11.67 -9.85 30.26
N PRO B 152 10.53 -9.63 30.88
CA PRO B 152 10.24 -8.30 31.38
C PRO B 152 11.09 -7.84 32.58
N ASN B 153 11.60 -8.80 33.35
CA ASN B 153 12.47 -8.49 34.50
C ASN B 153 13.80 -7.96 33.96
N GLU B 154 14.35 -8.59 32.92
CA GLU B 154 15.60 -8.10 32.37
C GLU B 154 15.42 -6.80 31.62
N LEU B 155 14.32 -6.65 30.85
CA LEU B 155 14.04 -5.36 30.19
C LEU B 155 13.98 -4.26 31.25
N ASN B 156 13.23 -4.46 32.32
CA ASN B 156 13.10 -3.41 33.33
C ASN B 156 14.47 -3.07 34.00
N LYS B 157 15.25 -4.09 34.35
CA LYS B 157 16.59 -3.92 34.88
C LYS B 157 17.45 -2.98 34.02
N PHE B 158 17.35 -3.07 32.70
CA PHE B 158 18.13 -2.18 31.82
C PHE B 158 17.35 -0.97 31.30
N GLN B 159 16.18 -0.68 31.86
CA GLN B 159 15.35 0.46 31.49
C GLN B 159 14.95 0.43 30.02
N LEU B 160 14.56 -0.77 29.57
CA LEU B 160 14.13 -1.01 28.19
C LEU B 160 12.74 -1.61 28.15
N THR B 161 12.14 -1.50 26.94
CA THR B 161 10.81 -2.03 26.63
C THR B 161 10.80 -2.82 25.28
N PRO B 162 9.71 -3.55 25.01
CA PRO B 162 9.58 -4.14 23.69
C PRO B 162 9.69 -3.16 22.52
N VAL B 163 9.39 -1.86 22.74
CA VAL B 163 9.55 -0.85 21.70
C VAL B 163 11.04 -0.73 21.31
N ASP B 164 11.93 -0.70 22.32
CA ASP B 164 13.36 -0.60 22.12
C ASP B 164 13.85 -1.83 21.42
N VAL B 165 13.32 -2.99 21.79
CA VAL B 165 13.72 -4.28 21.12
C VAL B 165 13.35 -4.25 19.63
N ILE B 166 12.12 -3.86 19.34
CA ILE B 166 11.61 -3.80 17.95
C ILE B 166 12.49 -2.83 17.12
N THR B 167 12.78 -1.66 17.69
CA THR B 167 13.53 -0.60 17.01
C THR B 167 14.93 -1.12 16.66
N ALA B 168 15.56 -1.77 17.62
CA ALA B 168 16.90 -2.32 17.43
C ALA B 168 16.91 -3.40 16.38
N ILE B 169 15.89 -4.27 16.37
CA ILE B 169 15.83 -5.37 15.37
C ILE B 169 15.70 -4.78 13.95
N LYS B 170 14.82 -3.81 13.81
CA LYS B 170 14.67 -3.12 12.55
C LYS B 170 15.95 -2.44 12.06
N ALA B 171 16.68 -1.87 12.97
CA ALA B 171 17.96 -1.20 12.64
C ALA B 171 19.12 -2.16 12.36
N GLN B 172 19.17 -3.28 13.06
CA GLN B 172 20.33 -4.15 13.05
C GLN B 172 20.11 -5.49 12.34
N ASN B 173 18.88 -5.80 11.94
CA ASN B 173 18.59 -6.89 11.00
C ASN B 173 18.02 -6.23 9.78
N ALA B 174 18.91 -5.65 8.96
CA ALA B 174 18.50 -4.75 7.89
C ALA B 174 19.21 -5.13 6.63
N GLN B 175 18.58 -4.84 5.50
CA GLN B 175 19.24 -5.17 4.21
C GLN B 175 19.36 -3.86 3.48
N VAL B 176 20.57 -3.35 3.37
CA VAL B 176 20.80 -1.97 2.97
C VAL B 176 21.24 -1.81 1.53
N ALA B 177 20.53 -0.91 0.79
CA ALA B 177 20.92 -0.64 -0.61
C ALA B 177 21.95 0.51 -0.51
N ALA B 178 23.20 0.25 -0.91
CA ALA B 178 24.35 1.18 -0.64
C ALA B 178 25.07 1.67 -1.90
N GLY B 179 24.57 1.34 -3.06
CA GLY B 179 25.14 1.83 -4.29
C GLY B 179 26.44 1.13 -4.70
N GLN B 180 27.27 1.83 -5.44
CA GLN B 180 28.44 1.20 -6.08
C GLN B 180 29.61 2.17 -6.04
N LEU B 181 30.80 1.63 -5.90
CA LEU B 181 32.03 2.34 -6.30
C LEU B 181 32.04 2.44 -7.83
N GLY B 182 32.35 3.64 -8.34
CA GLY B 182 32.44 3.82 -9.78
C GLY B 182 31.10 3.70 -10.45
N GLY B 183 30.04 4.03 -9.68
CA GLY B 183 28.65 3.86 -10.18
C GLY B 183 28.28 4.87 -11.24
N THR B 184 27.25 4.57 -12.01
CA THR B 184 26.81 5.50 -13.06
C THR B 184 26.00 6.68 -12.50
N PRO B 185 26.15 7.88 -13.05
CA PRO B 185 27.07 8.28 -14.10
C PRO B 185 28.44 8.48 -13.46
N PRO B 186 29.49 8.04 -14.13
CA PRO B 186 30.79 8.01 -13.44
C PRO B 186 31.65 9.21 -13.85
N VAL B 187 32.80 9.39 -13.20
CA VAL B 187 33.75 10.40 -13.67
C VAL B 187 34.54 9.78 -14.84
N LYS B 188 35.08 10.63 -15.71
CA LYS B 188 36.03 10.17 -16.76
C LYS B 188 37.28 9.56 -16.15
N GLY B 189 37.77 8.51 -16.78
CA GLY B 189 38.95 7.81 -16.33
C GLY B 189 38.74 6.77 -15.21
N GLN B 190 37.49 6.53 -14.78
CA GLN B 190 37.23 5.58 -13.70
C GLN B 190 37.65 4.15 -14.13
N GLN B 191 38.39 3.43 -13.30
CA GLN B 191 38.85 2.07 -13.61
C GLN B 191 38.11 0.95 -12.86
N LEU B 192 37.54 1.29 -11.71
CA LEU B 192 36.96 0.32 -10.80
C LEU B 192 35.43 0.52 -10.69
N ASN B 193 34.69 -0.56 -10.84
CA ASN B 193 33.26 -0.59 -10.55
C ASN B 193 33.01 -1.78 -9.65
N ALA B 194 32.38 -1.53 -8.51
CA ALA B 194 32.10 -2.59 -7.59
C ALA B 194 30.92 -2.23 -6.69
N SER B 195 30.10 -3.24 -6.38
CA SER B 195 29.01 -3.04 -5.46
C SER B 195 29.49 -2.72 -4.03
N ILE B 196 28.82 -1.84 -3.35
CA ILE B 196 29.04 -1.58 -1.95
C ILE B 196 28.02 -2.45 -1.18
N ILE B 197 28.51 -3.29 -0.27
CA ILE B 197 27.71 -4.17 0.57
C ILE B 197 27.76 -3.67 1.96
N ALA B 198 26.61 -3.32 2.54
CA ALA B 198 26.61 -2.77 3.88
C ALA B 198 25.88 -3.79 4.72
N GLN B 199 24.93 -3.38 5.55
CA GLN B 199 24.23 -4.37 6.35
C GLN B 199 23.44 -5.35 5.51
N THR B 200 23.39 -6.58 6.01
CA THR B 200 22.64 -7.63 5.36
C THR B 200 21.74 -8.32 6.42
N ARG B 201 20.63 -8.96 5.99
CA ARG B 201 19.76 -9.67 6.96
C ARG B 201 20.57 -10.64 7.78
N LEU B 202 20.26 -10.70 9.06
CA LEU B 202 20.80 -11.74 9.91
C LEU B 202 20.29 -13.15 9.56
N THR B 203 21.10 -14.18 9.88
CA THR B 203 20.78 -15.54 9.49
C THR B 203 20.74 -16.62 10.57
N SER B 204 20.95 -16.27 11.80
CA SER B 204 21.16 -17.23 12.87
C SER B 204 20.76 -16.61 14.23
N THR B 205 20.39 -17.45 15.20
CA THR B 205 20.13 -17.00 16.55
C THR B 205 21.32 -16.29 17.15
N GLU B 206 22.52 -16.77 16.85
CA GLU B 206 23.73 -16.12 17.38
C GLU B 206 23.82 -14.66 16.99
N GLU B 207 23.52 -14.37 15.70
CA GLU B 207 23.56 -13.01 15.24
C GLU B 207 22.47 -12.12 15.87
N PHE B 208 21.28 -12.66 16.03
CA PHE B 208 20.22 -11.89 16.71
C PHE B 208 20.58 -11.65 18.14
N GLY B 209 21.20 -12.64 18.76
CA GLY B 209 21.63 -12.51 20.15
C GLY B 209 22.58 -11.40 20.42
N LYS B 210 23.39 -11.03 19.43
CA LYS B 210 24.33 -9.97 19.61
C LYS B 210 23.90 -8.55 19.15
N ILE B 211 22.62 -8.40 18.83
CA ILE B 211 22.08 -7.12 18.51
C ILE B 211 22.32 -6.24 19.75
N LEU B 212 22.81 -5.04 19.50
CA LEU B 212 23.19 -4.13 20.56
C LEU B 212 22.07 -3.20 20.91
N LEU B 213 21.49 -3.41 22.09
CA LEU B 213 20.39 -2.60 22.54
C LEU B 213 20.82 -1.30 23.12
N LYS B 214 21.81 -1.32 24.01
CA LYS B 214 22.38 -0.08 24.52
C LYS B 214 23.77 -0.26 25.10
N VAL B 215 24.42 0.89 25.27
CA VAL B 215 25.71 0.98 25.97
C VAL B 215 25.49 1.70 27.31
N ASN B 216 25.76 1.05 28.43
CA ASN B 216 25.49 1.68 29.76
C ASN B 216 26.37 2.89 30.08
N GLN B 217 26.05 3.59 31.18
CA GLN B 217 26.90 4.69 31.70
C GLN B 217 28.40 4.38 31.70
N ASP B 218 28.76 3.29 32.38
CA ASP B 218 30.14 2.77 32.44
C ASP B 218 30.71 2.08 31.16
N GLY B 219 29.93 2.00 30.09
CA GLY B 219 30.39 1.40 28.84
C GLY B 219 30.17 -0.10 28.75
N SER B 220 29.49 -0.73 29.72
CA SER B 220 29.06 -2.12 29.54
C SER B 220 27.90 -2.12 28.52
N ARG B 221 27.81 -3.25 27.82
CA ARG B 221 26.91 -3.44 26.69
C ARG B 221 25.71 -4.27 27.10
N VAL B 222 24.52 -3.92 26.58
CA VAL B 222 23.34 -4.74 26.77
C VAL B 222 23.00 -5.31 25.38
N LEU B 223 23.14 -6.63 25.26
CA LEU B 223 22.83 -7.37 24.07
C LEU B 223 21.39 -7.90 24.11
N LEU B 224 20.79 -8.14 22.93
CA LEU B 224 19.46 -8.74 22.89
C LEU B 224 19.40 -10.02 23.66
N ARG B 225 20.44 -10.88 23.59
CA ARG B 225 20.45 -12.09 24.38
C ARG B 225 20.45 -11.86 25.94
N ASP B 226 20.70 -10.65 26.37
CA ASP B 226 20.62 -10.28 27.80
C ASP B 226 19.21 -9.99 28.28
N VAL B 227 18.28 -9.82 27.34
CA VAL B 227 16.89 -9.59 27.73
C VAL B 227 15.91 -10.54 27.12
N ALA B 228 16.38 -11.53 26.37
CA ALA B 228 15.49 -12.42 25.64
C ALA B 228 16.15 -13.75 25.42
N LYS B 229 15.33 -14.79 25.27
CA LYS B 229 15.80 -16.06 24.74
C LYS B 229 15.62 -16.03 23.22
N ILE B 230 16.60 -16.47 22.46
CA ILE B 230 16.56 -16.40 20.97
C ILE B 230 16.55 -17.77 20.35
N GLU B 231 15.52 -18.10 19.61
CA GLU B 231 15.37 -19.43 19.04
C GLU B 231 14.54 -19.45 17.77
N LEU B 232 14.81 -20.38 16.87
CA LEU B 232 13.86 -20.68 15.82
C LEU B 232 12.63 -21.31 16.41
N GLY B 233 11.45 -20.90 16.00
CA GLY B 233 10.21 -21.57 16.40
C GLY B 233 9.11 -21.10 15.52
N GLY B 234 7.96 -21.76 15.57
CA GLY B 234 6.90 -21.48 14.69
C GLY B 234 6.43 -20.03 14.71
N GLU B 235 6.02 -19.53 13.55
CA GLU B 235 5.32 -18.26 13.49
C GLU B 235 4.08 -18.33 14.36
N ASN B 236 3.43 -19.50 14.38
CA ASN B 236 2.47 -19.77 15.43
C ASN B 236 2.60 -21.20 15.89
N TYR B 237 1.87 -21.49 16.97
CA TYR B 237 2.00 -22.75 17.67
C TYR B 237 0.60 -23.40 17.81
N ASP B 238 -0.26 -23.16 16.84
CA ASP B 238 -1.69 -23.50 16.94
C ASP B 238 -2.02 -24.86 16.37
N ILE B 239 -1.18 -25.40 15.48
CA ILE B 239 -1.51 -26.62 14.77
C ILE B 239 -0.40 -27.65 14.96
N ILE B 240 -0.76 -28.83 15.49
CA ILE B 240 0.16 -29.89 15.74
C ILE B 240 -0.44 -31.21 15.15
N ALA B 241 0.34 -32.01 14.40
CA ALA B 241 -0.18 -33.20 13.78
C ALA B 241 0.57 -34.44 14.25
N GLU B 242 -0.07 -35.59 14.10
CA GLU B 242 0.51 -36.90 14.36
C GLU B 242 0.02 -37.89 13.34
N PHE B 243 0.86 -38.87 13.04
CA PHE B 243 0.56 -39.93 12.10
C PHE B 243 0.77 -41.24 12.88
N ASN B 244 -0.29 -41.99 13.04
CA ASN B 244 -0.23 -43.19 13.87
C ASN B 244 0.45 -43.00 15.19
N GLY B 245 0.14 -41.88 15.85
CA GLY B 245 0.80 -41.54 17.10
C GLY B 245 2.19 -40.91 17.07
N GLN B 246 2.86 -40.83 15.91
CA GLN B 246 4.19 -40.25 15.87
C GLN B 246 4.16 -38.78 15.37
N PRO B 247 5.15 -37.97 15.75
CA PRO B 247 5.25 -36.56 15.27
C PRO B 247 5.16 -36.47 13.78
N ALA B 248 4.35 -35.52 13.32
CA ALA B 248 4.22 -35.37 11.90
C ALA B 248 3.94 -33.94 11.50
N SER B 249 4.10 -33.68 10.21
CA SER B 249 3.45 -32.51 9.61
C SER B 249 2.81 -32.99 8.33
N GLY B 250 2.27 -32.08 7.58
CA GLY B 250 1.85 -32.33 6.23
C GLY B 250 1.14 -31.19 5.54
N LEU B 251 0.55 -31.49 4.41
CA LEU B 251 -0.15 -30.49 3.57
C LEU B 251 -1.51 -30.98 3.30
N GLY B 252 -2.51 -30.21 3.64
CA GLY B 252 -3.83 -30.50 3.16
C GLY B 252 -4.17 -29.79 1.89
N ILE B 253 -4.53 -30.53 0.83
CA ILE B 253 -4.63 -29.93 -0.52
C ILE B 253 -6.05 -29.94 -0.95
N LYS B 254 -6.54 -28.76 -1.37
CA LYS B 254 -7.92 -28.61 -1.91
C LYS B 254 -7.86 -28.32 -3.41
N LEU B 255 -8.79 -28.91 -4.15
CA LEU B 255 -8.75 -28.88 -5.58
C LEU B 255 -9.30 -27.53 -6.05
N ALA B 256 -8.64 -26.92 -7.02
CA ALA B 256 -9.12 -25.63 -7.60
C ALA B 256 -10.44 -25.85 -8.33
N THR B 257 -11.35 -24.87 -8.28
CA THR B 257 -12.69 -25.02 -8.85
C THR B 257 -12.53 -25.32 -10.33
N GLY B 258 -13.16 -26.40 -10.78
CA GLY B 258 -13.07 -26.84 -12.15
C GLY B 258 -11.84 -27.62 -12.56
N ALA B 259 -10.88 -27.81 -11.69
CA ALA B 259 -9.72 -28.59 -12.08
C ALA B 259 -10.08 -30.08 -12.04
N ASN B 260 -9.25 -30.88 -12.66
CA ASN B 260 -9.42 -32.32 -12.70
C ASN B 260 -8.77 -32.96 -11.49
N ALA B 261 -9.57 -33.70 -10.68
CA ALA B 261 -9.04 -34.35 -9.44
C ALA B 261 -7.91 -35.36 -9.71
N LEU B 262 -8.05 -36.24 -10.71
CA LEU B 262 -6.99 -37.25 -10.96
C LEU B 262 -5.74 -36.64 -11.53
N ASP B 263 -5.92 -35.73 -12.46
CA ASP B 263 -4.75 -35.04 -13.06
C ASP B 263 -3.94 -34.22 -12.01
N THR B 264 -4.68 -33.50 -11.15
CA THR B 264 -4.04 -32.71 -10.09
C THR B 264 -3.28 -33.59 -9.11
N ALA B 265 -3.93 -34.64 -8.64
CA ALA B 265 -3.31 -35.59 -7.74
C ALA B 265 -2.02 -36.18 -8.31
N ALA B 266 -2.05 -36.57 -9.60
CA ALA B 266 -0.82 -37.09 -10.27
C ALA B 266 0.27 -36.02 -10.40
N ALA B 267 -0.10 -34.76 -10.74
CA ALA B 267 0.91 -33.69 -10.75
C ALA B 267 1.56 -33.51 -9.35
N ILE B 268 0.75 -33.57 -8.28
CA ILE B 268 1.30 -33.48 -6.92
C ILE B 268 2.30 -34.59 -6.63
N ARG B 269 1.93 -35.82 -6.94
CA ARG B 269 2.87 -36.96 -6.75
C ARG B 269 4.18 -36.78 -7.52
N ALA B 270 4.09 -36.32 -8.77
CA ALA B 270 5.29 -36.06 -9.60
C ALA B 270 6.17 -35.00 -8.94
N GLU B 271 5.53 -33.97 -8.33
CA GLU B 271 6.34 -32.93 -7.67
C GLU B 271 7.06 -33.46 -6.40
N LEU B 272 6.36 -34.26 -5.59
CA LEU B 272 6.97 -34.92 -4.42
C LEU B 272 8.14 -35.82 -4.77
N ALA B 273 8.00 -36.57 -5.88
CA ALA B 273 9.10 -37.38 -6.39
C ALA B 273 10.35 -36.58 -6.76
N LYS B 274 10.25 -35.31 -7.15
CA LYS B 274 11.46 -34.43 -7.30
C LYS B 274 12.07 -34.03 -6.02
N MET B 275 11.30 -33.95 -4.93
CA MET B 275 11.86 -33.47 -3.66
C MET B 275 12.51 -34.57 -2.89
N GLU B 276 11.89 -35.77 -2.94
CA GLU B 276 12.34 -36.94 -2.09
C GLU B 276 13.83 -37.21 -2.06
N PRO B 277 14.51 -37.21 -3.24
CA PRO B 277 15.96 -37.49 -3.16
C PRO B 277 16.77 -36.54 -2.26
N PHE B 278 16.25 -35.34 -1.98
CA PHE B 278 17.02 -34.37 -1.17
C PHE B 278 16.58 -34.26 0.26
N PHE B 279 15.66 -35.12 0.71
CA PHE B 279 15.23 -35.09 2.08
C PHE B 279 16.36 -35.37 3.01
N PRO B 280 16.42 -34.71 4.16
CA PRO B 280 17.34 -35.14 5.21
C PRO B 280 17.06 -36.58 5.66
N SER B 281 18.05 -37.29 6.19
CA SER B 281 17.85 -38.71 6.54
C SER B 281 16.70 -38.92 7.55
N GLY B 282 15.88 -39.92 7.25
CA GLY B 282 14.79 -40.27 8.12
C GLY B 282 13.46 -39.72 7.61
N LEU B 283 13.50 -38.62 6.83
CA LEU B 283 12.24 -38.01 6.40
C LEU B 283 11.61 -38.85 5.36
N LYS B 284 10.29 -38.96 5.43
CA LYS B 284 9.56 -39.80 4.61
C LYS B 284 8.14 -39.23 4.44
N ILE B 285 7.61 -39.42 3.24
CA ILE B 285 6.28 -39.05 2.89
C ILE B 285 5.35 -40.23 3.13
N VAL B 286 4.21 -39.95 3.76
CA VAL B 286 3.14 -40.90 3.84
C VAL B 286 1.91 -40.33 3.24
N TYR B 287 0.96 -41.21 2.88
CA TYR B 287 -0.24 -40.83 2.18
C TYR B 287 -1.47 -41.22 2.98
N PRO B 288 -1.87 -40.39 3.95
CA PRO B 288 -2.96 -40.81 4.84
C PRO B 288 -4.34 -40.54 4.37
N TYR B 289 -4.53 -39.83 3.26
CA TYR B 289 -5.87 -39.49 2.84
C TYR B 289 -5.82 -39.14 1.36
N ASP B 290 -6.18 -40.11 0.54
CA ASP B 290 -6.34 -39.91 -0.91
C ASP B 290 -7.81 -40.10 -1.18
N THR B 291 -8.47 -39.10 -1.72
CA THR B 291 -9.81 -39.36 -2.19
C THR B 291 -9.75 -40.05 -3.57
N GLN B 309 -15.37 -44.65 -0.58
CA GLN B 309 -14.54 -45.80 -0.19
C GLN B 309 -13.03 -45.49 0.06
N GLY B 310 -12.46 -46.24 1.01
CA GLY B 310 -11.06 -46.24 1.33
C GLY B 310 -10.70 -45.33 2.50
N VAL B 311 -11.44 -44.24 2.71
CA VAL B 311 -11.01 -43.16 3.60
C VAL B 311 -12.21 -42.57 4.21
N PHE B 312 -12.03 -41.91 5.35
CA PHE B 312 -13.06 -41.05 5.92
C PHE B 312 -12.39 -40.11 6.93
N MET B 313 -13.16 -39.19 7.49
CA MET B 313 -12.67 -38.23 8.46
C MET B 313 -13.42 -38.32 9.76
N THR B 314 -12.81 -37.82 10.84
CA THR B 314 -13.50 -37.71 12.09
C THR B 314 -13.28 -36.28 12.53
N MET B 315 -14.39 -35.58 12.76
CA MET B 315 -14.36 -34.20 13.31
C MET B 315 -14.35 -34.25 14.80
N VAL B 316 -13.65 -33.30 15.40
CA VAL B 316 -13.57 -33.16 16.79
C VAL B 316 -13.83 -31.68 17.04
N GLN B 317 -14.95 -31.39 17.72
CA GLN B 317 -15.33 -29.99 18.02
C GLN B 317 -15.73 -29.88 19.50
N LEU B 318 -14.89 -29.18 20.24
CA LEU B 318 -15.06 -28.97 21.66
C LEU B 318 -15.70 -27.56 21.86
N PRO B 319 -16.32 -27.29 23.02
CA PRO B 319 -16.89 -25.92 23.17
C PRO B 319 -15.81 -24.85 23.18
N ALA B 320 -16.16 -23.62 22.79
CA ALA B 320 -15.16 -22.50 22.81
C ALA B 320 -14.62 -22.39 24.22
N GLY B 321 -13.32 -22.11 24.37
CA GLY B 321 -12.70 -22.04 25.70
C GLY B 321 -11.86 -23.29 26.05
N ALA B 322 -12.03 -24.38 25.30
CA ALA B 322 -11.22 -25.62 25.54
C ALA B 322 -9.78 -25.33 25.21
N THR B 323 -8.85 -25.90 25.97
CA THR B 323 -7.41 -25.80 25.73
C THR B 323 -6.91 -26.77 24.63
N GLN B 324 -5.79 -26.44 23.99
CA GLN B 324 -5.00 -27.39 23.20
C GLN B 324 -4.89 -28.79 23.89
N GLU B 325 -4.61 -28.79 25.18
CA GLU B 325 -4.47 -30.01 25.97
C GLU B 325 -5.78 -30.85 25.98
N ARG B 326 -6.96 -30.29 26.18
CA ARG B 326 -8.18 -31.10 26.16
C ARG B 326 -8.55 -31.53 24.74
N THR B 327 -8.31 -30.70 23.72
CA THR B 327 -8.55 -31.17 22.36
C THR B 327 -7.68 -32.40 22.07
N GLN B 328 -6.45 -32.35 22.56
CA GLN B 328 -5.49 -33.43 22.33
C GLN B 328 -5.94 -34.69 22.99
N LYS B 329 -6.57 -34.54 24.15
CA LYS B 329 -7.01 -35.70 24.88
C LYS B 329 -8.15 -36.39 24.15
N VAL B 330 -9.06 -35.65 23.51
CA VAL B 330 -10.12 -36.19 22.73
C VAL B 330 -9.56 -36.88 21.46
N LEU B 331 -8.61 -36.23 20.79
CA LEU B 331 -8.00 -36.83 19.58
C LEU B 331 -7.24 -38.09 19.92
N ASN B 332 -6.59 -38.14 21.11
CA ASN B 332 -5.89 -39.34 21.51
C ASN B 332 -6.93 -40.47 21.70
N GLU B 333 -8.13 -40.19 22.25
CA GLU B 333 -9.15 -41.20 22.38
C GLU B 333 -9.65 -41.71 20.99
N VAL B 334 -9.85 -40.78 20.06
CA VAL B 334 -10.26 -41.14 18.70
C VAL B 334 -9.17 -42.01 18.01
N THR B 335 -7.95 -41.55 18.05
CA THR B 335 -6.85 -42.25 17.43
C THR B 335 -6.70 -43.69 18.02
N HIS B 336 -6.78 -43.77 19.33
CA HIS B 336 -6.64 -45.04 20.07
C HIS B 336 -7.70 -46.04 19.65
N TYR B 337 -8.93 -45.59 19.51
CA TYR B 337 -10.04 -46.40 19.04
C TYR B 337 -9.74 -47.01 17.65
N TYR B 338 -9.26 -46.21 16.72
CA TYR B 338 -8.95 -46.72 15.41
C TYR B 338 -7.71 -47.66 15.39
N LEU B 339 -6.71 -47.40 16.21
CA LEU B 339 -5.49 -48.21 16.21
C LEU B 339 -5.56 -49.44 17.11
N THR B 340 -6.63 -49.59 17.88
CA THR B 340 -6.85 -50.78 18.66
C THR B 340 -8.14 -51.50 18.25
N LYS B 341 -9.29 -50.90 18.50
CA LYS B 341 -10.55 -51.55 18.11
C LYS B 341 -10.73 -51.81 16.62
N GLU B 342 -10.29 -50.89 15.77
CA GLU B 342 -10.40 -51.07 14.31
C GLU B 342 -9.10 -51.41 13.58
N LYS B 343 -8.15 -51.95 14.29
CA LYS B 343 -6.80 -52.12 13.69
C LYS B 343 -6.80 -53.09 12.53
N ASN B 344 -7.77 -54.00 12.47
CA ASN B 344 -7.90 -54.85 11.29
C ASN B 344 -8.45 -54.13 10.08
N ASN B 345 -9.15 -53.04 10.28
CA ASN B 345 -9.65 -52.30 9.14
C ASN B 345 -8.89 -51.04 8.82
N VAL B 346 -8.22 -50.43 9.77
CA VAL B 346 -7.57 -49.14 9.61
C VAL B 346 -6.08 -49.28 9.38
N GLU B 347 -5.61 -48.69 8.29
CA GLU B 347 -4.15 -48.63 8.02
C GLU B 347 -3.52 -47.46 8.77
N SER B 348 -4.13 -46.29 8.71
CA SER B 348 -3.53 -45.16 9.37
C SER B 348 -4.53 -44.13 9.81
N VAL B 349 -4.07 -43.34 10.78
CA VAL B 349 -4.74 -42.17 11.25
C VAL B 349 -3.80 -40.96 11.23
N PHE B 350 -4.21 -39.88 10.57
CA PHE B 350 -3.44 -38.62 10.56
C PHE B 350 -4.32 -37.61 11.29
N ALA B 351 -3.89 -37.26 12.49
CA ALA B 351 -4.69 -36.41 13.38
C ALA B 351 -4.08 -35.04 13.57
N VAL B 352 -4.94 -34.02 13.47
CA VAL B 352 -4.50 -32.67 13.51
C VAL B 352 -5.26 -31.96 14.64
N ASN B 353 -4.51 -31.43 15.58
CA ASN B 353 -5.05 -30.65 16.70
C ASN B 353 -4.86 -29.16 16.35
N GLY B 354 -5.97 -28.45 16.29
CA GLY B 354 -6.01 -27.04 16.12
C GLY B 354 -6.58 -26.59 14.80
N PHE B 355 -6.90 -27.53 13.96
CA PHE B 355 -7.52 -27.23 12.72
C PHE B 355 -8.68 -28.19 12.68
N GLY B 356 -9.80 -27.75 12.20
CA GLY B 356 -10.94 -28.65 11.97
C GLY B 356 -11.79 -28.29 10.79
N PHE B 357 -12.88 -29.06 10.64
CA PHE B 357 -13.86 -28.95 9.51
C PHE B 357 -14.18 -27.45 9.34
N ALA B 358 -14.44 -26.75 10.47
CA ALA B 358 -14.59 -25.28 10.52
C ALA B 358 -13.25 -24.49 10.71
N GLY B 359 -12.14 -24.96 10.13
CA GLY B 359 -10.85 -24.25 10.16
C GLY B 359 -10.16 -24.14 11.54
N ARG B 360 -9.48 -23.02 11.78
CA ARG B 360 -8.47 -22.91 12.84
C ARG B 360 -9.06 -22.56 14.22
N GLY B 361 -8.61 -23.25 15.26
CA GLY B 361 -9.03 -22.99 16.63
C GLY B 361 -8.49 -24.01 17.63
N GLN B 362 -8.11 -23.55 18.81
CA GLN B 362 -7.67 -24.32 19.93
C GLN B 362 -8.63 -25.50 20.32
N ASN B 363 -9.89 -25.38 19.93
CA ASN B 363 -10.95 -26.29 20.41
C ASN B 363 -11.40 -27.24 19.34
N THR B 364 -10.65 -27.40 18.21
CA THR B 364 -11.11 -28.19 17.11
C THR B 364 -9.96 -29.08 16.66
N GLY B 365 -10.33 -30.21 16.06
CA GLY B 365 -9.36 -31.13 15.47
C GLY B 365 -10.00 -31.90 14.39
N ILE B 366 -9.18 -32.65 13.69
CA ILE B 366 -9.66 -33.51 12.65
C ILE B 366 -8.72 -34.71 12.56
N ALA B 367 -9.29 -35.84 12.24
CA ALA B 367 -8.51 -37.07 12.00
C ALA B 367 -8.87 -37.64 10.65
N PHE B 368 -7.86 -37.82 9.81
CA PHE B 368 -8.05 -38.41 8.55
C PHE B 368 -7.69 -39.89 8.71
N VAL B 369 -8.61 -40.77 8.33
CA VAL B 369 -8.49 -42.17 8.51
C VAL B 369 -8.41 -42.91 7.16
N SER B 370 -7.38 -43.74 7.01
CA SER B 370 -7.15 -44.49 5.80
C SER B 370 -7.30 -46.01 6.09
N LEU B 371 -8.16 -46.67 5.33
CA LEU B 371 -8.51 -48.05 5.55
C LEU B 371 -7.55 -48.92 4.79
N LYS B 372 -7.38 -50.15 5.28
CA LYS B 372 -6.65 -51.20 4.56
C LYS B 372 -7.35 -51.53 3.27
N ASP B 373 -6.68 -52.27 2.40
CA ASP B 373 -7.31 -52.66 1.13
C ASP B 373 -8.69 -53.27 1.35
N TRP B 374 -9.62 -52.80 0.53
CA TRP B 374 -10.99 -53.29 0.37
C TRP B 374 -11.13 -54.84 0.41
N ALA B 375 -10.20 -55.49 -0.26
CA ALA B 375 -10.17 -56.94 -0.41
C ALA B 375 -9.85 -57.61 0.88
N ASP B 376 -9.12 -56.92 1.77
CA ASP B 376 -8.80 -57.46 3.07
C ASP B 376 -9.76 -57.04 4.17
N ARG B 377 -10.86 -56.45 3.78
CA ARG B 377 -11.98 -56.06 4.69
C ARG B 377 -13.29 -56.72 4.21
N PRO B 378 -13.29 -58.04 4.16
CA PRO B 378 -14.54 -58.72 3.75
C PRO B 378 -15.65 -58.57 4.77
N GLY B 379 -16.88 -58.44 4.30
CA GLY B 379 -18.07 -58.38 5.17
C GLY B 379 -18.66 -56.98 5.09
N GLU B 380 -19.99 -56.87 5.07
CA GLU B 380 -20.64 -55.53 5.11
C GLU B 380 -20.14 -54.77 6.36
N GLU B 381 -19.93 -55.48 7.45
CA GLU B 381 -19.49 -54.86 8.70
C GLU B 381 -18.10 -54.16 8.67
N ASN B 382 -17.30 -54.47 7.65
CA ASN B 382 -15.98 -53.91 7.47
C ASN B 382 -15.83 -52.94 6.32
N LYS B 383 -16.95 -52.39 5.87
CA LYS B 383 -16.95 -51.37 4.85
C LYS B 383 -17.17 -50.01 5.50
N VAL B 384 -16.80 -48.97 4.75
CA VAL B 384 -16.71 -47.61 5.27
C VAL B 384 -17.98 -47.24 6.00
N GLU B 385 -19.14 -47.56 5.44
CA GLU B 385 -20.39 -47.12 6.09
C GLU B 385 -20.58 -47.69 7.50
N ALA B 386 -20.47 -48.99 7.63
CA ALA B 386 -20.60 -49.62 8.92
C ALA B 386 -19.48 -49.15 9.91
N ILE B 387 -18.26 -48.99 9.41
CA ILE B 387 -17.14 -48.50 10.27
C ILE B 387 -17.41 -47.10 10.85
N THR B 388 -17.84 -46.17 10.01
CA THR B 388 -18.08 -44.81 10.47
C THR B 388 -19.22 -44.76 11.43
N MET B 389 -20.23 -45.60 11.19
CA MET B 389 -21.39 -45.66 12.08
C MET B 389 -20.99 -46.24 13.40
N ARG B 390 -20.23 -47.34 13.41
CA ARG B 390 -19.69 -47.84 14.72
C ARG B 390 -18.84 -46.81 15.44
N ALA B 391 -18.01 -46.06 14.70
CA ALA B 391 -17.08 -45.11 15.35
C ALA B 391 -17.88 -43.95 15.95
N THR B 392 -18.81 -43.47 15.15
CA THR B 392 -19.67 -42.36 15.67
C THR B 392 -20.37 -42.80 16.97
N ARG B 393 -20.91 -44.03 16.99
CA ARG B 393 -21.50 -44.55 18.23
C ARG B 393 -20.51 -44.63 19.36
N ALA B 394 -19.32 -45.12 19.10
CA ALA B 394 -18.31 -45.21 20.15
C ALA B 394 -17.87 -43.88 20.71
N PHE B 395 -17.94 -42.84 19.90
CA PHE B 395 -17.50 -41.51 20.29
C PHE B 395 -18.68 -40.64 20.84
N SER B 396 -19.90 -41.17 20.80
CA SER B 396 -21.09 -40.37 21.18
C SER B 396 -21.18 -40.11 22.67
N GLN B 397 -20.36 -40.78 23.50
CA GLN B 397 -20.38 -40.54 24.92
C GLN B 397 -19.15 -39.80 25.38
N ILE B 398 -18.32 -39.25 24.47
CA ILE B 398 -17.23 -38.41 24.93
C ILE B 398 -17.86 -37.10 25.46
N LYS B 399 -17.40 -36.70 26.64
CA LYS B 399 -17.91 -35.52 27.36
C LYS B 399 -17.55 -34.21 26.73
N ASP B 400 -18.56 -33.36 26.64
CA ASP B 400 -18.32 -31.97 26.19
C ASP B 400 -17.48 -31.91 24.89
N ALA B 401 -17.91 -32.66 23.85
CA ALA B 401 -17.25 -32.69 22.53
C ALA B 401 -18.21 -33.29 21.57
N MET B 402 -18.33 -32.69 20.39
CA MET B 402 -19.09 -33.29 19.30
C MET B 402 -18.00 -34.06 18.50
N VAL B 403 -18.13 -35.36 18.40
CA VAL B 403 -17.13 -36.17 17.67
C VAL B 403 -17.89 -37.07 16.76
N PHE B 404 -17.66 -36.89 15.47
CA PHE B 404 -18.22 -37.78 14.48
C PHE B 404 -17.41 -38.08 13.25
N ALA B 405 -17.68 -39.27 12.74
CA ALA B 405 -16.99 -39.86 11.62
C ALA B 405 -17.87 -39.76 10.40
N PHE B 406 -17.32 -39.29 9.28
CA PHE B 406 -18.10 -38.87 8.07
C PHE B 406 -17.25 -38.88 6.79
N ASN B 407 -17.91 -38.72 5.62
CA ASN B 407 -17.26 -38.65 4.27
C ASN B 407 -17.50 -37.41 3.41
N LEU B 408 -16.42 -36.81 2.87
CA LEU B 408 -16.50 -35.79 1.80
C LEU B 408 -15.74 -36.24 0.56
N THR B 418 -28.07 -33.52 4.87
CA THR B 418 -28.75 -32.35 4.34
C THR B 418 -30.17 -32.13 5.01
N GLY B 419 -30.26 -31.12 5.91
CA GLY B 419 -31.53 -30.60 6.46
C GLY B 419 -31.73 -29.14 6.04
N PHE B 420 -31.55 -28.17 6.95
CA PHE B 420 -31.64 -26.75 6.56
C PHE B 420 -30.51 -25.87 7.12
N ASP B 421 -30.37 -24.66 6.56
CA ASP B 421 -29.24 -23.73 6.84
C ASP B 421 -29.79 -22.29 6.90
N PHE B 422 -29.98 -21.80 8.12
CA PHE B 422 -30.73 -20.60 8.40
C PHE B 422 -29.76 -19.52 8.92
N GLU B 423 -29.95 -18.27 8.49
CA GLU B 423 -29.18 -17.17 9.04
C GLU B 423 -30.12 -16.22 9.75
N LEU B 424 -29.84 -16.01 11.02
CA LEU B 424 -30.45 -14.94 11.74
C LEU B 424 -29.65 -13.67 11.57
N ILE B 425 -30.31 -12.53 11.32
CA ILE B 425 -29.61 -11.32 10.87
C ILE B 425 -29.96 -10.06 11.66
N ASP B 426 -28.92 -9.37 12.15
CA ASP B 426 -29.11 -8.06 12.79
C ASP B 426 -29.38 -6.99 11.72
N GLN B 427 -30.65 -6.60 11.52
CA GLN B 427 -31.02 -5.56 10.51
C GLN B 427 -31.05 -4.12 10.99
N ALA B 428 -30.75 -3.85 12.25
CA ALA B 428 -30.99 -2.51 12.79
C ALA B 428 -29.96 -2.06 13.76
N GLY B 429 -28.70 -2.45 13.62
CA GLY B 429 -27.69 -2.01 14.57
C GLY B 429 -27.85 -2.51 16.00
N LEU B 430 -28.49 -3.67 16.17
CA LEU B 430 -28.78 -4.15 17.51
C LEU B 430 -27.57 -4.53 18.36
N GLY B 431 -26.56 -5.18 17.77
CA GLY B 431 -25.37 -5.52 18.51
C GLY B 431 -25.43 -7.00 18.83
N HIS B 432 -24.25 -7.55 19.08
CA HIS B 432 -24.01 -8.96 19.33
C HIS B 432 -24.88 -9.53 20.47
N GLU B 433 -24.93 -8.81 21.60
CA GLU B 433 -25.64 -9.30 22.82
C GLU B 433 -27.14 -9.45 22.55
N LYS B 434 -27.74 -8.46 21.85
CA LYS B 434 -29.15 -8.59 21.53
C LYS B 434 -29.38 -9.65 20.50
N LEU B 435 -28.46 -9.78 19.52
CA LEU B 435 -28.64 -10.81 18.53
C LEU B 435 -28.55 -12.17 19.20
N THR B 436 -27.63 -12.36 20.13
CA THR B 436 -27.53 -13.67 20.84
C THR B 436 -28.84 -13.99 21.58
N GLN B 437 -29.43 -12.97 22.24
CA GLN B 437 -30.75 -13.12 22.91
C GLN B 437 -31.85 -13.55 21.94
N ALA B 438 -31.88 -12.95 20.74
CA ALA B 438 -32.89 -13.33 19.74
C ALA B 438 -32.65 -14.72 19.23
N ARG B 439 -31.39 -15.08 19.04
CA ARG B 439 -31.11 -16.42 18.65
C ARG B 439 -31.63 -17.44 19.69
N ASN B 440 -31.33 -17.20 20.96
CA ASN B 440 -31.70 -18.08 22.06
C ASN B 440 -33.24 -18.17 22.17
N GLN B 441 -33.94 -17.05 21.93
CA GLN B 441 -35.42 -17.06 21.90
C GLN B 441 -35.90 -17.98 20.79
N LEU B 442 -35.30 -17.86 19.61
CA LEU B 442 -35.68 -18.73 18.49
C LEU B 442 -35.38 -20.22 18.75
N LEU B 443 -34.25 -20.50 19.37
CA LEU B 443 -33.84 -21.86 19.64
C LEU B 443 -34.74 -22.44 20.73
N ALA B 444 -35.11 -21.64 21.72
CA ALA B 444 -36.07 -22.11 22.75
C ALA B 444 -37.40 -22.49 22.13
N GLU B 445 -37.89 -21.65 21.22
CA GLU B 445 -39.17 -21.92 20.54
C GLU B 445 -39.10 -23.13 19.66
N ALA B 446 -37.95 -23.33 18.99
CA ALA B 446 -37.77 -24.50 18.13
C ALA B 446 -37.82 -25.81 18.92
N ALA B 447 -37.23 -25.79 20.11
CA ALA B 447 -37.18 -26.96 21.00
C ALA B 447 -38.60 -27.45 21.47
N LYS B 448 -39.56 -26.51 21.53
CA LYS B 448 -40.99 -26.81 21.81
C LYS B 448 -41.79 -27.42 20.65
N HIS B 449 -41.17 -27.68 19.51
CA HIS B 449 -41.83 -28.34 18.39
C HIS B 449 -41.02 -29.54 17.95
N PRO B 450 -40.71 -30.50 18.87
CA PRO B 450 -39.92 -31.67 18.47
C PRO B 450 -40.59 -32.63 17.46
N ASP B 451 -41.87 -32.44 17.18
CA ASP B 451 -42.60 -33.12 16.10
C ASP B 451 -42.31 -32.63 14.66
N MET B 452 -41.81 -31.41 14.51
CA MET B 452 -41.54 -30.78 13.21
C MET B 452 -40.02 -30.54 12.94
N LEU B 453 -39.26 -30.15 13.97
CA LEU B 453 -37.85 -29.74 13.87
C LEU B 453 -37.02 -30.59 14.79
N THR B 454 -35.85 -31.05 14.34
CA THR B 454 -34.90 -31.78 15.19
C THR B 454 -33.46 -31.15 15.18
N SER B 455 -32.80 -31.11 16.34
CA SER B 455 -31.40 -30.65 16.48
C SER B 455 -31.15 -29.22 15.98
N VAL B 456 -32.08 -28.33 16.28
CA VAL B 456 -31.96 -26.94 15.88
C VAL B 456 -30.90 -26.32 16.80
N ARG B 457 -29.76 -26.00 16.18
CA ARG B 457 -28.54 -25.59 16.88
C ARG B 457 -27.77 -24.44 16.17
N PRO B 458 -26.97 -23.70 16.94
CA PRO B 458 -26.08 -22.74 16.30
C PRO B 458 -24.95 -23.40 15.62
N ASN B 459 -24.56 -22.91 14.45
CA ASN B 459 -23.29 -23.41 13.91
C ASN B 459 -21.96 -22.83 14.51
N GLY B 460 -22.05 -21.72 15.22
CA GLY B 460 -20.86 -21.10 15.76
C GLY B 460 -20.58 -21.32 17.23
N LEU B 461 -19.96 -20.32 17.84
CA LEU B 461 -19.36 -20.52 19.12
C LEU B 461 -20.01 -19.57 20.08
N GLU B 462 -20.02 -20.01 21.32
CA GLU B 462 -20.53 -19.21 22.45
C GLU B 462 -19.48 -18.21 22.99
N ASP B 463 -19.99 -17.15 23.64
CA ASP B 463 -19.13 -16.18 24.27
C ASP B 463 -18.36 -16.85 25.37
N THR B 464 -17.17 -16.36 25.59
CA THR B 464 -16.31 -16.82 26.66
C THR B 464 -15.67 -15.70 27.45
N PRO B 465 -15.07 -16.03 28.60
CA PRO B 465 -14.49 -14.95 29.37
C PRO B 465 -13.29 -14.31 28.70
N GLN B 466 -13.25 -12.99 28.78
CA GLN B 466 -12.13 -12.22 28.27
C GLN B 466 -11.71 -11.21 29.32
N PHE B 467 -10.46 -10.80 29.23
CA PHE B 467 -9.80 -9.96 30.23
C PHE B 467 -9.80 -8.55 29.70
N LYS B 468 -10.65 -7.70 30.23
CA LYS B 468 -10.80 -6.34 29.74
C LYS B 468 -9.85 -5.44 30.53
N ILE B 469 -8.91 -4.82 29.85
CA ILE B 469 -7.97 -3.94 30.51
C ILE B 469 -8.19 -2.49 30.00
N ASP B 470 -8.35 -1.55 30.94
CA ASP B 470 -8.58 -0.16 30.62
C ASP B 470 -7.34 0.55 30.93
N ILE B 471 -6.82 1.26 29.95
CA ILE B 471 -5.68 2.13 30.16
C ILE B 471 -6.19 3.44 30.61
N ASP B 472 -5.61 3.99 31.65
CA ASP B 472 -6.07 5.29 32.22
C ASP B 472 -5.29 6.44 31.57
N GLN B 473 -5.96 7.15 30.64
CA GLN B 473 -5.26 8.18 29.82
C GLN B 473 -4.76 9.28 30.69
N GLU B 474 -5.53 9.61 31.74
CA GLU B 474 -5.05 10.67 32.64
C GLU B 474 -3.77 10.35 33.36
N LYS B 475 -3.71 9.14 33.93
CA LYS B 475 -2.53 8.73 34.67
C LYS B 475 -1.32 8.57 33.72
N ALA B 476 -1.57 8.07 32.50
CA ALA B 476 -0.51 7.94 31.55
C ALA B 476 0.10 9.32 31.19
N GLN B 477 -0.77 10.25 30.89
CA GLN B 477 -0.31 11.61 30.62
C GLN B 477 0.36 12.22 31.82
N ALA B 478 -0.18 12.00 33.01
CA ALA B 478 0.48 12.59 34.18
C ALA B 478 1.88 12.07 34.39
N LEU B 479 2.10 10.81 34.08
CA LEU B 479 3.37 10.22 34.30
C LEU B 479 4.33 10.40 33.15
N GLY B 480 3.83 10.90 32.03
CA GLY B 480 4.61 11.03 30.83
C GLY B 480 4.85 9.73 30.07
N VAL B 481 3.93 8.80 30.18
CA VAL B 481 4.01 7.55 29.45
C VAL B 481 3.14 7.65 28.19
N SER B 482 3.77 7.42 27.08
CA SER B 482 3.07 7.38 25.81
C SER B 482 2.10 6.23 25.62
N ILE B 483 0.90 6.53 25.12
CA ILE B 483 -0.09 5.49 24.77
C ILE B 483 0.43 4.50 23.72
N ASN B 484 1.17 4.98 22.74
CA ASN B 484 1.77 4.12 21.76
C ASN B 484 2.77 3.16 22.42
N ASP B 485 3.56 3.61 23.39
CA ASP B 485 4.49 2.69 24.06
C ASP B 485 3.74 1.61 24.90
N ILE B 486 2.64 2.02 25.55
CA ILE B 486 1.82 1.14 26.33
C ILE B 486 1.20 0.07 25.44
N ASN B 487 0.53 0.47 24.36
CA ASN B 487 -0.16 -0.45 23.50
C ASN B 487 0.79 -1.37 22.76
N THR B 488 1.95 -0.89 22.37
CA THR B 488 2.98 -1.75 21.75
C THR B 488 3.51 -2.73 22.75
N THR B 489 3.74 -2.27 23.97
CA THR B 489 4.24 -3.14 24.96
C THR B 489 3.29 -4.28 25.28
N LEU B 490 2.04 -3.94 25.46
CA LEU B 490 1.05 -4.94 25.76
C LEU B 490 0.89 -5.95 24.60
N GLY B 491 0.66 -5.46 23.40
CA GLY B 491 0.42 -6.30 22.22
C GLY B 491 1.65 -7.13 21.80
N ALA B 492 2.79 -6.51 21.80
CA ALA B 492 3.98 -7.30 21.44
C ALA B 492 4.23 -8.39 22.49
N ALA B 493 4.18 -8.07 23.79
CA ALA B 493 4.46 -9.07 24.80
C ALA B 493 3.41 -10.16 24.84
N TRP B 494 2.11 -9.79 24.84
CA TRP B 494 1.06 -10.78 25.06
C TRP B 494 0.49 -11.42 23.81
N GLY B 495 0.72 -10.77 22.65
CA GLY B 495 0.13 -11.19 21.37
C GLY B 495 1.21 -11.58 20.36
N GLY B 496 2.37 -10.96 20.44
CA GLY B 496 3.40 -11.21 19.48
C GLY B 496 3.35 -10.13 18.43
N SER B 497 4.48 -9.81 17.84
CA SER B 497 4.51 -8.80 16.77
C SER B 497 5.57 -9.24 15.72
N TYR B 498 5.14 -9.24 14.47
CA TYR B 498 6.01 -9.49 13.31
C TYR B 498 6.83 -8.24 13.06
N VAL B 499 8.15 -8.32 13.21
CA VAL B 499 8.99 -7.17 13.19
C VAL B 499 9.49 -6.92 11.74
N ASN B 500 10.14 -7.91 11.16
CA ASN B 500 10.69 -7.84 9.81
C ASN B 500 11.17 -9.25 9.40
N ASP B 501 11.85 -9.35 8.26
CA ASP B 501 12.28 -10.64 7.77
C ASP B 501 13.75 -10.89 8.01
N PHE B 502 14.12 -12.15 7.95
CA PHE B 502 15.51 -12.57 8.06
C PHE B 502 15.69 -13.75 7.09
N ILE B 503 16.92 -14.25 6.95
CA ILE B 503 17.19 -15.33 6.02
C ILE B 503 17.64 -16.57 6.73
N ASP B 504 16.81 -17.63 6.68
CA ASP B 504 17.09 -18.89 7.34
C ASP B 504 17.50 -19.89 6.29
N ARG B 505 18.76 -20.28 6.29
CA ARG B 505 19.23 -21.28 5.33
C ARG B 505 18.84 -20.86 3.90
N GLY B 506 19.11 -19.59 3.56
CA GLY B 506 18.80 -19.07 2.22
C GLY B 506 17.34 -18.68 1.94
N ARG B 507 16.44 -18.92 2.87
CA ARG B 507 14.97 -18.63 2.64
C ARG B 507 14.49 -17.52 3.50
N VAL B 508 13.81 -16.58 2.87
CA VAL B 508 13.25 -15.47 3.65
C VAL B 508 12.14 -16.00 4.54
N LYS B 509 12.20 -15.61 5.80
CA LYS B 509 11.24 -15.95 6.86
C LYS B 509 11.06 -14.80 7.83
N LYS B 510 10.14 -14.95 8.75
CA LYS B 510 9.71 -13.82 9.62
C LYS B 510 10.47 -13.80 10.96
N VAL B 511 10.55 -12.63 11.58
CA VAL B 511 11.03 -12.44 12.92
C VAL B 511 9.87 -11.94 13.80
N TYR B 512 9.66 -12.59 14.94
CA TYR B 512 8.60 -12.26 15.90
C TYR B 512 9.20 -11.98 17.26
N VAL B 513 8.66 -10.97 17.93
CA VAL B 513 9.02 -10.68 19.31
C VAL B 513 7.71 -11.00 20.08
N MET B 514 7.88 -11.58 21.26
CA MET B 514 6.77 -11.91 22.17
C MET B 514 7.35 -12.19 23.54
N SER B 515 6.53 -12.12 24.59
CA SER B 515 7.01 -12.55 25.91
C SER B 515 7.28 -14.00 25.92
N GLU B 516 8.34 -14.38 26.56
CA GLU B 516 8.49 -15.80 26.94
C GLU B 516 7.20 -16.21 27.74
N ALA B 517 6.78 -17.44 27.53
CA ALA B 517 5.54 -18.01 28.05
C ALA B 517 5.25 -17.74 29.52
N LYS B 518 6.24 -17.98 30.37
CA LYS B 518 6.07 -17.79 31.81
C LYS B 518 5.70 -16.38 32.29
N TYR B 519 5.98 -15.33 31.49
CA TYR B 519 5.54 -13.98 31.82
C TYR B 519 4.23 -13.49 31.18
N ARG B 520 3.49 -14.37 30.55
CA ARG B 520 2.22 -14.00 29.92
C ARG B 520 1.13 -15.04 30.14
N MET B 521 1.17 -15.66 31.29
CA MET B 521 0.18 -16.68 31.63
C MET B 521 -0.96 -16.27 32.52
N LEU B 522 -0.74 -15.32 33.41
CA LEU B 522 -1.73 -15.00 34.43
C LEU B 522 -1.91 -13.49 34.64
N PRO B 523 -3.10 -13.10 35.18
CA PRO B 523 -3.40 -11.72 35.27
C PRO B 523 -2.38 -10.94 36.04
N ASP B 524 -1.80 -11.49 37.13
CA ASP B 524 -0.76 -10.73 37.85
C ASP B 524 0.49 -10.45 37.04
N ASP B 525 0.75 -11.24 36.00
CA ASP B 525 1.87 -10.99 35.10
C ASP B 525 1.78 -9.62 34.41
N ILE B 526 0.58 -9.11 34.19
CA ILE B 526 0.37 -7.80 33.54
C ILE B 526 1.21 -6.74 34.22
N GLY B 527 1.24 -6.80 35.57
CA GLY B 527 1.99 -5.88 36.38
C GLY B 527 3.49 -5.97 36.44
N ASP B 528 4.10 -6.96 35.85
CA ASP B 528 5.54 -7.08 35.74
C ASP B 528 6.12 -6.47 34.46
N TRP B 529 5.26 -5.94 33.60
CA TRP B 529 5.67 -5.26 32.38
C TRP B 529 5.81 -3.75 32.69
N TYR B 530 6.97 -3.20 32.40
CA TYR B 530 7.25 -1.80 32.64
C TYR B 530 7.41 -1.03 31.30
N VAL B 531 6.95 0.22 31.30
CA VAL B 531 7.11 1.14 30.15
C VAL B 531 7.93 2.33 30.58
N ARG B 532 8.75 2.90 29.70
CA ARG B 532 9.64 4.00 30.05
C ARG B 532 8.93 5.30 29.74
N ALA B 533 8.85 6.15 30.75
CA ALA B 533 8.24 7.46 30.63
C ALA B 533 9.23 8.43 29.94
N ALA B 534 8.71 9.55 29.45
CA ALA B 534 9.52 10.59 28.79
C ALA B 534 10.68 11.07 29.69
N ASP B 535 10.48 11.12 30.99
CA ASP B 535 11.60 11.45 31.91
C ASP B 535 12.61 10.30 32.18
N GLY B 536 12.46 9.13 31.56
CA GLY B 536 13.38 8.01 31.76
C GLY B 536 12.98 7.06 32.89
N GLN B 537 11.96 7.40 33.67
CA GLN B 537 11.54 6.50 34.73
C GLN B 537 10.74 5.28 34.16
N MET B 538 10.89 4.12 34.80
CA MET B 538 10.19 2.90 34.39
C MET B 538 8.91 2.85 35.19
N VAL B 539 7.80 2.65 34.51
CA VAL B 539 6.49 2.62 35.10
C VAL B 539 5.84 1.26 34.91
N PRO B 540 5.37 0.62 35.97
CA PRO B 540 4.71 -0.64 35.76
C PRO B 540 3.29 -0.45 35.24
N PHE B 541 2.80 -1.45 34.51
CA PHE B 541 1.47 -1.45 33.97
C PHE B 541 0.37 -1.23 34.99
N SER B 542 0.61 -1.67 36.21
CA SER B 542 -0.34 -1.52 37.27
C SER B 542 -0.57 -0.03 37.63
N ALA B 543 0.37 0.88 37.35
CA ALA B 543 0.20 2.28 37.77
C ALA B 543 -0.86 2.99 36.92
N PHE B 544 -1.08 2.54 35.67
CA PHE B 544 -1.96 3.20 34.75
C PHE B 544 -3.01 2.34 34.11
N SER B 545 -3.31 1.20 34.70
CA SER B 545 -4.35 0.38 34.15
C SER B 545 -5.16 -0.29 35.25
N SER B 546 -6.31 -0.76 34.84
CA SER B 546 -7.21 -1.56 35.66
C SER B 546 -7.83 -2.61 34.79
N SER B 547 -8.30 -3.69 35.39
CA SER B 547 -8.87 -4.82 34.61
C SER B 547 -10.03 -5.53 35.25
N ARG B 548 -10.86 -6.16 34.41
CA ARG B 548 -11.94 -6.99 34.86
C ARG B 548 -12.26 -8.07 33.94
N TRP B 549 -12.93 -9.09 34.45
CA TRP B 549 -13.47 -10.11 33.57
C TRP B 549 -14.78 -9.69 32.96
N GLU B 550 -14.98 -10.09 31.70
CA GLU B 550 -16.28 -9.92 31.00
C GLU B 550 -16.45 -11.05 29.98
N TYR B 551 -17.60 -11.18 29.35
CA TYR B 551 -17.82 -12.12 28.27
C TYR B 551 -17.73 -11.42 26.88
N GLY B 552 -17.17 -12.08 25.88
CA GLY B 552 -17.31 -11.61 24.49
C GLY B 552 -17.14 -12.81 23.54
N SER B 553 -17.28 -12.54 22.25
CA SER B 553 -17.34 -13.58 21.25
C SER B 553 -15.93 -13.98 20.76
N PRO B 554 -15.67 -15.28 20.68
CA PRO B 554 -14.45 -15.75 20.01
C PRO B 554 -14.57 -15.90 18.48
N ARG B 555 -15.77 -15.69 17.95
CA ARG B 555 -16.12 -15.86 16.51
C ARG B 555 -17.39 -15.12 16.18
N LEU B 556 -17.24 -13.99 15.52
CA LEU B 556 -18.30 -13.13 15.04
C LEU B 556 -18.59 -13.43 13.58
N GLU B 557 -19.86 -13.67 13.28
CA GLU B 557 -20.30 -14.02 11.95
C GLU B 557 -21.02 -12.85 11.28
N ARG B 558 -20.93 -12.80 9.96
CA ARG B 558 -21.71 -11.84 9.16
C ARG B 558 -22.23 -12.53 7.94
N TYR B 559 -23.37 -12.01 7.46
CA TYR B 559 -24.03 -12.53 6.28
C TYR B 559 -24.58 -11.35 5.44
N ASN B 560 -24.18 -11.32 4.17
CA ASN B 560 -24.41 -10.18 3.28
C ASN B 560 -24.15 -8.85 3.93
N GLY B 561 -23.04 -8.79 4.63
CA GLY B 561 -22.51 -7.56 5.23
C GLY B 561 -23.07 -7.10 6.58
N LEU B 562 -23.94 -7.94 7.17
CA LEU B 562 -24.64 -7.62 8.43
C LEU B 562 -24.32 -8.69 9.49
N PRO B 563 -24.27 -8.33 10.79
CA PRO B 563 -24.12 -9.31 11.82
C PRO B 563 -25.14 -10.42 11.73
N SER B 564 -24.67 -11.65 11.95
CA SER B 564 -25.47 -12.82 11.71
C SER B 564 -25.11 -13.95 12.63
N MET B 565 -26.04 -14.91 12.78
CA MET B 565 -25.77 -16.13 13.50
C MET B 565 -26.39 -17.28 12.72
N GLU B 566 -25.53 -18.23 12.33
CA GLU B 566 -26.00 -19.37 11.51
C GLU B 566 -26.64 -20.42 12.43
N ILE B 567 -27.71 -21.01 11.94
CA ILE B 567 -28.53 -22.01 12.67
C ILE B 567 -28.80 -23.17 11.72
N LEU B 568 -28.44 -24.37 12.17
CA LEU B 568 -28.66 -25.55 11.41
C LEU B 568 -29.82 -26.33 12.07
N GLY B 569 -30.31 -27.33 11.36
CA GLY B 569 -31.38 -28.21 11.89
C GLY B 569 -31.97 -29.03 10.77
N GLN B 570 -32.97 -29.83 11.10
CA GLN B 570 -33.64 -30.69 10.11
C GLN B 570 -35.11 -30.92 10.39
N ALA B 571 -35.77 -31.40 9.35
CA ALA B 571 -37.13 -31.94 9.45
C ALA B 571 -37.15 -33.09 10.47
N ALA B 572 -38.09 -33.05 11.43
CA ALA B 572 -38.32 -34.20 12.34
C ALA B 572 -38.77 -35.45 11.51
N PRO B 573 -38.55 -36.69 12.02
CA PRO B 573 -38.86 -37.91 11.23
C PRO B 573 -40.28 -37.93 10.65
N GLY B 574 -40.42 -38.28 9.37
CA GLY B 574 -41.70 -38.19 8.67
C GLY B 574 -42.26 -36.80 8.43
N LYS B 575 -41.38 -35.80 8.21
CA LYS B 575 -41.78 -34.44 7.82
C LYS B 575 -40.90 -34.01 6.68
N SER B 576 -41.42 -33.16 5.80
CA SER B 576 -40.60 -32.63 4.70
C SER B 576 -39.73 -31.42 5.14
N THR B 577 -38.68 -31.19 4.38
CA THR B 577 -37.83 -30.04 4.58
C THR B 577 -38.60 -28.72 4.45
N GLY B 578 -39.52 -28.64 3.49
CA GLY B 578 -40.36 -27.46 3.30
C GLY B 578 -41.22 -27.09 4.50
N GLU B 579 -41.84 -28.09 5.12
CA GLU B 579 -42.71 -27.89 6.31
C GLU B 579 -41.89 -27.33 7.47
N ALA B 580 -40.71 -27.93 7.69
CA ALA B 580 -39.78 -27.53 8.75
C ALA B 580 -39.24 -26.09 8.51
N MET B 581 -38.88 -25.79 7.29
CA MET B 581 -38.55 -24.42 6.89
C MET B 581 -39.68 -23.44 7.13
N GLU B 582 -40.89 -23.82 6.77
CA GLU B 582 -42.05 -22.94 6.94
C GLU B 582 -42.29 -22.59 8.42
N LEU B 583 -42.17 -23.60 9.27
CA LEU B 583 -42.25 -23.37 10.68
C LEU B 583 -41.14 -22.44 11.17
N MET B 584 -39.89 -22.66 10.71
CA MET B 584 -38.76 -21.80 11.10
C MET B 584 -39.08 -20.35 10.76
N GLU B 585 -39.64 -20.13 9.58
CA GLU B 585 -40.01 -18.77 9.17
C GLU B 585 -41.09 -18.18 10.08
N GLN B 586 -42.06 -19.03 10.47
CA GLN B 586 -43.17 -18.57 11.34
C GLN B 586 -42.58 -18.18 12.70
N LEU B 587 -41.72 -19.03 13.25
CA LEU B 587 -41.07 -18.67 14.51
C LEU B 587 -40.25 -17.39 14.38
N ALA B 588 -39.54 -17.25 13.24
CA ALA B 588 -38.68 -16.06 13.03
C ALA B 588 -39.48 -14.75 12.93
N SER B 589 -40.77 -14.82 12.53
CA SER B 589 -41.64 -13.65 12.43
C SER B 589 -42.09 -13.11 13.77
N LYS B 590 -41.84 -13.84 14.85
CA LYS B 590 -42.13 -13.41 16.20
C LYS B 590 -40.90 -13.00 17.03
N LEU B 591 -39.85 -12.56 16.37
CA LEU B 591 -38.61 -12.22 17.09
C LEU B 591 -38.54 -10.73 17.39
N PRO B 592 -37.65 -10.30 18.29
CA PRO B 592 -37.62 -8.86 18.56
C PRO B 592 -37.41 -7.97 17.31
N THR B 593 -37.87 -6.71 17.38
CA THR B 593 -37.80 -5.77 16.25
C THR B 593 -36.35 -5.63 15.80
N GLY B 594 -36.16 -5.68 14.50
CA GLY B 594 -34.88 -5.47 13.88
C GLY B 594 -34.06 -6.73 13.60
N VAL B 595 -34.60 -7.91 13.88
CA VAL B 595 -33.95 -9.17 13.66
C VAL B 595 -34.64 -9.72 12.45
N GLY B 596 -33.88 -9.98 11.39
CA GLY B 596 -34.41 -10.66 10.17
C GLY B 596 -33.78 -12.02 10.00
N TYR B 597 -34.01 -12.62 8.83
CA TYR B 597 -33.43 -13.89 8.51
C TYR B 597 -33.29 -14.11 7.03
N ASP B 598 -32.54 -15.16 6.69
CA ASP B 598 -32.41 -15.56 5.30
C ASP B 598 -32.01 -17.00 5.23
N TRP B 599 -32.32 -17.70 4.13
CA TRP B 599 -31.88 -19.08 3.96
C TRP B 599 -30.61 -19.09 3.12
N THR B 600 -29.70 -20.00 3.42
CA THR B 600 -28.41 -20.05 2.71
C THR B 600 -28.01 -21.50 2.44
N GLY B 601 -26.91 -21.67 1.72
CA GLY B 601 -26.31 -22.99 1.46
C GLY B 601 -27.35 -23.91 0.79
N MET B 602 -27.52 -25.13 1.34
CA MET B 602 -28.51 -26.14 0.87
C MET B 602 -29.95 -25.62 0.85
N SER B 603 -30.30 -24.63 1.70
CA SER B 603 -31.64 -24.01 1.71
C SER B 603 -31.88 -22.86 0.81
N TYR B 604 -30.86 -22.42 0.09
CA TYR B 604 -31.06 -21.40 -0.89
C TYR B 604 -31.59 -21.97 -2.20
N ALA C 1 5.99 -21.55 -29.32
CA ALA C 1 6.65 -20.98 -28.08
C ALA C 1 5.63 -20.92 -26.94
N PRO C 2 5.91 -21.61 -25.81
CA PRO C 2 4.94 -21.47 -24.71
C PRO C 2 4.73 -19.97 -24.29
N PRO C 3 3.53 -19.58 -23.93
CA PRO C 3 3.35 -18.23 -23.47
C PRO C 3 4.15 -17.97 -22.16
N ALA C 4 4.68 -16.77 -22.03
CA ALA C 4 5.46 -16.39 -20.84
C ALA C 4 5.08 -15.02 -20.35
N VAL C 5 5.11 -14.84 -19.04
CA VAL C 5 4.78 -13.62 -18.39
C VAL C 5 6.02 -13.22 -17.58
N THR C 6 6.40 -11.95 -17.67
CA THR C 6 7.55 -11.44 -16.93
C THR C 6 7.18 -10.38 -15.94
N ILE C 7 7.67 -10.53 -14.72
CA ILE C 7 7.55 -9.53 -13.69
C ILE C 7 8.88 -8.75 -13.63
N SER C 8 8.86 -7.40 -13.67
CA SER C 8 10.10 -6.62 -13.55
C SER C 8 9.98 -5.65 -12.45
N ALA C 9 11.00 -5.61 -11.63
CA ALA C 9 11.03 -4.64 -10.53
C ALA C 9 12.41 -4.03 -10.45
N SER C 10 12.49 -2.89 -9.75
CA SER C 10 13.73 -2.09 -9.67
C SER C 10 13.91 -1.60 -8.26
N TYR C 11 15.12 -1.74 -7.72
CA TYR C 11 15.43 -1.24 -6.38
C TYR C 11 16.70 -0.35 -6.56
N PRO C 12 16.54 0.96 -6.78
CA PRO C 12 17.70 1.77 -7.13
C PRO C 12 18.82 1.72 -6.06
N GLY C 13 20.04 1.44 -6.54
CA GLY C 13 21.20 1.36 -5.63
C GLY C 13 21.32 0.03 -4.89
N ALA C 14 20.44 -0.92 -5.19
CA ALA C 14 20.55 -2.24 -4.54
C ALA C 14 21.49 -3.19 -5.27
N ASP C 15 22.22 -3.97 -4.48
CA ASP C 15 23.03 -5.11 -4.97
C ASP C 15 22.15 -6.32 -5.19
N ALA C 16 22.74 -7.31 -5.85
CA ALA C 16 22.00 -8.51 -6.24
C ALA C 16 21.37 -9.29 -5.06
N LYS C 17 22.11 -9.45 -3.97
CA LYS C 17 21.60 -10.12 -2.78
C LYS C 17 20.49 -9.36 -2.11
N THR C 18 20.62 -8.05 -2.03
CA THR C 18 19.58 -7.20 -1.51
C THR C 18 18.29 -7.33 -2.30
N VAL C 19 18.38 -7.31 -3.63
CA VAL C 19 17.22 -7.43 -4.49
C VAL C 19 16.58 -8.82 -4.30
N GLN C 20 17.42 -9.87 -4.44
CA GLN C 20 16.95 -11.21 -4.23
C GLN C 20 16.20 -11.43 -2.91
N ASP C 21 16.73 -10.93 -1.82
CA ASP C 21 16.27 -11.28 -0.52
C ASP C 21 15.12 -10.38 0.00
N THR C 22 14.87 -9.21 -0.64
CA THR C 22 13.78 -8.32 -0.22
C THR C 22 12.69 -8.27 -1.27
N VAL C 23 13.00 -8.69 -2.50
CA VAL C 23 12.03 -8.64 -3.59
C VAL C 23 11.79 -10.01 -4.24
N THR C 24 12.79 -10.59 -4.86
CA THR C 24 12.58 -11.78 -5.65
C THR C 24 11.96 -12.92 -4.84
N GLN C 25 12.53 -13.23 -3.69
CA GLN C 25 12.09 -14.33 -2.85
C GLN C 25 10.61 -14.09 -2.41
N VAL C 26 10.30 -12.84 -2.07
CA VAL C 26 9.01 -12.47 -1.58
C VAL C 26 8.00 -12.60 -2.69
N ILE C 27 8.31 -12.13 -3.91
CA ILE C 27 7.37 -12.34 -5.02
C ILE C 27 7.18 -13.84 -5.35
N GLU C 28 8.30 -14.57 -5.41
CA GLU C 28 8.23 -15.98 -5.72
C GLU C 28 7.34 -16.77 -4.77
N GLN C 29 7.45 -16.46 -3.48
CA GLN C 29 6.69 -17.18 -2.44
C GLN C 29 5.21 -16.91 -2.57
N ASN C 30 4.85 -15.86 -3.30
CA ASN C 30 3.44 -15.49 -3.58
C ASN C 30 2.89 -15.86 -4.92
N MET C 31 3.64 -16.63 -5.71
CA MET C 31 3.25 -17.08 -7.06
C MET C 31 2.47 -18.43 -7.12
N ASN C 32 1.61 -18.59 -6.15
CA ASN C 32 0.74 -19.80 -6.03
C ASN C 32 -0.67 -19.56 -6.54
N GLY C 33 -1.40 -20.63 -6.78
CA GLY C 33 -2.80 -20.55 -7.21
C GLY C 33 -2.96 -19.99 -8.60
N ILE C 34 -1.91 -20.06 -9.39
CA ILE C 34 -1.90 -19.65 -10.78
C ILE C 34 -1.97 -20.94 -11.67
N ASP C 35 -2.87 -20.96 -12.64
CA ASP C 35 -3.09 -22.13 -13.51
C ASP C 35 -2.05 -22.29 -14.59
N ASN C 36 -1.81 -23.55 -14.98
CA ASN C 36 -1.00 -23.90 -16.15
C ASN C 36 0.48 -23.49 -16.17
N LEU C 37 1.09 -23.36 -14.97
CA LEU C 37 2.46 -22.94 -14.84
C LEU C 37 3.37 -24.13 -15.08
N MET C 38 4.25 -24.05 -16.05
CA MET C 38 5.24 -25.10 -16.23
C MET C 38 6.46 -24.93 -15.34
N TYR C 39 6.98 -23.69 -15.29
CA TYR C 39 8.17 -23.37 -14.50
C TYR C 39 8.37 -21.87 -14.36
N MET C 40 9.22 -21.48 -13.42
CA MET C 40 9.41 -20.09 -13.10
C MET C 40 10.89 -19.91 -12.97
N SER C 41 11.42 -18.81 -13.49
CA SER C 41 12.86 -18.55 -13.36
C SER C 41 13.05 -17.05 -13.07
N SER C 42 14.09 -16.74 -12.32
CA SER C 42 14.37 -15.35 -12.01
CA SER C 42 14.36 -15.38 -11.88
C SER C 42 15.84 -15.02 -11.98
N ASN C 43 16.11 -13.74 -12.20
CA ASN C 43 17.41 -13.23 -11.96
C ASN C 43 17.36 -11.90 -11.25
N SER C 44 18.29 -11.72 -10.36
CA SER C 44 18.36 -10.50 -9.53
C SER C 44 19.80 -9.98 -9.63
N ASP C 45 19.98 -8.71 -9.99
CA ASP C 45 21.32 -8.26 -10.36
C ASP C 45 21.82 -7.02 -9.66
N SER C 46 23.09 -6.71 -9.92
CA SER C 46 23.78 -5.61 -9.28
C SER C 46 23.32 -4.28 -9.78
N THR C 47 22.48 -4.21 -10.81
CA THR C 47 21.88 -2.90 -11.15
C THR C 47 20.61 -2.63 -10.38
N GLY C 48 20.25 -3.53 -9.46
CA GLY C 48 19.07 -3.42 -8.66
C GLY C 48 17.79 -3.88 -9.40
N THR C 49 17.93 -4.72 -10.41
CA THR C 49 16.85 -5.16 -11.22
C THR C 49 16.51 -6.62 -10.95
N VAL C 50 15.21 -6.93 -10.95
CA VAL C 50 14.77 -8.36 -10.92
C VAL C 50 13.86 -8.60 -12.08
N GLN C 51 14.03 -9.72 -12.74
CA GLN C 51 13.06 -10.23 -13.68
C GLN C 51 12.67 -11.64 -13.31
N ILE C 52 11.38 -11.85 -13.08
CA ILE C 52 10.83 -13.17 -12.82
C ILE C 52 9.99 -13.55 -14.03
N THR C 53 10.30 -14.68 -14.64
CA THR C 53 9.60 -15.14 -15.86
C THR C 53 8.86 -16.43 -15.54
N LEU C 54 7.56 -16.40 -15.78
CA LEU C 54 6.65 -17.54 -15.56
C LEU C 54 6.31 -18.05 -16.95
N THR C 55 6.58 -19.32 -17.20
CA THR C 55 6.34 -19.95 -18.51
C THR C 55 5.17 -20.96 -18.33
N PHE C 56 4.15 -20.82 -19.18
CA PHE C 56 2.90 -21.56 -19.09
C PHE C 56 2.81 -22.66 -20.16
N GLU C 57 1.95 -23.64 -19.93
CA GLU C 57 1.76 -24.76 -20.90
C GLU C 57 1.31 -24.18 -22.25
N SER C 58 1.67 -24.83 -23.33
CA SER C 58 1.17 -24.42 -24.66
C SER C 58 -0.32 -24.48 -24.72
N GLY C 59 -0.92 -23.50 -25.37
CA GLY C 59 -2.35 -23.29 -25.35
C GLY C 59 -2.98 -22.51 -24.21
N THR C 60 -2.21 -22.16 -23.15
CA THR C 60 -2.72 -21.29 -22.11
C THR C 60 -3.05 -19.96 -22.78
N ASP C 61 -4.17 -19.39 -22.44
CA ASP C 61 -4.50 -18.02 -22.86
C ASP C 61 -3.56 -17.01 -22.12
N ALA C 62 -2.70 -16.31 -22.84
CA ALA C 62 -1.70 -15.45 -22.24
C ALA C 62 -2.27 -14.28 -21.46
N ASP C 63 -3.46 -13.79 -21.81
CA ASP C 63 -4.16 -12.79 -21.03
C ASP C 63 -4.65 -13.26 -19.67
N ILE C 64 -5.09 -14.50 -19.61
CA ILE C 64 -5.55 -15.07 -18.38
C ILE C 64 -4.33 -15.27 -17.49
N ALA C 65 -3.26 -15.78 -18.08
CA ALA C 65 -2.01 -15.96 -17.35
C ALA C 65 -1.48 -14.62 -16.81
N GLN C 66 -1.45 -13.59 -17.66
CA GLN C 66 -0.97 -12.28 -17.22
C GLN C 66 -1.77 -11.74 -16.03
N VAL C 67 -3.11 -11.83 -16.05
CA VAL C 67 -3.94 -11.30 -15.01
C VAL C 67 -3.81 -12.11 -13.72
N GLN C 68 -3.69 -13.42 -13.83
CA GLN C 68 -3.53 -14.21 -12.61
C GLN C 68 -2.19 -13.90 -11.93
N VAL C 69 -1.13 -13.78 -12.70
CA VAL C 69 0.19 -13.35 -12.18
C VAL C 69 0.10 -11.96 -11.55
N GLN C 70 -0.46 -11.03 -12.30
CA GLN C 70 -0.54 -9.69 -11.81
C GLN C 70 -1.32 -9.58 -10.54
N ASN C 71 -2.43 -10.28 -10.43
CA ASN C 71 -3.21 -10.23 -9.18
C ASN C 71 -2.46 -10.73 -7.93
N LYS C 72 -1.70 -11.79 -8.14
CA LYS C 72 -0.94 -12.33 -7.01
C LYS C 72 0.20 -11.36 -6.65
N LEU C 73 0.85 -10.78 -7.66
CA LEU C 73 1.88 -9.79 -7.46
C LEU C 73 1.30 -8.61 -6.68
N GLN C 74 0.12 -8.15 -7.10
CA GLN C 74 -0.46 -6.96 -6.47
C GLN C 74 -0.85 -7.20 -5.06
N LEU C 75 -1.33 -8.39 -4.70
CA LEU C 75 -1.54 -8.70 -3.31
C LEU C 75 -0.29 -8.84 -2.48
N ALA C 76 0.85 -9.15 -3.09
CA ALA C 76 2.15 -9.10 -2.42
C ALA C 76 2.81 -7.72 -2.32
N MET C 77 2.26 -6.70 -2.95
CA MET C 77 2.92 -5.39 -2.97
C MET C 77 3.30 -4.82 -1.60
N PRO C 78 2.44 -4.97 -0.59
CA PRO C 78 2.78 -4.43 0.72
C PRO C 78 3.92 -5.16 1.40
N LEU C 79 4.32 -6.30 0.91
CA LEU C 79 5.45 -7.04 1.42
C LEU C 79 6.83 -6.58 0.86
N LEU C 80 6.80 -5.67 -0.13
CA LEU C 80 8.00 -5.21 -0.85
C LEU C 80 8.47 -3.91 -0.26
N PRO C 81 9.77 -3.60 -0.41
CA PRO C 81 10.29 -2.31 0.05
C PRO C 81 9.61 -1.20 -0.62
N GLN C 82 9.38 -0.13 0.15
CA GLN C 82 8.72 1.07 -0.41
C GLN C 82 9.38 1.53 -1.67
N GLU C 83 10.72 1.50 -1.67
CA GLU C 83 11.50 2.04 -2.77
C GLU C 83 11.25 1.26 -4.08
N VAL C 84 10.85 -0.02 -3.95
CA VAL C 84 10.55 -0.88 -5.07
C VAL C 84 9.13 -0.57 -5.55
N GLN C 85 8.23 -0.47 -4.58
CA GLN C 85 6.83 -0.20 -4.93
C GLN C 85 6.76 1.16 -5.72
N GLN C 86 7.58 2.09 -5.28
CA GLN C 86 7.59 3.44 -5.91
C GLN C 86 8.11 3.46 -7.31
N GLN C 87 8.92 2.49 -7.72
CA GLN C 87 9.38 2.37 -9.12
C GLN C 87 8.39 1.71 -10.11
N GLY C 88 7.38 1.06 -9.60
CA GLY C 88 6.40 0.32 -10.33
C GLY C 88 6.90 -1.09 -10.58
N VAL C 89 6.04 -2.06 -10.33
CA VAL C 89 6.43 -3.44 -10.58
C VAL C 89 5.55 -3.90 -11.75
N SER C 90 6.13 -4.04 -12.91
CA SER C 90 5.37 -4.33 -14.13
C SER C 90 5.19 -5.83 -14.36
N VAL C 91 4.07 -6.20 -14.97
CA VAL C 91 3.80 -7.63 -15.28
C VAL C 91 3.32 -7.69 -16.71
N GLU C 92 4.19 -8.19 -17.58
CA GLU C 92 3.85 -8.16 -19.00
C GLU C 92 4.01 -9.51 -19.68
N LYS C 93 3.15 -9.76 -20.68
CA LYS C 93 3.37 -10.87 -21.67
C LYS C 93 4.72 -10.68 -22.30
N SER C 94 5.62 -11.65 -22.25
CA SER C 94 7.02 -11.41 -22.70
C SER C 94 7.44 -12.33 -23.82
N SER C 95 6.58 -13.27 -24.16
CA SER C 95 6.91 -14.21 -25.26
C SER C 95 6.68 -13.53 -26.65
N SER C 96 5.90 -12.45 -26.74
CA SER C 96 5.72 -11.72 -28.02
C SER C 96 7.03 -10.97 -28.39
N SER C 97 7.38 -10.93 -29.67
CA SER C 97 8.63 -10.25 -30.07
C SER C 97 8.31 -8.84 -30.61
N PHE C 98 9.34 -8.06 -30.87
CA PHE C 98 9.13 -6.73 -31.45
C PHE C 98 8.66 -6.71 -32.89
N LEU C 99 7.68 -5.88 -33.18
CA LEU C 99 7.31 -5.57 -34.55
C LEU C 99 8.34 -4.63 -35.11
N MET C 100 8.80 -3.68 -34.30
CA MET C 100 9.78 -2.71 -34.77
C MET C 100 10.49 -2.01 -33.64
N VAL C 101 11.74 -1.63 -33.92
CA VAL C 101 12.51 -0.76 -33.00
C VAL C 101 12.84 0.48 -33.78
N VAL C 102 12.39 1.61 -33.24
CA VAL C 102 12.55 2.88 -33.85
C VAL C 102 13.67 3.61 -33.10
N GLY C 103 14.64 4.17 -33.81
CA GLY C 103 15.71 4.93 -33.17
C GLY C 103 15.36 6.38 -33.34
N VAL C 104 15.69 7.20 -32.34
CA VAL C 104 15.52 8.64 -32.38
C VAL C 104 16.85 9.24 -32.08
N ILE C 105 17.39 9.91 -33.08
CA ILE C 105 18.77 10.42 -33.00
C ILE C 105 18.81 11.86 -33.12
N ASN C 106 19.93 12.40 -32.70
CA ASN C 106 20.16 13.81 -32.94
C ASN C 106 21.51 13.90 -33.67
N THR C 107 21.47 14.59 -34.78
CA THR C 107 22.59 14.52 -35.77
C THR C 107 23.45 15.79 -35.70
N ASP C 108 22.91 16.88 -35.15
CA ASP C 108 23.61 18.15 -35.07
C ASP C 108 24.33 18.42 -33.74
N GLY C 109 24.46 17.41 -32.88
CA GLY C 109 25.34 17.52 -31.70
C GLY C 109 24.78 18.38 -30.59
N THR C 110 23.47 18.66 -30.61
CA THR C 110 22.94 19.54 -29.61
C THR C 110 22.17 18.81 -28.49
N MET C 111 21.96 17.51 -28.59
CA MET C 111 21.14 16.81 -27.55
C MET C 111 21.83 15.57 -27.05
N THR C 112 21.77 15.39 -25.74
CA THR C 112 22.24 14.15 -25.13
C THR C 112 21.15 13.06 -25.25
N GLN C 113 21.50 11.81 -24.97
CA GLN C 113 20.48 10.75 -24.99
C GLN C 113 19.30 11.06 -24.01
N GLU C 114 19.60 11.71 -22.89
CA GLU C 114 18.58 12.08 -21.88
C GLU C 114 17.63 13.13 -22.45
N ASP C 115 18.19 14.11 -23.15
CA ASP C 115 17.39 15.13 -23.84
C ASP C 115 16.46 14.51 -24.87
N ILE C 116 16.96 13.60 -25.67
CA ILE C 116 16.17 12.96 -26.69
C ILE C 116 15.10 12.07 -26.07
N SER C 117 15.48 11.30 -25.05
CA SER C 117 14.47 10.47 -24.36
C SER C 117 13.36 11.28 -23.74
N ASP C 118 13.68 12.42 -23.14
CA ASP C 118 12.60 13.26 -22.60
C ASP C 118 11.65 13.73 -23.72
N TYR C 119 12.24 14.16 -24.86
CA TYR C 119 11.42 14.58 -26.00
C TYR C 119 10.50 13.46 -26.45
N VAL C 120 11.04 12.27 -26.56
CA VAL C 120 10.23 11.11 -26.99
C VAL C 120 9.14 10.80 -25.98
N ALA C 121 9.48 10.80 -24.68
CA ALA C 121 8.52 10.53 -23.63
C ALA C 121 7.36 11.53 -23.67
N ALA C 122 7.65 12.78 -23.81
CA ALA C 122 6.64 13.83 -23.66
C ALA C 122 5.92 14.11 -24.95
N ASN C 123 6.50 13.77 -26.09
CA ASN C 123 5.92 14.26 -27.38
C ASN C 123 5.63 13.17 -28.40
N MET C 124 6.13 11.97 -28.21
CA MET C 124 5.99 10.94 -29.26
C MET C 124 5.39 9.66 -28.80
N LYS C 125 5.73 9.21 -27.61
CA LYS C 125 5.48 7.81 -27.20
C LYS C 125 4.00 7.53 -27.13
N ASP C 126 3.27 8.43 -26.50
CA ASP C 126 1.84 8.18 -26.33
C ASP C 126 1.08 8.19 -27.69
N ALA C 127 1.45 9.07 -28.63
CA ALA C 127 0.84 9.07 -30.00
C ALA C 127 1.11 7.74 -30.68
N ILE C 128 2.31 7.18 -30.45
CA ILE C 128 2.62 5.86 -31.00
C ILE C 128 1.80 4.77 -30.31
N SER C 129 1.65 4.82 -29.00
CA SER C 129 0.77 3.85 -28.33
C SER C 129 -0.67 3.81 -28.83
N ARG C 130 -1.21 4.96 -29.23
CA ARG C 130 -2.63 5.06 -29.71
C ARG C 130 -2.71 4.72 -31.19
N THR C 131 -1.59 4.37 -31.82
CA THR C 131 -1.59 4.12 -33.26
C THR C 131 -2.23 2.78 -33.49
N SER C 132 -3.12 2.74 -34.49
CA SER C 132 -3.86 1.51 -34.81
C SER C 132 -2.96 0.24 -34.96
N GLY C 133 -3.27 -0.84 -34.25
CA GLY C 133 -2.49 -2.06 -34.23
C GLY C 133 -1.36 -2.17 -33.21
N VAL C 134 -0.96 -1.05 -32.55
CA VAL C 134 0.17 -1.08 -31.61
C VAL C 134 -0.30 -1.66 -30.28
N GLY C 135 0.41 -2.64 -29.74
CA GLY C 135 0.22 -3.10 -28.36
C GLY C 135 1.22 -2.39 -27.44
N ASP C 136 2.17 -3.10 -26.87
CA ASP C 136 3.10 -2.48 -25.88
C ASP C 136 4.13 -1.60 -26.61
N VAL C 137 4.47 -0.49 -25.99
CA VAL C 137 5.58 0.38 -26.49
C VAL C 137 6.50 0.56 -25.31
N GLN C 138 7.77 0.19 -25.46
CA GLN C 138 8.76 0.37 -24.43
C GLN C 138 9.66 1.57 -24.86
N LEU C 139 9.90 2.52 -23.96
CA LEU C 139 10.86 3.61 -24.13
C LEU C 139 12.20 3.10 -23.65
N PHE C 140 13.22 3.25 -24.49
CA PHE C 140 14.61 2.93 -24.16
C PHE C 140 15.32 4.20 -23.62
N GLY C 141 15.10 4.43 -22.33
CA GLY C 141 15.42 5.71 -21.68
C GLY C 141 14.26 6.08 -20.80
N SER C 142 14.27 7.30 -20.26
CA SER C 142 13.19 7.82 -19.42
C SER C 142 12.87 9.26 -19.81
N GLN C 143 11.76 9.80 -19.28
CA GLN C 143 11.60 11.24 -19.21
C GLN C 143 12.64 11.78 -18.24
N TYR C 144 12.85 13.07 -18.29
CA TYR C 144 13.76 13.70 -17.38
C TYR C 144 13.36 13.41 -15.94
N ALA C 145 14.36 13.35 -15.06
CA ALA C 145 14.20 13.58 -13.65
C ALA C 145 14.92 14.84 -13.27
N MET C 146 14.49 15.49 -12.19
CA MET C 146 15.27 16.56 -11.57
C MET C 146 16.40 15.88 -10.78
N ARG C 147 17.65 16.15 -11.15
CA ARG C 147 18.83 15.58 -10.51
C ARG C 147 19.47 16.60 -9.59
N ILE C 148 19.56 16.23 -8.32
CA ILE C 148 20.22 17.01 -7.28
C ILE C 148 21.52 16.22 -6.98
N TRP C 149 22.65 16.80 -7.39
CA TRP C 149 23.98 16.14 -7.29
C TRP C 149 24.71 16.79 -6.10
N MET C 150 24.78 16.07 -5.00
CA MET C 150 25.22 16.62 -3.74
C MET C 150 26.75 16.69 -3.64
N ASN C 151 27.20 17.66 -2.87
CA ASN C 151 28.65 17.79 -2.53
C ASN C 151 28.87 17.62 -1.09
N PRO C 152 29.61 16.56 -0.70
CA PRO C 152 29.79 16.31 0.73
C PRO C 152 30.66 17.36 1.48
N ASN C 153 31.51 18.07 0.76
CA ASN C 153 32.38 19.11 1.40
C ASN C 153 31.53 20.30 1.84
N GLU C 154 30.63 20.70 0.95
CA GLU C 154 29.70 21.79 1.24
C GLU C 154 28.68 21.39 2.32
N LEU C 155 28.14 20.18 2.24
CA LEU C 155 27.22 19.69 3.29
C LEU C 155 27.87 19.75 4.71
N ASN C 156 29.07 19.17 4.82
CA ASN C 156 29.79 19.19 6.08
C ASN C 156 30.08 20.63 6.54
N LYS C 157 30.52 21.50 5.63
CA LYS C 157 30.75 22.89 5.99
C LYS C 157 29.55 23.54 6.70
N PHE C 158 28.33 23.22 6.27
CA PHE C 158 27.13 23.78 6.91
C PHE C 158 26.45 22.82 7.90
N GLN C 159 27.16 21.79 8.35
CA GLN C 159 26.61 20.76 9.23
C GLN C 159 25.29 20.13 8.79
N LEU C 160 25.27 19.77 7.51
CA LEU C 160 24.09 19.18 6.84
C LEU C 160 24.47 17.83 6.32
N THR C 161 23.47 16.97 6.14
CA THR C 161 23.69 15.67 5.55
C THR C 161 22.64 15.49 4.42
N PRO C 162 22.72 14.39 3.67
CA PRO C 162 21.67 14.06 2.73
C PRO C 162 20.30 13.92 3.33
N VAL C 163 20.22 13.50 4.62
CA VAL C 163 18.94 13.41 5.29
C VAL C 163 18.29 14.81 5.31
N ASP C 164 19.06 15.84 5.62
CA ASP C 164 18.50 17.20 5.66
C ASP C 164 18.07 17.67 4.26
N VAL C 165 18.84 17.32 3.22
CA VAL C 165 18.49 17.63 1.85
C VAL C 165 17.15 16.97 1.48
N ILE C 166 17.03 15.70 1.80
CA ILE C 166 15.82 14.96 1.47
C ILE C 166 14.64 15.56 2.22
N THR C 167 14.80 15.86 3.50
CA THR C 167 13.73 16.47 4.28
C THR C 167 13.25 17.80 3.72
N ALA C 168 14.18 18.63 3.31
CA ALA C 168 13.92 19.93 2.78
C ALA C 168 13.20 19.85 1.45
N ILE C 169 13.54 18.87 0.60
CA ILE C 169 12.90 18.74 -0.69
C ILE C 169 11.45 18.26 -0.44
N LYS C 170 11.24 17.35 0.50
CA LYS C 170 9.86 16.94 0.78
C LYS C 170 9.02 18.06 1.36
N ALA C 171 9.62 18.95 2.12
CA ALA C 171 8.95 20.09 2.73
C ALA C 171 8.69 21.20 1.73
N GLN C 172 9.64 21.46 0.83
CA GLN C 172 9.58 22.65 -0.01
C GLN C 172 9.23 22.40 -1.47
N ASN C 173 9.26 21.12 -1.88
CA ASN C 173 8.70 20.71 -3.14
C ASN C 173 7.46 19.89 -2.87
N ALA C 174 6.35 20.58 -2.66
CA ALA C 174 5.17 19.90 -2.02
C ALA C 174 3.94 20.53 -2.55
N GLN C 175 2.88 19.72 -2.55
CA GLN C 175 1.62 20.22 -2.95
C GLN C 175 0.54 19.49 -2.22
N VAL C 176 -0.19 20.18 -1.37
CA VAL C 176 -1.14 19.47 -0.50
C VAL C 176 -2.50 20.26 -0.46
N ALA C 177 -3.53 19.59 0.06
CA ALA C 177 -4.85 20.11 0.08
C ALA C 177 -4.92 21.15 1.17
N ALA C 178 -5.43 22.35 0.85
CA ALA C 178 -5.52 23.42 1.84
C ALA C 178 -6.95 23.93 2.05
N GLY C 179 -7.91 23.30 1.40
CA GLY C 179 -9.32 23.57 1.70
C GLY C 179 -9.87 24.83 1.03
N GLN C 180 -10.86 25.47 1.65
CA GLN C 180 -11.58 26.58 0.98
C GLN C 180 -11.96 27.61 2.01
N LEU C 181 -12.06 28.85 1.57
CA LEU C 181 -12.83 29.87 2.32
C LEU C 181 -14.21 29.71 1.95
N GLY C 182 -15.11 29.79 2.96
CA GLY C 182 -16.54 29.67 2.69
C GLY C 182 -17.05 28.37 2.19
N GLY C 183 -16.37 27.26 2.49
CA GLY C 183 -16.75 25.99 2.00
C GLY C 183 -17.91 25.35 2.75
N THR C 184 -18.44 24.26 2.23
CA THR C 184 -19.55 23.63 2.91
C THR C 184 -19.11 22.81 4.11
N PRO C 185 -19.94 22.71 5.14
CA PRO C 185 -21.15 23.53 5.37
C PRO C 185 -20.78 24.97 5.80
N PRO C 186 -21.43 25.96 5.18
CA PRO C 186 -21.02 27.34 5.44
C PRO C 186 -21.86 27.99 6.56
N VAL C 187 -21.48 29.17 7.05
CA VAL C 187 -22.45 30.02 7.75
C VAL C 187 -23.44 30.52 6.69
N LYS C 188 -24.73 30.35 6.95
CA LYS C 188 -25.79 30.67 5.99
C LYS C 188 -25.71 32.17 5.64
N GLY C 189 -25.95 32.52 4.41
CA GLY C 189 -25.74 33.89 3.86
C GLY C 189 -24.31 34.15 3.34
N GLN C 190 -23.42 33.18 3.41
CA GLN C 190 -22.02 33.35 2.88
C GLN C 190 -22.07 33.57 1.42
N GLN C 191 -21.30 34.52 0.91
CA GLN C 191 -21.23 34.88 -0.51
C GLN C 191 -19.83 34.47 -1.11
N LEU C 192 -18.76 34.54 -0.34
CA LEU C 192 -17.41 34.29 -0.84
C LEU C 192 -17.15 32.79 -0.72
N ASN C 193 -16.80 32.14 -1.80
CA ASN C 193 -16.30 30.78 -1.70
C ASN C 193 -15.06 30.72 -2.63
N ALA C 194 -13.95 30.34 -2.10
CA ALA C 194 -12.74 30.30 -2.90
C ALA C 194 -11.84 29.20 -2.38
N SER C 195 -11.23 28.50 -3.28
CA SER C 195 -10.18 27.52 -2.92
C SER C 195 -8.99 28.22 -2.32
N ILE C 196 -8.37 27.60 -1.34
CA ILE C 196 -7.11 28.07 -0.78
C ILE C 196 -6.00 27.28 -1.52
N ILE C 197 -5.02 27.97 -2.05
CA ILE C 197 -3.92 27.41 -2.81
C ILE C 197 -2.71 27.73 -1.99
N ALA C 198 -2.05 26.70 -1.48
CA ALA C 198 -0.85 26.92 -0.67
C ALA C 198 0.39 26.51 -1.52
N GLN C 199 1.29 25.70 -0.98
CA GLN C 199 2.51 25.38 -1.78
C GLN C 199 2.14 24.61 -3.05
N THR C 200 2.97 24.76 -4.09
CA THR C 200 2.74 24.03 -5.35
C THR C 200 4.07 23.40 -5.69
N ARG C 201 4.00 22.29 -6.41
CA ARG C 201 5.23 21.59 -6.80
C ARG C 201 6.16 22.53 -7.62
N LEU C 202 7.45 22.41 -7.37
CA LEU C 202 8.46 23.16 -8.10
C LEU C 202 8.57 22.73 -9.52
N THR C 203 8.99 23.67 -10.38
CA THR C 203 8.93 23.47 -11.81
C THR C 203 10.25 23.65 -12.56
N SER C 204 11.36 23.89 -11.86
CA SER C 204 12.59 24.28 -12.57
C SER C 204 13.77 24.09 -11.71
N THR C 205 14.94 23.98 -12.36
CA THR C 205 16.18 23.87 -11.59
C THR C 205 16.35 25.09 -10.69
N GLU C 206 15.94 26.27 -11.19
CA GLU C 206 16.09 27.48 -10.42
C GLU C 206 15.32 27.42 -9.12
N GLU C 207 14.11 26.91 -9.19
CA GLU C 207 13.29 26.81 -7.95
C GLU C 207 13.84 25.80 -6.98
N PHE C 208 14.33 24.66 -7.49
CA PHE C 208 15.02 23.73 -6.61
C PHE C 208 16.25 24.37 -5.96
N GLY C 209 17.00 25.14 -6.73
CA GLY C 209 18.20 25.83 -6.22
C GLY C 209 17.94 26.72 -5.02
N LYS C 210 16.76 27.30 -4.96
CA LYS C 210 16.39 28.18 -3.85
C LYS C 210 15.78 27.54 -2.63
N ILE C 211 15.65 26.22 -2.59
CA ILE C 211 15.12 25.58 -1.41
C ILE C 211 16.06 26.00 -0.25
N LEU C 212 15.45 26.40 0.85
CA LEU C 212 16.17 26.83 2.04
C LEU C 212 16.49 25.69 2.98
N LEU C 213 17.74 25.31 3.04
CA LEU C 213 18.19 24.24 3.95
C LEU C 213 18.22 24.67 5.42
N LYS C 214 18.84 25.84 5.67
CA LYS C 214 18.84 26.46 7.01
C LYS C 214 19.36 27.88 6.99
N VAL C 215 19.12 28.62 8.06
CA VAL C 215 19.71 29.96 8.20
C VAL C 215 20.80 29.88 9.29
N ASN C 216 22.00 30.35 9.02
CA ASN C 216 23.08 30.29 10.01
C ASN C 216 22.83 31.26 11.18
N GLN C 217 23.62 31.19 12.26
CA GLN C 217 23.44 32.13 13.40
C GLN C 217 23.67 33.59 12.98
N ASP C 218 24.70 33.85 12.17
CA ASP C 218 24.95 35.20 11.61
C ASP C 218 23.96 35.63 10.50
N GLY C 219 22.84 34.93 10.35
CA GLY C 219 21.78 35.36 9.44
C GLY C 219 21.94 34.96 7.98
N SER C 220 23.07 34.35 7.59
CA SER C 220 23.25 33.91 6.21
C SER C 220 22.39 32.65 5.96
N ARG C 221 21.89 32.57 4.73
CA ARG C 221 21.00 31.52 4.22
C ARG C 221 21.85 30.43 3.50
N VAL C 222 21.61 29.17 3.83
CA VAL C 222 22.18 28.06 3.01
C VAL C 222 21.07 27.50 2.10
N LEU C 223 21.27 27.66 0.81
CA LEU C 223 20.31 27.21 -0.18
C LEU C 223 20.79 25.90 -0.76
N LEU C 224 19.86 25.15 -1.35
CA LEU C 224 20.21 23.86 -1.93
C LEU C 224 21.26 24.01 -3.01
N ARG C 225 21.19 25.06 -3.82
CA ARG C 225 22.26 25.33 -4.78
C ARG C 225 23.68 25.55 -4.15
N ASP C 226 23.79 25.83 -2.84
CA ASP C 226 25.08 25.99 -2.16
C ASP C 226 25.69 24.65 -1.80
N VAL C 227 24.91 23.58 -1.88
CA VAL C 227 25.44 22.22 -1.57
C VAL C 227 25.25 21.17 -2.67
N ALA C 228 24.75 21.56 -3.83
CA ALA C 228 24.41 20.64 -4.91
C ALA C 228 24.38 21.29 -6.24
N LYS C 229 24.75 20.58 -7.28
CA LYS C 229 24.51 20.96 -8.67
C LYS C 229 23.16 20.41 -9.06
N ILE C 230 22.43 21.15 -9.87
CA ILE C 230 21.02 20.86 -10.11
C ILE C 230 20.74 20.86 -11.60
N GLU C 231 20.25 19.76 -12.16
CA GLU C 231 20.01 19.73 -13.57
C GLU C 231 18.94 18.73 -13.91
N LEU C 232 18.22 18.97 -15.00
CA LEU C 232 17.40 17.91 -15.61
C LEU C 232 18.35 16.85 -16.15
N GLY C 233 18.12 15.56 -15.86
CA GLY C 233 18.91 14.46 -16.39
C GLY C 233 18.05 13.19 -16.46
N GLY C 234 18.66 12.06 -16.59
CA GLY C 234 17.92 10.80 -16.62
C GLY C 234 17.52 10.27 -15.25
N GLU C 235 16.58 9.35 -15.26
CA GLU C 235 16.27 8.59 -14.04
C GLU C 235 17.38 7.57 -13.70
N ASN C 236 18.02 7.02 -14.71
CA ASN C 236 18.98 5.97 -14.59
C ASN C 236 20.12 6.24 -15.62
N TYR C 237 21.35 5.87 -15.29
CA TYR C 237 22.50 6.12 -16.16
C TYR C 237 23.24 4.84 -16.48
N ASP C 238 22.58 3.70 -16.34
CA ASP C 238 23.22 2.43 -16.62
C ASP C 238 23.55 2.16 -18.08
N ILE C 239 22.73 2.66 -19.01
CA ILE C 239 22.89 2.39 -20.39
C ILE C 239 23.29 3.63 -21.19
N ILE C 240 24.28 3.50 -22.07
CA ILE C 240 24.53 4.58 -23.03
C ILE C 240 24.35 3.98 -24.40
N ALA C 241 23.57 4.61 -25.27
CA ALA C 241 23.30 4.08 -26.63
C ALA C 241 23.69 5.11 -27.66
N GLU C 242 24.22 4.61 -28.77
CA GLU C 242 24.62 5.47 -29.89
C GLU C 242 24.21 4.76 -31.20
N PHE C 243 23.80 5.57 -32.17
CA PHE C 243 23.45 5.09 -33.51
C PHE C 243 24.47 5.70 -34.46
N ASN C 244 25.24 4.85 -35.13
CA ASN C 244 26.41 5.34 -35.88
C ASN C 244 27.19 6.43 -35.19
N GLY C 245 27.48 6.17 -33.91
CA GLY C 245 28.23 7.10 -33.09
C GLY C 245 27.53 8.31 -32.55
N GLN C 246 26.23 8.50 -32.79
CA GLN C 246 25.56 9.72 -32.38
C GLN C 246 24.56 9.37 -31.25
N PRO C 247 24.31 10.30 -30.31
CA PRO C 247 23.42 9.88 -29.18
C PRO C 247 22.03 9.52 -29.68
N ALA C 248 21.36 8.58 -29.03
CA ALA C 248 20.13 8.07 -29.56
C ALA C 248 19.29 7.50 -28.46
N SER C 249 18.01 7.72 -28.58
CA SER C 249 17.00 7.03 -27.77
C SER C 249 16.23 6.11 -28.68
N GLY C 250 15.19 5.47 -28.18
CA GLY C 250 14.44 4.55 -29.02
C GLY C 250 13.11 4.09 -28.46
N LEU C 251 12.31 3.51 -29.32
CA LEU C 251 11.05 2.87 -28.94
C LEU C 251 11.01 1.45 -29.45
N GLY C 252 10.66 0.53 -28.58
CA GLY C 252 10.42 -0.84 -29.00
C GLY C 252 8.94 -1.06 -29.05
N ILE C 253 8.44 -1.46 -30.21
CA ILE C 253 7.00 -1.49 -30.48
C ILE C 253 6.54 -2.92 -30.77
N LYS C 254 5.52 -3.38 -30.05
CA LYS C 254 4.90 -4.67 -30.29
C LYS C 254 3.55 -4.51 -30.94
N LEU C 255 3.17 -5.53 -31.68
CA LEU C 255 1.87 -5.66 -32.37
C LEU C 255 0.78 -6.08 -31.40
N ALA C 256 -0.34 -5.42 -31.41
CA ALA C 256 -1.49 -5.86 -30.56
C ALA C 256 -1.98 -7.23 -31.07
N THR C 257 -2.47 -8.06 -30.18
CA THR C 257 -2.94 -9.41 -30.61
C THR C 257 -4.11 -9.23 -31.57
N GLY C 258 -4.07 -10.02 -32.63
CA GLY C 258 -5.02 -9.89 -33.70
C GLY C 258 -4.81 -8.80 -34.70
N ALA C 259 -3.83 -7.90 -34.53
CA ALA C 259 -3.63 -6.83 -35.54
C ALA C 259 -2.73 -7.33 -36.66
N ASN C 260 -2.75 -6.63 -37.80
CA ASN C 260 -1.96 -6.94 -39.00
C ASN C 260 -0.57 -6.25 -38.98
N ALA C 261 0.50 -7.04 -39.06
CA ALA C 261 1.89 -6.48 -39.04
C ALA C 261 2.18 -5.40 -40.06
N LEU C 262 1.83 -5.64 -41.32
CA LEU C 262 2.16 -4.69 -42.37
C LEU C 262 1.40 -3.42 -42.24
N ASP C 263 0.11 -3.51 -41.93
CA ASP C 263 -0.67 -2.29 -41.79
C ASP C 263 -0.22 -1.50 -40.56
N THR C 264 0.10 -2.23 -39.49
CA THR C 264 0.52 -1.56 -38.23
C THR C 264 1.88 -0.83 -38.46
N ALA C 265 2.83 -1.49 -39.13
CA ALA C 265 4.13 -0.87 -39.47
C ALA C 265 3.97 0.37 -40.31
N ALA C 266 3.06 0.31 -41.29
CA ALA C 266 2.84 1.47 -42.11
C ALA C 266 2.15 2.56 -41.31
N ALA C 267 1.21 2.22 -40.41
CA ALA C 267 0.53 3.22 -39.60
C ALA C 267 1.54 3.96 -38.64
N ILE C 268 2.51 3.22 -38.11
CA ILE C 268 3.55 3.79 -37.27
C ILE C 268 4.39 4.77 -38.07
N ARG C 269 4.81 4.33 -39.25
CA ARG C 269 5.63 5.22 -40.10
C ARG C 269 4.88 6.45 -40.54
N ALA C 270 3.56 6.35 -40.80
CA ALA C 270 2.74 7.54 -41.12
C ALA C 270 2.59 8.48 -39.93
N GLU C 271 2.40 7.94 -38.72
CA GLU C 271 2.31 8.77 -37.55
C GLU C 271 3.67 9.51 -37.31
N LEU C 272 4.81 8.82 -37.44
CA LEU C 272 6.12 9.46 -37.25
C LEU C 272 6.40 10.53 -38.34
N ALA C 273 5.93 10.27 -39.58
CA ALA C 273 5.99 11.32 -40.62
C ALA C 273 5.26 12.61 -40.25
N LYS C 274 4.07 12.50 -39.67
CA LYS C 274 3.30 13.69 -39.24
C LYS C 274 3.90 14.43 -38.08
N MET C 275 4.73 13.75 -37.27
CA MET C 275 5.37 14.42 -36.15
C MET C 275 6.59 15.24 -36.60
N GLU C 276 7.16 14.86 -37.73
CA GLU C 276 8.48 15.35 -38.18
C GLU C 276 8.56 16.85 -38.25
N PRO C 277 7.57 17.51 -38.82
CA PRO C 277 7.60 18.97 -38.85
C PRO C 277 7.77 19.71 -37.49
N PHE C 278 7.44 19.06 -36.37
CA PHE C 278 7.48 19.67 -35.05
C PHE C 278 8.76 19.39 -34.31
N PHE C 279 9.64 18.53 -34.87
CA PHE C 279 10.84 18.11 -34.12
C PHE C 279 11.80 19.29 -33.96
N PRO C 280 12.59 19.32 -32.91
CA PRO C 280 13.69 20.28 -32.89
C PRO C 280 14.86 19.90 -33.81
N SER C 281 15.82 20.80 -33.98
CA SER C 281 16.79 20.67 -35.02
C SER C 281 17.63 19.46 -34.79
N GLY C 282 17.84 18.75 -35.89
CA GLY C 282 18.74 17.64 -35.88
C GLY C 282 18.12 16.34 -35.41
N LEU C 283 16.86 16.35 -34.99
CA LEU C 283 16.22 15.10 -34.55
C LEU C 283 15.78 14.31 -35.77
N LYS C 284 16.06 13.02 -35.79
CA LYS C 284 15.70 12.21 -36.91
C LYS C 284 15.28 10.83 -36.45
N ILE C 285 14.35 10.24 -37.20
CA ILE C 285 13.84 8.90 -36.91
C ILE C 285 14.59 7.96 -37.80
N VAL C 286 15.02 6.84 -37.25
CA VAL C 286 15.64 5.78 -38.03
C VAL C 286 14.98 4.50 -37.62
N TYR C 287 15.06 3.52 -38.50
CA TYR C 287 14.35 2.26 -38.37
C TYR C 287 15.28 1.07 -38.45
N PRO C 288 15.98 0.74 -37.37
CA PRO C 288 16.97 -0.34 -37.46
C PRO C 288 16.44 -1.74 -37.57
N TYR C 289 15.19 -1.93 -37.13
CA TYR C 289 14.56 -3.23 -37.09
C TYR C 289 13.08 -3.09 -37.33
N ASP C 290 12.58 -3.86 -38.29
CA ASP C 290 11.18 -3.71 -38.72
C ASP C 290 10.75 -4.95 -39.50
N THR C 291 9.90 -5.79 -38.91
CA THR C 291 9.18 -6.89 -39.59
C THR C 291 8.34 -6.54 -40.86
N GLY C 310 17.33 -8.35 -41.66
CA GLY C 310 18.72 -8.68 -41.68
C GLY C 310 19.45 -7.80 -40.65
N VAL C 311 19.17 -8.08 -39.38
CA VAL C 311 19.87 -7.45 -38.27
C VAL C 311 20.62 -8.54 -37.61
N PHE C 312 21.87 -8.29 -37.21
CA PHE C 312 22.60 -9.24 -36.47
C PHE C 312 23.28 -8.48 -35.33
N MET C 313 23.89 -9.22 -34.42
CA MET C 313 24.40 -8.70 -33.20
C MET C 313 25.88 -8.94 -33.05
N THR C 314 26.49 -8.07 -32.26
CA THR C 314 27.85 -8.26 -31.82
C THR C 314 27.87 -8.07 -30.38
N MET C 315 28.22 -9.12 -29.64
CA MET C 315 28.31 -9.13 -28.20
C MET C 315 29.67 -8.59 -27.72
N VAL C 316 29.69 -7.81 -26.62
CA VAL C 316 30.92 -7.32 -26.00
C VAL C 316 30.87 -7.63 -24.53
N GLN C 317 31.90 -8.30 -24.01
CA GLN C 317 32.01 -8.63 -22.60
C GLN C 317 33.42 -8.37 -22.07
N LEU C 318 33.54 -7.40 -21.16
CA LEU C 318 34.79 -7.00 -20.57
C LEU C 318 34.96 -7.80 -19.30
N PRO C 319 36.16 -7.74 -18.68
CA PRO C 319 36.37 -8.52 -17.46
C PRO C 319 35.63 -7.94 -16.21
N ALA C 320 35.58 -8.73 -15.14
CA ALA C 320 35.12 -8.28 -13.82
C ALA C 320 35.53 -6.90 -13.46
N GLY C 321 34.54 -6.10 -13.12
CA GLY C 321 34.78 -4.80 -12.54
C GLY C 321 35.12 -3.80 -13.61
N ALA C 322 35.12 -4.18 -14.88
CA ALA C 322 35.39 -3.17 -15.94
C ALA C 322 34.26 -2.11 -16.02
N THR C 323 34.63 -0.89 -16.37
CA THR C 323 33.74 0.22 -16.29
C THR C 323 33.14 0.56 -17.61
N GLN C 324 32.09 1.38 -17.57
CA GLN C 324 31.34 1.79 -18.75
C GLN C 324 32.21 2.44 -19.81
N GLU C 325 33.13 3.28 -19.36
CA GLU C 325 34.01 3.95 -20.32
C GLU C 325 34.91 2.95 -21.04
N ARG C 326 35.40 1.92 -20.36
CA ARG C 326 36.17 0.87 -21.01
C ARG C 326 35.39 0.10 -21.99
N THR C 327 34.16 -0.23 -21.64
CA THR C 327 33.27 -0.90 -22.60
C THR C 327 32.95 -0.04 -23.82
N GLN C 328 32.73 1.25 -23.60
CA GLN C 328 32.44 2.21 -24.67
C GLN C 328 33.55 2.28 -25.71
N LYS C 329 34.77 2.23 -25.23
CA LYS C 329 35.94 2.22 -26.11
C LYS C 329 35.90 1.00 -27.02
N VAL C 330 35.54 -0.18 -26.49
CA VAL C 330 35.44 -1.38 -27.32
C VAL C 330 34.29 -1.31 -28.32
N LEU C 331 33.12 -0.87 -27.84
CA LEU C 331 31.99 -0.66 -28.71
C LEU C 331 32.30 0.32 -29.84
N ASN C 332 33.01 1.39 -29.54
CA ASN C 332 33.42 2.32 -30.56
C ASN C 332 34.34 1.65 -31.62
N GLU C 333 35.23 0.77 -31.22
CA GLU C 333 36.02 0.01 -32.21
C GLU C 333 35.16 -0.92 -33.03
N VAL C 334 34.14 -1.54 -32.42
CA VAL C 334 33.21 -2.35 -33.17
C VAL C 334 32.41 -1.54 -34.16
N THR C 335 31.89 -0.38 -33.76
CA THR C 335 31.19 0.47 -34.64
C THR C 335 32.06 0.92 -35.86
N HIS C 336 33.27 1.33 -35.54
CA HIS C 336 34.21 1.85 -36.55
C HIS C 336 34.55 0.75 -37.56
N TYR C 337 34.83 -0.47 -37.08
CA TYR C 337 34.97 -1.60 -37.98
C TYR C 337 33.82 -1.75 -39.02
N TYR C 338 32.57 -1.75 -38.54
CA TYR C 338 31.47 -2.03 -39.44
C TYR C 338 31.27 -0.91 -40.44
N LEU C 339 31.51 0.32 -40.01
CA LEU C 339 31.22 1.45 -40.79
C LEU C 339 32.36 1.77 -41.78
N THR C 340 33.48 1.07 -41.68
CA THR C 340 34.60 1.27 -42.61
C THR C 340 34.78 0.00 -43.41
N LYS C 341 35.20 -1.08 -42.73
CA LYS C 341 35.40 -2.38 -43.36
C LYS C 341 34.13 -3.04 -43.91
N GLU C 342 32.93 -2.73 -43.39
CA GLU C 342 31.71 -3.24 -44.01
C GLU C 342 30.85 -2.12 -44.51
N LYS C 343 31.44 -1.01 -44.93
CA LYS C 343 30.66 0.11 -45.41
C LYS C 343 29.74 -0.19 -46.57
N ASN C 344 30.07 -1.20 -47.39
CA ASN C 344 29.19 -1.57 -48.47
C ASN C 344 28.04 -2.45 -48.01
N ASN C 345 28.14 -3.09 -46.85
CA ASN C 345 27.09 -3.99 -46.38
C ASN C 345 26.21 -3.47 -45.23
N VAL C 346 26.75 -2.52 -44.46
CA VAL C 346 26.15 -2.15 -43.18
C VAL C 346 25.52 -0.78 -43.33
N GLU C 347 24.25 -0.71 -42.98
CA GLU C 347 23.50 0.54 -42.88
C GLU C 347 23.76 1.24 -41.54
N SER C 348 23.70 0.49 -40.45
CA SER C 348 23.88 1.13 -39.15
C SER C 348 24.35 0.17 -38.08
N VAL C 349 24.93 0.77 -37.03
CA VAL C 349 25.36 0.05 -35.84
C VAL C 349 24.69 0.83 -34.67
N PHE C 350 23.86 0.10 -33.95
CA PHE C 350 23.20 0.63 -32.75
C PHE C 350 23.96 0.00 -31.57
N ALA C 351 24.83 0.79 -30.98
CA ALA C 351 25.73 0.33 -29.92
C ALA C 351 25.09 0.62 -28.58
N VAL C 352 24.87 -0.43 -27.77
CA VAL C 352 24.20 -0.30 -26.50
C VAL C 352 25.12 -0.79 -25.40
N ASN C 353 25.58 0.16 -24.60
CA ASN C 353 26.59 -0.06 -23.58
C ASN C 353 25.85 -0.21 -22.26
N GLY C 354 26.04 -1.33 -21.57
CA GLY C 354 25.34 -1.60 -20.32
C GLY C 354 24.30 -2.70 -20.41
N PHE C 355 23.96 -3.17 -21.61
CA PHE C 355 22.96 -4.19 -21.79
C PHE C 355 23.58 -5.39 -22.49
N GLY C 356 23.22 -6.62 -22.15
CA GLY C 356 23.91 -7.80 -22.76
C GLY C 356 23.22 -9.16 -22.98
N PHE C 357 21.93 -9.25 -22.61
CA PHE C 357 21.09 -10.52 -22.63
C PHE C 357 21.52 -11.54 -21.51
N ALA C 358 22.81 -11.97 -21.49
CA ALA C 358 23.44 -12.75 -20.36
C ALA C 358 23.61 -12.00 -18.99
N GLY C 359 23.29 -10.70 -18.98
CA GLY C 359 23.48 -9.87 -17.83
C GLY C 359 23.50 -8.40 -18.26
N ARG C 360 23.05 -7.54 -17.35
CA ARG C 360 23.29 -6.11 -17.42
C ARG C 360 24.58 -5.81 -16.67
N GLY C 361 25.03 -4.58 -16.81
CA GLY C 361 26.23 -4.10 -16.09
C GLY C 361 27.20 -3.32 -16.94
N GLN C 362 28.11 -2.67 -16.25
CA GLN C 362 29.04 -1.76 -16.90
C GLN C 362 30.07 -2.43 -17.85
N ASN C 363 30.28 -3.71 -17.69
CA ASN C 363 31.28 -4.44 -18.48
C ASN C 363 30.68 -5.23 -19.59
N THR C 364 29.46 -4.92 -19.98
CA THR C 364 28.82 -5.58 -21.08
C THR C 364 28.12 -4.59 -22.03
N GLY C 365 28.03 -5.03 -23.28
CA GLY C 365 27.32 -4.34 -24.32
C GLY C 365 26.97 -5.17 -25.52
N ILE C 366 26.15 -4.63 -26.38
CA ILE C 366 25.78 -5.26 -27.64
C ILE C 366 25.68 -4.19 -28.71
N ALA C 367 26.11 -4.54 -29.90
CA ALA C 367 25.89 -3.74 -31.07
C ALA C 367 24.92 -4.47 -31.91
N PHE C 368 23.84 -3.78 -32.26
CA PHE C 368 22.85 -4.25 -33.22
C PHE C 368 23.15 -3.68 -34.56
N VAL C 369 23.47 -4.54 -35.52
CA VAL C 369 23.94 -4.12 -36.82
C VAL C 369 22.88 -4.37 -37.88
N SER C 370 22.47 -3.31 -38.55
CA SER C 370 21.45 -3.41 -39.57
C SER C 370 22.09 -3.41 -40.97
N LEU C 371 21.83 -4.48 -41.70
CA LEU C 371 22.37 -4.59 -43.07
C LEU C 371 21.59 -3.84 -44.08
N LYS C 372 22.26 -3.49 -45.17
CA LYS C 372 21.58 -2.89 -46.30
C LYS C 372 20.67 -3.95 -46.93
N ASP C 373 19.79 -3.52 -47.81
CA ASP C 373 18.88 -4.45 -48.51
C ASP C 373 19.63 -5.58 -49.19
N TRP C 374 19.16 -6.82 -49.02
CA TRP C 374 19.72 -8.04 -49.67
C TRP C 374 20.14 -7.77 -51.14
N ALA C 375 19.25 -7.09 -51.88
CA ALA C 375 19.49 -6.68 -53.26
C ALA C 375 20.81 -5.92 -53.44
N ASP C 376 21.19 -5.07 -52.50
CA ASP C 376 22.42 -4.33 -52.64
C ASP C 376 23.62 -5.05 -52.10
N ARG C 377 23.52 -6.34 -51.79
CA ARG C 377 24.60 -7.13 -51.21
C ARG C 377 24.82 -8.43 -51.99
N PRO C 378 25.09 -8.32 -53.30
CA PRO C 378 25.30 -9.55 -54.09
C PRO C 378 26.58 -10.31 -53.74
N GLY C 379 26.57 -11.61 -53.98
CA GLY C 379 27.71 -12.47 -53.75
C GLY C 379 27.55 -13.03 -52.38
N GLU C 380 28.00 -14.26 -52.18
CA GLU C 380 28.04 -14.88 -50.82
C GLU C 380 28.91 -14.13 -49.79
N GLU C 381 29.92 -13.44 -50.29
CA GLU C 381 30.84 -12.75 -49.40
C GLU C 381 30.15 -11.56 -48.67
N ASN C 382 29.05 -11.06 -49.24
CA ASN C 382 28.22 -10.01 -48.69
C ASN C 382 26.97 -10.44 -47.94
N LYS C 383 26.86 -11.73 -47.59
CA LYS C 383 25.73 -12.24 -46.78
C LYS C 383 26.12 -12.39 -45.35
N VAL C 384 25.10 -12.49 -44.50
CA VAL C 384 25.29 -12.46 -43.05
C VAL C 384 26.33 -13.45 -42.56
N GLU C 385 26.29 -14.70 -43.02
CA GLU C 385 27.26 -15.68 -42.52
C GLU C 385 28.71 -15.20 -42.73
N ALA C 386 29.04 -14.76 -43.94
CA ALA C 386 30.44 -14.34 -44.26
C ALA C 386 30.86 -13.05 -43.52
N ILE C 387 29.93 -12.10 -43.44
CA ILE C 387 30.15 -10.88 -42.65
C ILE C 387 30.44 -11.20 -41.22
N THR C 388 29.61 -12.04 -40.61
CA THR C 388 29.83 -12.33 -39.20
C THR C 388 31.13 -13.12 -38.97
N MET C 389 31.48 -14.02 -39.87
CA MET C 389 32.75 -14.75 -39.65
C MET C 389 33.96 -13.83 -39.77
N ARG C 390 33.96 -12.94 -40.76
CA ARG C 390 34.98 -11.89 -40.87
C ARG C 390 35.02 -11.00 -39.68
N ALA C 391 33.85 -10.60 -39.15
CA ALA C 391 33.84 -9.72 -37.99
C ALA C 391 34.40 -10.40 -36.80
N THR C 392 34.01 -11.63 -36.55
CA THR C 392 34.55 -12.35 -35.41
C THR C 392 36.06 -12.57 -35.51
N ARG C 393 36.55 -12.88 -36.71
CA ARG C 393 37.98 -13.01 -36.88
C ARG C 393 38.68 -11.64 -36.61
N ALA C 394 38.19 -10.52 -37.11
CA ALA C 394 38.83 -9.22 -36.80
C ALA C 394 38.79 -8.83 -35.34
N PHE C 395 37.70 -9.19 -34.68
CA PHE C 395 37.55 -8.87 -33.28
C PHE C 395 38.36 -9.80 -32.36
N SER C 396 38.78 -11.00 -32.79
CA SER C 396 39.63 -11.83 -31.90
C SER C 396 40.99 -11.18 -31.59
N GLN C 397 41.42 -10.16 -32.36
CA GLN C 397 42.56 -9.34 -31.98
C GLN C 397 42.33 -8.66 -30.64
N ILE C 398 41.16 -8.00 -30.50
CA ILE C 398 40.84 -7.16 -29.34
C ILE C 398 41.20 -7.88 -28.04
N LYS C 399 42.09 -7.28 -27.29
CA LYS C 399 42.46 -7.76 -25.95
C LYS C 399 41.68 -7.04 -24.84
N ASP C 400 41.56 -7.69 -23.72
CA ASP C 400 40.71 -7.15 -22.61
C ASP C 400 39.24 -7.03 -23.01
N ALA C 401 38.77 -7.80 -23.99
CA ALA C 401 37.35 -8.03 -24.14
C ALA C 401 37.13 -9.25 -24.95
N MET C 402 36.06 -9.99 -24.66
CA MET C 402 35.53 -10.99 -25.59
C MET C 402 34.46 -10.35 -26.50
N VAL C 403 34.65 -10.44 -27.81
CA VAL C 403 33.80 -9.77 -28.79
C VAL C 403 33.44 -10.70 -29.93
N PHE C 404 32.15 -10.98 -30.14
CA PHE C 404 31.71 -12.14 -30.98
C PHE C 404 30.56 -11.61 -31.77
N ALA C 405 30.58 -11.82 -33.08
CA ALA C 405 29.48 -11.52 -33.93
C ALA C 405 28.63 -12.75 -34.24
N PHE C 406 27.33 -12.59 -34.33
CA PHE C 406 26.45 -13.75 -34.59
C PHE C 406 25.09 -13.34 -35.12
N ASN C 407 24.45 -14.27 -35.80
CA ASN C 407 23.06 -14.13 -36.21
C ASN C 407 22.16 -15.01 -35.35
N LEU C 408 20.83 -14.85 -35.40
CA LEU C 408 19.89 -15.78 -34.72
C LEU C 408 19.09 -16.64 -35.70
N ALA C 417 18.49 -26.82 -33.32
CA ALA C 417 18.71 -27.16 -31.92
C ALA C 417 19.62 -28.40 -31.77
N THR C 418 20.91 -28.15 -31.50
CA THR C 418 21.84 -29.18 -30.93
C THR C 418 22.10 -28.92 -29.42
N GLY C 419 21.71 -27.73 -28.94
CA GLY C 419 22.04 -27.30 -27.59
C GLY C 419 21.16 -27.96 -26.54
N PHE C 420 21.63 -27.92 -25.30
CA PHE C 420 20.79 -28.21 -24.15
C PHE C 420 20.78 -27.03 -23.14
N ASP C 421 19.83 -27.04 -22.21
CA ASP C 421 19.54 -25.89 -21.28
C ASP C 421 19.24 -26.51 -19.95
N PHE C 422 20.24 -26.58 -19.10
CA PHE C 422 20.26 -27.33 -17.87
C PHE C 422 20.27 -26.37 -16.67
N GLU C 423 19.51 -26.68 -15.61
CA GLU C 423 19.59 -25.94 -14.37
C GLU C 423 20.16 -26.73 -13.23
N LEU C 424 21.20 -26.21 -12.60
CA LEU C 424 21.72 -26.80 -11.41
C LEU C 424 21.02 -26.14 -10.18
N ILE C 425 20.53 -26.91 -9.24
CA ILE C 425 19.60 -26.35 -8.22
C ILE C 425 20.06 -26.66 -6.81
N ASP C 426 20.08 -25.63 -5.94
CA ASP C 426 20.36 -25.80 -4.54
C ASP C 426 19.06 -26.34 -3.83
N GLN C 427 19.00 -27.65 -3.53
CA GLN C 427 17.81 -28.27 -2.95
C GLN C 427 17.79 -28.36 -1.44
N ALA C 428 18.81 -27.91 -0.75
CA ALA C 428 18.93 -28.15 0.69
C ALA C 428 19.60 -27.00 1.39
N GLY C 429 19.39 -25.79 0.91
CA GLY C 429 19.86 -24.67 1.63
C GLY C 429 21.38 -24.53 1.69
N LEU C 430 22.06 -25.02 0.69
CA LEU C 430 23.54 -25.01 0.68
C LEU C 430 24.14 -23.60 0.59
N GLY C 431 23.50 -22.69 -0.15
CA GLY C 431 24.01 -21.32 -0.25
C GLY C 431 24.88 -21.16 -1.54
N HIS C 432 25.07 -19.89 -1.94
CA HIS C 432 25.71 -19.55 -3.21
C HIS C 432 27.13 -20.14 -3.43
N GLU C 433 27.97 -20.04 -2.42
CA GLU C 433 29.38 -20.46 -2.52
C GLU C 433 29.44 -21.98 -2.77
N LYS C 434 28.71 -22.78 -2.01
CA LYS C 434 28.58 -24.21 -2.33
C LYS C 434 27.94 -24.58 -3.61
N LEU C 435 26.88 -23.91 -4.03
CA LEU C 435 26.33 -24.20 -5.34
C LEU C 435 27.36 -23.93 -6.42
N THR C 436 28.07 -22.82 -6.31
CA THR C 436 29.09 -22.52 -7.30
C THR C 436 30.16 -23.66 -7.32
N GLN C 437 30.60 -24.13 -6.17
CA GLN C 437 31.63 -25.23 -6.19
C GLN C 437 31.08 -26.46 -6.85
N ALA C 438 29.80 -26.80 -6.56
CA ALA C 438 29.15 -27.85 -7.29
C ALA C 438 29.10 -27.66 -8.81
N ARG C 439 28.78 -26.46 -9.26
CA ARG C 439 28.70 -26.17 -10.66
C ARG C 439 30.12 -26.37 -11.27
N ASN C 440 31.13 -25.90 -10.55
CA ASN C 440 32.53 -26.04 -11.03
C ASN C 440 32.97 -27.52 -11.16
N GLN C 441 32.63 -28.31 -10.16
CA GLN C 441 32.79 -29.79 -10.29
C GLN C 441 32.09 -30.34 -11.54
N LEU C 442 30.84 -29.96 -11.75
CA LEU C 442 30.16 -30.42 -12.92
C LEU C 442 30.81 -29.95 -14.24
N LEU C 443 31.20 -28.69 -14.34
CA LEU C 443 31.85 -28.20 -15.55
C LEU C 443 33.24 -28.87 -15.79
N ALA C 444 34.01 -29.14 -14.74
CA ALA C 444 35.31 -29.84 -14.90
C ALA C 444 35.10 -31.26 -15.44
N GLU C 445 34.15 -31.95 -14.84
CA GLU C 445 33.75 -33.29 -15.29
C GLU C 445 33.26 -33.34 -16.71
N ALA C 446 32.41 -32.40 -17.10
CA ALA C 446 31.92 -32.34 -18.47
C ALA C 446 33.05 -32.04 -19.48
N ALA C 447 34.04 -31.27 -19.04
CA ALA C 447 35.26 -31.02 -19.84
C ALA C 447 36.13 -32.31 -20.08
N LYS C 448 36.02 -33.31 -19.20
CA LYS C 448 36.71 -34.59 -19.37
C LYS C 448 36.05 -35.51 -20.38
N HIS C 449 34.94 -35.08 -21.01
CA HIS C 449 34.20 -35.89 -21.95
C HIS C 449 33.98 -35.10 -23.25
N PRO C 450 35.08 -34.57 -23.86
CA PRO C 450 35.02 -33.80 -25.12
C PRO C 450 34.49 -34.60 -26.33
N ASP C 451 34.60 -35.93 -26.28
CA ASP C 451 33.95 -36.81 -27.27
C ASP C 451 32.39 -36.80 -27.27
N MET C 452 31.77 -36.39 -26.14
CA MET C 452 30.29 -36.31 -26.00
C MET C 452 29.74 -34.82 -25.89
N LEU C 453 30.46 -33.98 -25.15
CA LEU C 453 29.99 -32.63 -24.79
C LEU C 453 30.93 -31.52 -25.25
N THR C 454 30.37 -30.46 -25.82
CA THR C 454 31.15 -29.32 -26.26
C THR C 454 30.55 -28.01 -25.71
N SER C 455 31.42 -27.09 -25.29
CA SER C 455 31.05 -25.75 -24.86
C SER C 455 30.05 -25.78 -23.61
N VAL C 456 30.29 -26.69 -22.67
CA VAL C 456 29.46 -26.74 -21.49
C VAL C 456 29.92 -25.57 -20.63
N ARG C 457 29.03 -24.58 -20.45
CA ARG C 457 29.41 -23.36 -19.77
C ARG C 457 28.22 -22.76 -18.94
N PRO C 458 28.54 -21.86 -17.99
CA PRO C 458 27.47 -21.10 -17.27
C PRO C 458 26.79 -20.15 -18.18
N ASN C 459 25.49 -19.92 -18.06
CA ASN C 459 24.86 -18.91 -18.80
C ASN C 459 25.10 -17.56 -18.12
N GLY C 460 25.33 -17.60 -16.81
CA GLY C 460 25.34 -16.39 -15.97
C GLY C 460 26.73 -15.82 -15.76
N LEU C 461 26.88 -15.05 -14.69
CA LEU C 461 28.06 -14.31 -14.36
C LEU C 461 28.80 -14.88 -13.19
N GLU C 462 30.12 -14.67 -13.22
CA GLU C 462 30.96 -15.04 -12.08
C GLU C 462 30.98 -14.03 -10.96
N ASP C 463 31.25 -14.46 -9.74
CA ASP C 463 31.45 -13.55 -8.64
C ASP C 463 32.55 -12.53 -8.92
N THR C 464 32.40 -11.35 -8.36
CA THR C 464 33.34 -10.26 -8.64
C THR C 464 33.70 -9.64 -7.31
N PRO C 465 34.73 -8.81 -7.27
CA PRO C 465 35.00 -8.12 -6.02
C PRO C 465 33.92 -7.13 -5.59
N GLN C 466 33.65 -7.07 -4.29
CA GLN C 466 32.72 -6.15 -3.71
C GLN C 466 33.33 -5.49 -2.54
N PHE C 467 32.86 -4.28 -2.27
CA PHE C 467 33.29 -3.45 -1.15
C PHE C 467 32.37 -3.61 0.04
N LYS C 468 32.82 -4.38 1.05
CA LYS C 468 32.03 -4.68 2.20
C LYS C 468 32.31 -3.66 3.27
N ILE C 469 31.29 -2.91 3.66
CA ILE C 469 31.45 -1.91 4.71
C ILE C 469 30.63 -2.31 5.93
N ASP C 470 31.27 -2.31 7.12
CA ASP C 470 30.62 -2.74 8.35
C ASP C 470 30.48 -1.54 9.21
N ILE C 471 29.28 -1.24 9.59
CA ILE C 471 29.00 -0.13 10.47
C ILE C 471 29.17 -0.68 11.90
N ASP C 472 29.97 0.00 12.70
CA ASP C 472 30.17 -0.38 14.12
C ASP C 472 29.06 0.21 15.00
N GLN C 473 28.14 -0.65 15.49
CA GLN C 473 26.96 -0.16 16.22
C GLN C 473 27.32 0.47 17.54
N GLU C 474 28.31 -0.11 18.21
CA GLU C 474 28.75 0.45 19.49
C GLU C 474 29.30 1.90 19.36
N LYS C 475 30.17 2.10 18.39
CA LYS C 475 30.72 3.41 18.11
C LYS C 475 29.65 4.37 17.68
N ALA C 476 28.75 3.92 16.82
CA ALA C 476 27.64 4.79 16.44
C ALA C 476 26.84 5.22 17.67
N GLN C 477 26.51 4.28 18.56
CA GLN C 477 25.71 4.60 19.76
C GLN C 477 26.52 5.51 20.74
N ALA C 478 27.80 5.19 20.94
CA ALA C 478 28.67 6.02 21.79
C ALA C 478 28.74 7.46 21.28
N LEU C 479 28.76 7.64 19.96
CA LEU C 479 28.77 8.96 19.33
C LEU C 479 27.42 9.62 19.20
N GLY C 480 26.33 8.88 19.37
CA GLY C 480 24.99 9.42 19.25
C GLY C 480 24.57 9.59 17.77
N VAL C 481 25.19 8.78 16.90
CA VAL C 481 24.89 8.84 15.47
C VAL C 481 23.84 7.79 15.22
N SER C 482 22.70 8.19 14.69
CA SER C 482 21.62 7.22 14.35
C SER C 482 21.97 6.31 13.13
N ILE C 483 21.68 5.03 13.26
CA ILE C 483 21.92 4.06 12.19
C ILE C 483 21.06 4.39 10.95
N ASN C 484 19.87 4.92 11.14
CA ASN C 484 19.05 5.39 9.96
C ASN C 484 19.69 6.57 9.23
N ASP C 485 20.27 7.52 9.95
CA ASP C 485 21.00 8.61 9.32
C ASP C 485 22.25 8.10 8.55
N ILE C 486 22.93 7.08 9.12
CA ILE C 486 24.08 6.48 8.49
C ILE C 486 23.72 5.82 7.19
N ASN C 487 22.75 4.96 7.25
CA ASN C 487 22.32 4.18 6.11
C ASN C 487 21.62 5.02 5.02
N THR C 488 20.86 6.02 5.41
CA THR C 488 20.32 6.98 4.45
C THR C 488 21.43 7.82 3.82
N THR C 489 22.42 8.24 4.59
CA THR C 489 23.50 9.02 4.05
C THR C 489 24.28 8.21 2.98
N LEU C 490 24.62 6.98 3.32
CA LEU C 490 25.36 6.11 2.43
C LEU C 490 24.56 5.78 1.18
N GLY C 491 23.34 5.32 1.36
CA GLY C 491 22.45 4.96 0.27
C GLY C 491 22.10 6.12 -0.67
N ALA C 492 21.70 7.24 -0.09
CA ALA C 492 21.35 8.39 -0.91
C ALA C 492 22.53 8.95 -1.72
N ALA C 493 23.70 9.08 -1.07
CA ALA C 493 24.84 9.55 -1.73
C ALA C 493 25.35 8.61 -2.82
N TRP C 494 25.53 7.35 -2.47
CA TRP C 494 26.24 6.47 -3.33
C TRP C 494 25.33 5.73 -4.29
N GLY C 495 24.05 5.54 -3.89
CA GLY C 495 23.10 4.73 -4.74
C GLY C 495 22.02 5.64 -5.42
N GLY C 496 21.72 6.76 -4.78
CA GLY C 496 20.68 7.66 -5.25
C GLY C 496 19.35 7.34 -4.59
N SER C 497 18.48 8.32 -4.48
CA SER C 497 17.22 8.11 -3.86
C SER C 497 16.13 8.94 -4.62
N TYR C 498 15.03 8.30 -4.98
CA TYR C 498 13.85 8.94 -5.51
C TYR C 498 13.11 9.61 -4.37
N VAL C 499 13.08 10.94 -4.32
CA VAL C 499 12.53 11.64 -3.21
C VAL C 499 11.03 11.87 -3.33
N ASN C 500 10.66 12.55 -4.39
CA ASN C 500 9.23 12.86 -4.68
C ASN C 500 9.13 13.41 -6.12
N ASP C 501 7.95 13.93 -6.47
CA ASP C 501 7.67 14.35 -7.86
C ASP C 501 7.62 15.87 -8.00
N PHE C 502 7.94 16.34 -9.21
CA PHE C 502 7.86 17.76 -9.58
C PHE C 502 7.12 17.86 -10.92
N ILE C 503 6.91 19.11 -11.37
CA ILE C 503 6.18 19.36 -12.59
C ILE C 503 7.08 20.09 -13.59
N ASP C 504 7.43 19.41 -14.68
CA ASP C 504 8.30 19.97 -15.71
C ASP C 504 7.46 20.32 -16.90
N ARG C 505 7.31 21.60 -17.19
CA ARG C 505 6.54 22.07 -18.34
C ARG C 505 5.18 21.37 -18.37
N GLY C 506 4.55 21.34 -17.20
CA GLY C 506 3.21 20.80 -17.10
C GLY C 506 3.11 19.29 -16.89
N ARG C 507 4.24 18.54 -16.91
CA ARG C 507 4.18 17.07 -16.82
C ARG C 507 4.90 16.57 -15.56
N VAL C 508 4.25 15.71 -14.81
CA VAL C 508 4.83 15.17 -13.56
C VAL C 508 5.96 14.25 -13.85
N LYS C 509 7.07 14.46 -13.11
CA LYS C 509 8.30 13.72 -13.20
C LYS C 509 8.96 13.57 -11.86
N LYS C 510 9.95 12.69 -11.80
CA LYS C 510 10.65 12.34 -10.57
C LYS C 510 11.79 13.29 -10.20
N VAL C 511 12.08 13.36 -8.88
CA VAL C 511 13.21 14.07 -8.30
C VAL C 511 14.13 13.05 -7.65
N TYR C 512 15.41 13.06 -8.02
CA TYR C 512 16.42 12.15 -7.42
C TYR C 512 17.53 12.96 -6.72
N VAL C 513 18.01 12.48 -5.56
CA VAL C 513 19.22 13.04 -4.95
C VAL C 513 20.28 11.95 -5.06
N MET C 514 21.52 12.35 -5.29
CA MET C 514 22.64 11.42 -5.32
C MET C 514 23.90 12.26 -5.19
N SER C 515 24.99 11.65 -4.81
CA SER C 515 26.26 12.41 -4.84
C SER C 515 26.62 12.76 -6.26
N GLU C 516 27.14 13.97 -6.42
CA GLU C 516 27.96 14.25 -7.64
C GLU C 516 29.02 13.18 -7.84
N ALA C 517 29.21 12.75 -9.09
CA ALA C 517 30.05 11.56 -9.42
C ALA C 517 31.41 11.51 -8.73
N LYS C 518 32.09 12.68 -8.68
CA LYS C 518 33.47 12.72 -8.14
C LYS C 518 33.58 12.46 -6.65
N TYR C 519 32.48 12.54 -5.89
CA TYR C 519 32.53 12.18 -4.50
C TYR C 519 32.02 10.78 -4.17
N ARG C 520 31.81 9.92 -5.16
CA ARG C 520 31.33 8.57 -4.96
C ARG C 520 32.02 7.58 -5.85
N MET C 521 33.30 7.79 -6.12
CA MET C 521 33.99 6.87 -7.05
C MET C 521 34.84 5.73 -6.40
N LEU C 522 35.53 6.05 -5.33
CA LEU C 522 36.58 5.15 -4.79
C LEU C 522 36.47 5.06 -3.29
N PRO C 523 37.14 4.05 -2.70
CA PRO C 523 37.01 3.86 -1.28
C PRO C 523 37.38 5.04 -0.44
N ASP C 524 38.41 5.78 -0.85
CA ASP C 524 38.73 6.97 -0.07
C ASP C 524 37.64 8.02 0.00
N ASP C 525 36.77 8.07 -1.00
CA ASP C 525 35.62 9.02 -0.92
C ASP C 525 34.65 8.74 0.24
N ILE C 526 34.61 7.49 0.75
CA ILE C 526 33.70 7.13 1.88
C ILE C 526 33.95 8.08 3.07
N GLY C 527 35.20 8.33 3.41
CA GLY C 527 35.51 9.14 4.59
C GLY C 527 35.33 10.65 4.41
N ASP C 528 34.90 11.10 3.24
CA ASP C 528 34.51 12.50 3.03
C ASP C 528 33.05 12.80 3.37
N TRP C 529 32.29 11.74 3.68
CA TRP C 529 30.87 11.87 4.04
C TRP C 529 30.75 11.92 5.54
N TYR C 530 30.05 12.91 6.02
CA TYR C 530 29.80 13.14 7.45
C TYR C 530 28.32 12.94 7.79
N VAL C 531 28.05 12.42 8.99
CA VAL C 531 26.71 12.30 9.54
C VAL C 531 26.62 13.15 10.81
N ARG C 532 25.44 13.73 11.09
CA ARG C 532 25.29 14.62 12.20
C ARG C 532 24.76 13.82 13.39
N ALA C 533 25.52 13.87 14.48
CA ALA C 533 25.15 13.19 15.74
C ALA C 533 24.06 13.97 16.46
N ALA C 534 23.39 13.30 17.41
CA ALA C 534 22.32 13.90 18.24
C ALA C 534 22.82 15.16 18.94
N ASP C 535 24.10 15.23 19.30
CA ASP C 535 24.67 16.44 19.91
C ASP C 535 25.01 17.59 18.94
N GLY C 536 24.78 17.43 17.63
CA GLY C 536 25.17 18.42 16.64
C GLY C 536 26.55 18.31 16.00
N GLN C 537 27.44 17.46 16.48
CA GLN C 537 28.75 17.34 15.88
C GLN C 537 28.64 16.49 14.59
N MET C 538 29.54 16.79 13.65
CA MET C 538 29.64 16.09 12.41
C MET C 538 30.65 14.96 12.61
N VAL C 539 30.25 13.74 12.31
CA VAL C 539 31.10 12.57 12.48
C VAL C 539 31.41 11.93 11.10
N PRO C 540 32.72 11.82 10.71
CA PRO C 540 33.03 11.19 9.40
C PRO C 540 32.72 9.71 9.44
N PHE C 541 32.44 9.14 8.27
CA PHE C 541 32.17 7.70 8.13
C PHE C 541 33.27 6.82 8.68
N SER C 542 34.51 7.20 8.43
CA SER C 542 35.68 6.51 8.99
C SER C 542 35.62 6.36 10.52
N ALA C 543 34.92 7.24 11.24
CA ALA C 543 34.88 7.05 12.67
C ALA C 543 34.10 5.79 13.14
N PHE C 544 33.14 5.30 12.35
CA PHE C 544 32.22 4.26 12.86
C PHE C 544 32.08 3.14 11.85
N SER C 545 33.01 3.01 10.92
CA SER C 545 32.89 1.95 9.94
C SER C 545 34.23 1.40 9.61
N SER C 546 34.25 0.20 9.07
CA SER C 546 35.46 -0.39 8.53
C SER C 546 35.10 -1.12 7.27
N SER C 547 36.05 -1.36 6.37
CA SER C 547 35.75 -2.02 5.12
C SER C 547 36.82 -2.99 4.63
N ARG C 548 36.47 -3.86 3.71
CA ARG C 548 37.38 -4.80 3.12
C ARG C 548 36.84 -5.27 1.80
N TRP C 549 37.72 -5.86 0.98
CA TRP C 549 37.32 -6.45 -0.26
C TRP C 549 36.85 -7.88 0.01
N GLU C 550 35.79 -8.28 -0.68
CA GLU C 550 35.28 -9.71 -0.64
C GLU C 550 34.66 -9.99 -1.99
N TYR C 551 34.36 -11.26 -2.30
CA TYR C 551 33.74 -11.60 -3.55
C TYR C 551 32.24 -11.83 -3.31
N GLY C 552 31.41 -11.56 -4.29
CA GLY C 552 29.98 -11.94 -4.19
C GLY C 552 29.38 -11.82 -5.54
N SER C 553 28.10 -12.14 -5.70
CA SER C 553 27.52 -12.26 -7.01
C SER C 553 26.97 -10.96 -7.56
N PRO C 554 27.21 -10.68 -8.84
CA PRO C 554 26.52 -9.58 -9.50
C PRO C 554 25.18 -9.98 -10.16
N ARG C 555 24.85 -11.26 -10.12
CA ARG C 555 23.64 -11.79 -10.75
C ARG C 555 23.33 -13.19 -10.20
N LEU C 556 22.33 -13.21 -9.34
CA LEU C 556 21.78 -14.37 -8.67
C LEU C 556 20.56 -14.90 -9.44
N GLU C 557 20.55 -16.21 -9.64
CA GLU C 557 19.52 -16.91 -10.43
C GLU C 557 18.72 -17.83 -9.55
N ARG C 558 17.42 -17.97 -9.88
CA ARG C 558 16.57 -18.97 -9.21
C ARG C 558 15.74 -19.68 -10.24
N TYR C 559 15.40 -20.92 -9.92
CA TYR C 559 14.59 -21.75 -10.80
C TYR C 559 13.60 -22.48 -9.91
N ASN C 560 12.34 -22.34 -10.26
CA ASN C 560 11.18 -22.86 -9.46
C ASN C 560 11.32 -22.57 -7.97
N GLY C 561 11.71 -21.35 -7.71
CA GLY C 561 11.80 -20.84 -6.36
C GLY C 561 13.03 -21.15 -5.55
N LEU C 562 14.03 -21.86 -6.15
CA LEU C 562 15.19 -22.22 -5.43
C LEU C 562 16.45 -21.61 -6.11
N PRO C 563 17.50 -21.38 -5.36
CA PRO C 563 18.74 -20.89 -5.98
C PRO C 563 19.23 -21.84 -7.06
N SER C 564 19.65 -21.26 -8.17
CA SER C 564 19.98 -22.06 -9.34
C SER C 564 21.18 -21.45 -10.11
N MET C 565 21.74 -22.25 -11.00
CA MET C 565 22.73 -21.79 -11.98
C MET C 565 22.46 -22.52 -13.32
N GLU C 566 22.17 -21.75 -14.34
CA GLU C 566 21.83 -22.21 -15.65
C GLU C 566 23.17 -22.61 -16.37
N ILE C 567 23.17 -23.79 -17.00
CA ILE C 567 24.30 -24.35 -17.73
C ILE C 567 23.83 -24.64 -19.14
N LEU C 568 24.58 -24.08 -20.09
CA LEU C 568 24.43 -24.32 -21.52
C LEU C 568 25.53 -25.28 -22.06
N GLY C 569 25.19 -25.93 -23.16
CA GLY C 569 26.07 -26.93 -23.73
C GLY C 569 25.46 -27.53 -24.98
N GLN C 570 26.28 -28.25 -25.74
CA GLN C 570 25.79 -28.98 -26.93
C GLN C 570 26.48 -30.31 -27.08
N ALA C 571 25.81 -31.20 -27.81
CA ALA C 571 26.34 -32.55 -28.09
C ALA C 571 27.55 -32.42 -28.99
N ALA C 572 28.50 -33.35 -28.85
CA ALA C 572 29.68 -33.38 -29.74
C ALA C 572 29.26 -33.69 -31.20
N PRO C 573 30.13 -33.35 -32.21
CA PRO C 573 29.75 -33.73 -33.58
C PRO C 573 29.50 -35.24 -33.70
N GLY C 574 28.47 -35.59 -34.46
CA GLY C 574 28.00 -36.97 -34.58
C GLY C 574 27.55 -37.64 -33.27
N LYS C 575 27.00 -36.84 -32.35
CA LYS C 575 26.25 -37.35 -31.18
C LYS C 575 24.93 -36.62 -31.19
N SER C 576 23.88 -37.24 -30.67
CA SER C 576 22.57 -36.57 -30.58
C SER C 576 22.50 -35.87 -29.22
N THR C 577 21.64 -34.86 -29.13
CA THR C 577 21.44 -34.13 -27.87
C THR C 577 20.95 -35.11 -26.77
N GLY C 578 20.12 -36.07 -27.18
CA GLY C 578 19.68 -37.18 -26.35
C GLY C 578 20.76 -37.84 -25.53
N GLU C 579 21.89 -38.16 -26.17
CA GLU C 579 22.92 -38.90 -25.47
C GLU C 579 23.74 -37.96 -24.57
N ALA C 580 23.93 -36.73 -25.06
CA ALA C 580 24.66 -35.66 -24.33
C ALA C 580 23.91 -35.26 -23.03
N MET C 581 22.58 -35.14 -23.14
CA MET C 581 21.74 -34.90 -21.96
C MET C 581 21.92 -36.02 -20.96
N GLU C 582 21.89 -37.26 -21.45
CA GLU C 582 22.00 -38.45 -20.59
C GLU C 582 23.30 -38.46 -19.82
N LEU C 583 24.38 -38.03 -20.48
CA LEU C 583 25.66 -37.90 -19.78
C LEU C 583 25.60 -36.83 -18.66
N MET C 584 25.04 -35.67 -19.01
CA MET C 584 24.94 -34.56 -18.03
C MET C 584 24.24 -35.08 -16.78
N GLU C 585 23.18 -35.88 -16.98
CA GLU C 585 22.45 -36.46 -15.82
C GLU C 585 23.31 -37.39 -14.99
N GLN C 586 24.11 -38.24 -15.67
CA GLN C 586 25.06 -39.09 -14.96
C GLN C 586 26.07 -38.28 -14.20
N LEU C 587 26.59 -37.24 -14.85
CA LEU C 587 27.57 -36.40 -14.13
C LEU C 587 26.91 -35.71 -12.92
N ALA C 588 25.74 -35.12 -13.18
CA ALA C 588 24.96 -34.43 -12.11
C ALA C 588 24.66 -35.34 -10.95
N SER C 589 24.54 -36.64 -11.20
CA SER C 589 24.27 -37.60 -10.13
C SER C 589 25.44 -37.86 -9.15
N LYS C 590 26.62 -37.33 -9.47
CA LYS C 590 27.80 -37.44 -8.61
C LYS C 590 28.13 -36.17 -7.86
N LEU C 591 27.24 -35.18 -7.91
CA LEU C 591 27.53 -33.89 -7.27
C LEU C 591 27.29 -33.98 -5.81
N PRO C 592 27.75 -32.98 -5.05
CA PRO C 592 27.54 -33.05 -3.62
C PRO C 592 26.06 -33.15 -3.14
N THR C 593 25.91 -33.63 -1.92
CA THR C 593 24.60 -33.86 -1.32
C THR C 593 23.86 -32.50 -1.29
N GLY C 594 22.61 -32.57 -1.71
CA GLY C 594 21.73 -31.43 -1.73
C GLY C 594 21.68 -30.65 -3.02
N VAL C 595 22.45 -31.03 -4.05
CA VAL C 595 22.44 -30.35 -5.35
C VAL C 595 21.63 -31.19 -6.34
N GLY C 596 20.61 -30.62 -6.95
CA GLY C 596 19.79 -31.29 -7.97
C GLY C 596 19.89 -30.59 -9.28
N TYR C 597 19.08 -31.01 -10.24
CA TYR C 597 19.02 -30.35 -11.52
C TYR C 597 17.67 -30.51 -12.14
N ASP C 598 17.48 -29.74 -13.18
CA ASP C 598 16.32 -29.81 -14.04
C ASP C 598 16.62 -29.35 -15.43
N TRP C 599 15.85 -29.81 -16.40
CA TRP C 599 15.95 -29.30 -17.75
C TRP C 599 14.88 -28.25 -18.01
N THR C 600 15.23 -27.20 -18.74
CA THR C 600 14.35 -26.10 -19.01
C THR C 600 14.40 -25.68 -20.50
N GLY C 601 13.55 -24.74 -20.92
CA GLY C 601 13.64 -24.09 -22.22
C GLY C 601 13.54 -25.16 -23.33
N MET C 602 14.44 -25.09 -24.31
CA MET C 602 14.47 -26.09 -25.41
C MET C 602 14.53 -27.56 -24.90
N SER C 603 15.21 -27.78 -23.79
CA SER C 603 15.34 -29.13 -23.28
C SER C 603 14.16 -29.56 -22.43
N TYR C 604 13.11 -28.75 -22.32
CA TYR C 604 11.94 -29.21 -21.55
C TYR C 604 11.10 -30.19 -22.37
N HIS D 5 -13.84 -15.79 50.43
CA HIS D 5 -14.79 -15.47 49.28
C HIS D 5 -14.25 -15.87 47.86
N HIS D 6 -12.96 -16.26 47.77
CA HIS D 6 -12.41 -16.85 46.52
C HIS D 6 -12.61 -18.33 46.52
N HIS D 7 -13.62 -18.80 45.79
CA HIS D 7 -13.98 -20.22 45.84
C HIS D 7 -13.16 -21.00 44.85
N HIS D 8 -12.63 -22.15 45.27
CA HIS D 8 -11.67 -22.90 44.43
C HIS D 8 -12.38 -23.65 43.29
N HIS D 9 -11.66 -23.76 42.18
CA HIS D 9 -12.20 -24.22 40.92
C HIS D 9 -12.03 -25.73 40.88
N HIS D 10 -13.06 -26.45 41.34
CA HIS D 10 -13.15 -27.89 41.16
C HIS D 10 -14.22 -28.11 40.10
N GLY D 11 -13.79 -28.30 38.84
CA GLY D 11 -14.68 -28.70 37.74
C GLY D 11 -15.31 -30.07 37.96
N SER D 12 -16.09 -30.19 39.04
CA SER D 12 -16.70 -31.43 39.47
C SER D 12 -18.07 -31.49 38.80
N ASP D 13 -18.21 -32.36 37.80
CA ASP D 13 -19.45 -32.65 37.02
C ASP D 13 -20.70 -31.81 37.41
N LEU D 14 -21.22 -31.92 38.65
CA LEU D 14 -22.48 -31.19 38.99
C LEU D 14 -22.27 -29.65 39.14
N GLY D 15 -21.17 -29.25 39.74
CA GLY D 15 -20.74 -27.82 39.83
C GLY D 15 -20.55 -27.22 38.43
N LYS D 16 -19.88 -27.95 37.56
CA LYS D 16 -19.71 -27.50 36.18
C LYS D 16 -21.07 -27.39 35.45
N LYS D 17 -21.98 -28.35 35.62
CA LYS D 17 -23.34 -28.21 35.07
C LYS D 17 -24.09 -27.02 35.69
N LEU D 18 -23.82 -26.75 36.97
CA LEU D 18 -24.58 -25.71 37.66
C LEU D 18 -24.10 -24.37 37.07
N LEU D 19 -22.78 -24.27 36.90
CA LEU D 19 -22.18 -23.08 36.27
C LEU D 19 -22.80 -22.84 34.92
N GLU D 20 -22.88 -23.88 34.10
CA GLU D 20 -23.54 -23.77 32.77
C GLU D 20 -25.05 -23.43 32.82
N ALA D 21 -25.81 -24.01 33.71
CA ALA D 21 -27.24 -23.74 33.76
C ALA D 21 -27.57 -22.32 34.29
N ALA D 22 -26.79 -21.85 35.24
CA ALA D 22 -26.95 -20.49 35.81
C ALA D 22 -26.65 -19.47 34.73
N ARG D 23 -25.60 -19.75 33.96
CA ARG D 23 -25.31 -18.92 32.81
C ARG D 23 -26.44 -18.84 31.79
N ALA D 24 -26.97 -19.99 31.42
CA ALA D 24 -27.92 -20.09 30.31
C ALA D 24 -29.34 -19.78 30.74
N GLY D 25 -29.57 -19.55 32.02
CA GLY D 25 -30.92 -19.30 32.53
C GLY D 25 -31.87 -20.51 32.63
N ARG D 26 -31.35 -21.72 32.86
CA ARG D 26 -32.20 -22.91 32.97
C ARG D 26 -32.62 -23.15 34.43
N ASP D 27 -33.68 -22.41 34.79
CA ASP D 27 -34.23 -22.37 36.16
C ASP D 27 -34.48 -23.76 36.74
N ASP D 28 -35.20 -24.59 35.94
CA ASP D 28 -35.52 -26.00 36.29
C ASP D 28 -34.26 -26.79 36.58
N GLU D 29 -33.35 -26.84 35.60
CA GLU D 29 -32.13 -27.58 35.77
C GLU D 29 -31.35 -27.15 37.01
N VAL D 30 -31.30 -25.82 37.26
CA VAL D 30 -30.72 -25.29 38.50
C VAL D 30 -31.40 -25.88 39.72
N ARG D 31 -32.74 -25.86 39.74
CA ARG D 31 -33.47 -26.46 40.90
C ARG D 31 -33.08 -27.93 41.14
N ILE D 32 -33.16 -28.72 40.08
CA ILE D 32 -32.75 -30.13 40.08
C ILE D 32 -31.34 -30.33 40.60
N LEU D 33 -30.39 -29.59 40.03
CA LEU D 33 -29.00 -29.71 40.41
C LEU D 33 -28.74 -29.39 41.87
N MET D 34 -29.42 -28.35 42.37
CA MET D 34 -29.29 -27.94 43.78
C MET D 34 -29.84 -29.06 44.68
N ALA D 35 -30.98 -29.62 44.31
CA ALA D 35 -31.61 -30.73 45.10
C ALA D 35 -30.76 -32.03 45.06
N ASN D 36 -29.94 -32.18 44.00
CA ASN D 36 -28.95 -33.29 43.86
C ASN D 36 -27.58 -33.03 44.42
N GLY D 37 -27.48 -32.02 45.28
CA GLY D 37 -26.29 -31.73 46.05
C GLY D 37 -25.20 -30.93 45.37
N ALA D 38 -25.47 -30.25 44.24
CA ALA D 38 -24.42 -29.49 43.50
C ALA D 38 -23.80 -28.39 44.40
N ASP D 39 -22.48 -28.24 44.37
CA ASP D 39 -21.87 -27.20 45.17
C ASP D 39 -22.37 -25.82 44.66
N VAL D 40 -23.11 -25.10 45.49
CA VAL D 40 -23.72 -23.85 45.09
C VAL D 40 -22.67 -22.71 44.81
N ASN D 41 -21.49 -22.84 45.40
CA ASN D 41 -20.32 -21.97 45.17
C ASN D 41 -19.18 -22.58 44.33
N ALA D 42 -19.53 -23.50 43.43
CA ALA D 42 -18.55 -24.05 42.44
C ALA D 42 -18.03 -22.83 41.66
N ALA D 43 -16.76 -22.80 41.30
CA ALA D 43 -16.23 -21.62 40.61
C ALA D 43 -15.59 -22.09 39.36
N ASP D 44 -15.60 -21.24 38.34
CA ASP D 44 -14.91 -21.58 37.08
C ASP D 44 -13.48 -21.06 37.11
N VAL D 45 -12.77 -21.14 36.01
CA VAL D 45 -11.36 -20.77 36.04
C VAL D 45 -11.07 -19.29 36.29
N VAL D 46 -12.04 -18.39 36.04
CA VAL D 46 -11.88 -17.00 36.41
C VAL D 46 -12.47 -16.63 37.80
N GLY D 47 -12.85 -17.63 38.61
CA GLY D 47 -13.39 -17.36 39.92
C GLY D 47 -14.87 -17.02 39.99
N TRP D 48 -15.59 -17.18 38.88
CA TRP D 48 -17.03 -16.89 38.85
C TRP D 48 -17.78 -18.11 39.43
N THR D 49 -18.77 -17.83 40.29
CA THR D 49 -19.68 -18.80 40.85
C THR D 49 -20.97 -18.70 40.06
N PRO D 50 -21.90 -19.62 40.29
CA PRO D 50 -23.16 -19.52 39.52
C PRO D 50 -23.91 -18.20 39.84
N LEU D 51 -23.71 -17.66 41.03
CA LEU D 51 -24.34 -16.37 41.36
C LEU D 51 -23.72 -15.22 40.51
N HIS D 52 -22.40 -15.20 40.33
CA HIS D 52 -21.79 -14.23 39.36
C HIS D 52 -22.41 -14.35 37.99
N LEU D 53 -22.56 -15.59 37.48
CA LEU D 53 -23.04 -15.79 36.13
C LEU D 53 -24.44 -15.37 36.01
N ALA D 54 -25.24 -15.66 37.03
CA ALA D 54 -26.65 -15.28 36.96
C ALA D 54 -26.80 -13.76 37.06
N ALA D 55 -25.98 -13.18 37.90
CA ALA D 55 -26.00 -11.73 38.08
C ALA D 55 -25.58 -11.07 36.77
N TYR D 56 -24.53 -11.57 36.12
CA TYR D 56 -24.09 -10.99 34.78
C TYR D 56 -25.10 -11.05 33.68
N TRP D 57 -25.64 -12.24 33.49
CA TRP D 57 -26.57 -12.50 32.40
C TRP D 57 -28.02 -12.12 32.73
N GLY D 58 -28.29 -11.59 33.94
CA GLY D 58 -29.60 -11.04 34.28
C GLY D 58 -30.71 -12.02 34.65
N HIS D 59 -30.36 -13.17 35.21
CA HIS D 59 -31.33 -14.25 35.51
C HIS D 59 -31.80 -14.17 36.95
N LEU D 60 -32.85 -13.36 37.17
CA LEU D 60 -33.29 -13.03 38.54
C LEU D 60 -33.72 -14.23 39.40
N GLU D 61 -34.49 -15.10 38.80
CA GLU D 61 -35.05 -16.28 39.51
C GLU D 61 -33.93 -17.22 39.95
N ILE D 62 -32.91 -17.40 39.10
CA ILE D 62 -31.77 -18.19 39.49
C ILE D 62 -31.00 -17.53 40.59
N VAL D 63 -30.85 -16.20 40.53
CA VAL D 63 -30.20 -15.52 41.63
C VAL D 63 -30.91 -15.87 42.97
N GLU D 64 -32.23 -15.79 42.93
CA GLU D 64 -33.06 -16.02 44.15
C GLU D 64 -32.90 -17.47 44.65
N VAL D 65 -33.05 -18.45 43.74
CA VAL D 65 -32.79 -19.86 44.09
C VAL D 65 -31.40 -20.11 44.70
N LEU D 66 -30.38 -19.54 44.07
CA LEU D 66 -29.04 -19.74 44.55
C LEU D 66 -28.84 -19.18 45.95
N LEU D 67 -29.36 -17.98 46.22
CA LEU D 67 -29.17 -17.40 47.55
C LEU D 67 -29.95 -18.26 48.63
N LYS D 68 -31.17 -18.62 48.28
CA LYS D 68 -32.07 -19.51 49.10
C LYS D 68 -31.33 -20.80 49.52
N ASN D 69 -30.54 -21.35 48.60
CA ASN D 69 -29.67 -22.50 48.83
C ASN D 69 -28.27 -22.19 49.33
N GLY D 70 -28.03 -21.01 49.87
CA GLY D 70 -26.77 -20.81 50.59
C GLY D 70 -25.61 -20.24 49.76
N ALA D 71 -25.87 -19.78 48.54
CA ALA D 71 -24.81 -19.09 47.73
C ALA D 71 -24.12 -17.97 48.47
N ASP D 72 -22.80 -17.89 48.31
CA ASP D 72 -22.04 -16.84 48.95
C ASP D 72 -22.34 -15.55 48.18
N VAL D 73 -23.04 -14.64 48.84
CA VAL D 73 -23.55 -13.45 48.20
C VAL D 73 -22.42 -12.52 47.82
N ASN D 74 -21.32 -12.63 48.55
CA ASN D 74 -20.11 -11.83 48.38
C ASN D 74 -18.88 -12.55 47.79
N ALA D 75 -19.16 -13.56 46.99
CA ALA D 75 -18.11 -14.30 46.26
C ALA D 75 -17.27 -13.32 45.45
N TYR D 76 -15.96 -13.53 45.47
CA TYR D 76 -14.99 -12.74 44.70
C TYR D 76 -14.46 -13.57 43.53
N ASP D 77 -14.32 -12.93 42.37
CA ASP D 77 -13.61 -13.57 41.25
C ASP D 77 -12.15 -13.34 41.42
N THR D 78 -11.33 -13.75 40.44
CA THR D 78 -9.92 -13.70 40.72
C THR D 78 -9.38 -12.29 40.65
N LEU D 79 -10.17 -11.29 40.23
CA LEU D 79 -9.73 -9.89 40.29
C LEU D 79 -10.51 -9.10 41.35
N GLY D 80 -11.21 -9.81 42.23
CA GLY D 80 -11.89 -9.17 43.38
C GLY D 80 -13.30 -8.68 43.19
N SER D 81 -13.96 -9.02 42.09
CA SER D 81 -15.22 -8.50 41.81
C SER D 81 -16.33 -9.48 42.24
N THR D 82 -17.47 -8.92 42.65
CA THR D 82 -18.54 -9.63 43.35
C THR D 82 -19.69 -9.70 42.46
N PRO D 83 -20.69 -10.56 42.75
CA PRO D 83 -21.91 -10.49 41.92
C PRO D 83 -22.62 -9.12 41.87
N LEU D 84 -22.53 -8.34 42.94
CA LEU D 84 -23.20 -7.04 42.97
C LEU D 84 -22.47 -6.07 42.02
N HIS D 85 -21.14 -6.20 41.90
CA HIS D 85 -20.45 -5.41 40.87
C HIS D 85 -21.01 -5.67 39.49
N LEU D 86 -21.25 -6.94 39.15
CA LEU D 86 -21.74 -7.29 37.85
C LEU D 86 -23.17 -6.79 37.60
N ALA D 87 -24.03 -7.03 38.59
CA ALA D 87 -25.39 -6.61 38.44
C ALA D 87 -25.50 -5.08 38.36
N ALA D 88 -24.72 -4.33 39.12
CA ALA D 88 -24.74 -2.88 39.04
C ALA D 88 -24.20 -2.38 37.70
N HIS D 89 -23.20 -3.07 37.17
CA HIS D 89 -22.56 -2.61 35.98
C HIS D 89 -23.45 -2.80 34.80
N PHE D 90 -24.11 -3.95 34.73
CA PHE D 90 -24.99 -4.30 33.60
C PHE D 90 -26.46 -3.92 33.76
N GLY D 91 -26.78 -3.09 34.77
CA GLY D 91 -28.08 -2.50 34.80
C GLY D 91 -29.21 -3.42 35.26
N HIS D 92 -28.91 -4.49 36.02
CA HIS D 92 -29.92 -5.46 36.48
C HIS D 92 -30.44 -5.03 37.86
N LEU D 93 -31.38 -4.08 37.80
CA LEU D 93 -31.93 -3.42 38.99
C LEU D 93 -32.49 -4.41 40.03
N GLU D 94 -33.32 -5.31 39.54
CA GLU D 94 -34.01 -6.23 40.42
C GLU D 94 -33.00 -7.14 41.08
N ILE D 95 -31.97 -7.58 40.32
CA ILE D 95 -30.88 -8.37 40.94
C ILE D 95 -30.11 -7.57 42.01
N VAL D 96 -29.81 -6.31 41.73
CA VAL D 96 -29.12 -5.50 42.67
C VAL D 96 -29.90 -5.47 44.02
N GLU D 97 -31.22 -5.36 43.94
CA GLU D 97 -32.03 -5.32 45.18
C GLU D 97 -32.01 -6.63 45.93
N VAL D 98 -32.16 -7.73 45.19
CA VAL D 98 -32.16 -9.03 45.81
C VAL D 98 -30.83 -9.21 46.45
N LEU D 99 -29.72 -8.88 45.77
CA LEU D 99 -28.42 -9.16 46.34
C LEU D 99 -28.25 -8.37 47.62
N LEU D 100 -28.59 -7.09 47.53
CA LEU D 100 -28.36 -6.19 48.67
C LEU D 100 -29.28 -6.61 49.85
N LYS D 101 -30.52 -6.94 49.51
CA LYS D 101 -31.45 -7.47 50.52
C LYS D 101 -30.92 -8.72 51.18
N ASN D 102 -30.09 -9.52 50.47
CA ASN D 102 -29.45 -10.73 51.01
C ASN D 102 -28.06 -10.58 51.57
N GLY D 103 -27.65 -9.36 51.90
CA GLY D 103 -26.37 -9.14 52.59
C GLY D 103 -25.15 -8.78 51.68
N ALA D 104 -25.38 -8.42 50.43
CA ALA D 104 -24.24 -8.07 49.58
C ALA D 104 -23.54 -6.86 50.17
N ASP D 105 -22.22 -6.89 50.12
CA ASP D 105 -21.37 -5.79 50.54
C ASP D 105 -21.44 -4.63 49.54
N VAL D 106 -22.25 -3.63 49.89
CA VAL D 106 -22.50 -2.48 49.06
C VAL D 106 -21.23 -1.68 48.75
N ASN D 107 -20.21 -1.79 49.58
CA ASN D 107 -18.96 -1.07 49.39
C ASN D 107 -17.78 -1.91 48.99
N ALA D 108 -18.02 -3.11 48.48
CA ALA D 108 -16.91 -3.99 48.08
C ALA D 108 -16.08 -3.31 46.98
N LYS D 109 -14.79 -3.41 47.12
CA LYS D 109 -13.86 -2.88 46.15
C LYS D 109 -13.18 -4.08 45.49
N ASP D 110 -13.02 -4.01 44.17
CA ASP D 110 -12.28 -5.03 43.46
C ASP D 110 -10.82 -4.70 43.56
N ASP D 111 -9.94 -5.44 42.85
CA ASP D 111 -8.51 -5.17 42.96
C ASP D 111 -8.08 -3.81 42.48
N ASN D 112 -8.92 -3.16 41.71
CA ASN D 112 -8.66 -1.78 41.22
C ASN D 112 -9.24 -0.65 42.09
N GLY D 113 -9.87 -0.98 43.24
CA GLY D 113 -10.56 -0.01 44.08
C GLY D 113 -11.95 0.36 43.56
N ILE D 114 -12.46 -0.38 42.56
CA ILE D 114 -13.69 -0.03 41.93
C ILE D 114 -14.83 -0.68 42.74
N THR D 115 -15.88 0.10 43.02
CA THR D 115 -17.05 -0.36 43.81
C THR D 115 -18.25 -0.49 42.84
N PRO D 116 -19.32 -1.12 43.30
CA PRO D 116 -20.50 -1.15 42.45
C PRO D 116 -21.03 0.21 42.10
N LEU D 117 -20.92 1.19 43.00
CA LEU D 117 -21.39 2.52 42.71
C LEU D 117 -20.63 3.14 41.54
N HIS D 118 -19.31 2.94 41.50
CA HIS D 118 -18.51 3.41 40.41
C HIS D 118 -19.05 2.83 39.06
N LEU D 119 -19.26 1.52 39.04
CA LEU D 119 -19.71 0.87 37.81
C LEU D 119 -21.10 1.37 37.35
N ALA D 120 -22.04 1.41 38.28
CA ALA D 120 -23.40 1.90 37.97
C ALA D 120 -23.33 3.34 37.52
N ALA D 121 -22.49 4.11 38.19
CA ALA D 121 -22.31 5.50 37.79
C ALA D 121 -21.78 5.62 36.38
N ASN D 122 -20.73 4.87 36.06
CA ASN D 122 -20.10 4.99 34.78
C ASN D 122 -20.99 4.67 33.59
N ARG D 123 -21.95 3.77 33.76
CA ARG D 123 -22.88 3.41 32.69
C ARG D 123 -24.20 4.12 32.80
N GLY D 124 -24.30 5.11 33.70
CA GLY D 124 -25.48 5.94 33.88
C GLY D 124 -26.69 5.22 34.40
N HIS D 125 -26.54 4.13 35.15
CA HIS D 125 -27.71 3.39 35.67
C HIS D 125 -28.27 4.04 36.96
N LEU D 126 -29.13 5.02 36.76
CA LEU D 126 -29.50 5.94 37.85
C LEU D 126 -30.32 5.26 38.99
N GLU D 127 -31.26 4.39 38.64
CA GLU D 127 -32.05 3.71 39.65
C GLU D 127 -31.18 2.81 40.54
N ILE D 128 -30.19 2.16 39.90
CA ILE D 128 -29.17 1.44 40.66
C ILE D 128 -28.34 2.32 41.58
N VAL D 129 -27.91 3.47 41.09
CA VAL D 129 -27.15 4.36 41.92
C VAL D 129 -27.97 4.68 43.24
N GLU D 130 -29.23 5.02 43.06
CA GLU D 130 -30.12 5.38 44.19
C GLU D 130 -30.27 4.23 45.14
N VAL D 131 -30.56 3.04 44.61
CA VAL D 131 -30.64 1.86 45.46
C VAL D 131 -29.36 1.65 46.23
N LEU D 132 -28.21 1.73 45.58
CA LEU D 132 -26.96 1.47 46.29
C LEU D 132 -26.74 2.52 47.40
N LEU D 133 -27.06 3.78 47.06
CA LEU D 133 -26.93 4.87 48.06
C LEU D 133 -27.89 4.58 49.24
N LYS D 134 -29.14 4.27 48.93
CA LYS D 134 -30.08 3.78 49.94
C LYS D 134 -29.47 2.73 50.90
N TYR D 135 -28.66 1.80 50.39
CA TYR D 135 -28.08 0.75 51.23
C TYR D 135 -26.77 1.05 51.83
N GLY D 136 -26.31 2.29 51.83
CA GLY D 136 -25.10 2.60 52.58
C GLY D 136 -23.86 2.81 51.73
N ALA D 137 -24.03 2.94 50.42
CA ALA D 137 -22.83 3.01 49.57
C ALA D 137 -22.11 4.31 49.94
N ASP D 138 -20.81 4.25 50.11
CA ASP D 138 -19.96 5.43 50.38
C ASP D 138 -19.86 6.29 49.09
N VAL D 139 -20.60 7.38 49.06
CA VAL D 139 -20.68 8.25 47.91
C VAL D 139 -19.28 8.83 47.55
N ASN D 140 -18.40 8.91 48.54
CA ASN D 140 -17.07 9.44 48.38
C ASN D 140 -15.94 8.43 48.18
N ALA D 141 -16.24 7.15 48.03
CA ALA D 141 -15.20 6.14 47.86
C ALA D 141 -14.43 6.39 46.52
N GLN D 142 -13.14 6.17 46.57
CA GLN D 142 -12.21 6.50 45.51
C GLN D 142 -11.58 5.24 45.02
N ASP D 143 -11.48 5.07 43.70
CA ASP D 143 -10.76 3.94 43.12
C ASP D 143 -9.28 4.19 43.17
N LYS D 144 -8.48 3.30 42.57
CA LYS D 144 -7.03 3.44 42.60
C LYS D 144 -6.50 4.73 41.96
N PHE D 145 -7.25 5.37 41.09
CA PHE D 145 -6.85 6.64 40.46
C PHE D 145 -7.42 7.89 41.15
N GLY D 146 -8.08 7.68 42.28
CA GLY D 146 -8.66 8.75 43.04
C GLY D 146 -10.04 9.19 42.66
N LYS D 147 -10.73 8.45 41.78
CA LYS D 147 -11.97 8.90 41.23
C LYS D 147 -13.16 8.42 42.06
N THR D 148 -14.06 9.38 42.26
CA THR D 148 -15.35 9.14 42.87
C THR D 148 -16.41 9.00 41.80
N ALA D 149 -17.58 8.52 42.20
CA ALA D 149 -18.80 8.59 41.37
C ALA D 149 -19.09 9.99 40.84
N PHE D 150 -18.86 10.98 41.67
CA PHE D 150 -19.12 12.35 41.19
C PHE D 150 -18.16 12.71 40.02
N ASP D 151 -16.85 12.44 40.19
CA ASP D 151 -15.83 12.64 39.16
C ASP D 151 -16.24 11.94 37.87
N ILE D 152 -16.77 10.74 38.02
CA ILE D 152 -17.30 10.00 36.88
C ILE D 152 -18.44 10.76 36.23
N SER D 153 -19.37 11.30 37.02
CA SER D 153 -20.43 12.09 36.45
C SER D 153 -19.93 13.33 35.67
N ILE D 154 -18.91 14.00 36.17
CA ILE D 154 -18.35 15.19 35.52
C ILE D 154 -17.67 14.72 34.23
N ASN D 155 -16.83 13.70 34.29
CA ASN D 155 -16.10 13.30 33.08
C ASN D 155 -17.04 12.87 31.96
N ASN D 156 -18.13 12.24 32.32
CA ASN D 156 -19.12 11.74 31.36
C ASN D 156 -20.18 12.76 30.97
N GLY D 157 -20.21 13.92 31.59
CA GLY D 157 -21.18 14.94 31.24
C GLY D 157 -22.55 14.48 31.64
N ASN D 158 -22.68 13.68 32.67
CA ASN D 158 -23.99 13.20 33.03
C ASN D 158 -24.54 14.07 34.14
N GLU D 159 -25.21 15.15 33.75
CA GLU D 159 -25.83 16.09 34.73
C GLU D 159 -26.89 15.42 35.67
N ASP D 160 -27.76 14.54 35.15
CA ASP D 160 -28.79 13.85 36.04
C ASP D 160 -28.16 13.05 37.20
N LEU D 161 -27.01 12.44 36.89
CA LEU D 161 -26.27 11.68 37.91
C LEU D 161 -25.57 12.60 38.92
N ALA D 162 -24.90 13.64 38.42
CA ALA D 162 -24.36 14.68 39.28
C ALA D 162 -25.44 15.19 40.24
N GLU D 163 -26.66 15.39 39.74
CA GLU D 163 -27.79 15.91 40.54
C GLU D 163 -28.23 14.95 41.65
N ILE D 164 -28.41 13.68 41.29
CA ILE D 164 -28.65 12.63 42.29
C ILE D 164 -27.57 12.65 43.36
N LEU D 165 -26.30 12.83 42.97
CA LEU D 165 -25.20 12.85 43.97
C LEU D 165 -25.13 14.20 44.76
N GLN D 166 -25.66 15.30 44.18
CA GLN D 166 -25.76 16.65 44.83
C GLN D 166 -24.39 17.35 44.82
N GLY E 11 53.08 -5.53 -16.11
CA GLY E 11 53.56 -5.57 -17.52
C GLY E 11 52.76 -6.45 -18.46
N SER E 12 52.40 -7.64 -17.97
CA SER E 12 51.97 -8.76 -18.82
C SER E 12 50.42 -8.90 -19.09
N ASP E 13 50.10 -9.24 -20.33
CA ASP E 13 48.85 -9.92 -20.69
C ASP E 13 48.76 -11.29 -19.96
N LEU E 14 49.91 -11.92 -19.76
CA LEU E 14 50.02 -13.17 -19.00
C LEU E 14 49.72 -13.04 -17.49
N GLY E 15 50.00 -11.87 -16.92
CA GLY E 15 49.68 -11.48 -15.57
C GLY E 15 48.16 -11.61 -15.35
N LYS E 16 47.39 -11.10 -16.32
CA LYS E 16 45.95 -11.09 -16.19
C LYS E 16 45.45 -12.51 -16.24
N LYS E 17 46.05 -13.34 -17.09
CA LYS E 17 45.68 -14.77 -17.15
C LYS E 17 46.11 -15.52 -15.94
N LEU E 18 47.21 -15.13 -15.31
CA LEU E 18 47.58 -15.81 -14.08
C LEU E 18 46.59 -15.46 -12.93
N LEU E 19 46.15 -14.20 -12.87
CA LEU E 19 45.15 -13.76 -11.87
C LEU E 19 43.87 -14.62 -12.01
N GLU E 20 43.40 -14.77 -13.24
CA GLU E 20 42.20 -15.60 -13.53
C GLU E 20 42.41 -17.09 -13.22
N ALA E 21 43.56 -17.63 -13.60
CA ALA E 21 43.78 -19.06 -13.36
C ALA E 21 43.85 -19.34 -11.89
N ALA E 22 44.45 -18.43 -11.12
CA ALA E 22 44.57 -18.61 -9.68
C ALA E 22 43.21 -18.54 -8.94
N ARG E 23 42.41 -17.54 -9.29
CA ARG E 23 40.99 -17.34 -8.91
C ARG E 23 40.16 -18.62 -9.14
N ALA E 24 40.11 -19.06 -10.40
CA ALA E 24 39.34 -20.23 -10.82
C ALA E 24 39.98 -21.58 -10.52
N GLY E 25 41.04 -21.65 -9.72
CA GLY E 25 41.59 -22.94 -9.31
C GLY E 25 42.43 -23.77 -10.29
N ARG E 26 42.69 -23.27 -11.50
CA ARG E 26 43.33 -24.10 -12.58
C ARG E 26 44.84 -24.35 -12.39
N ASP E 27 45.21 -25.42 -11.69
CA ASP E 27 46.62 -25.67 -11.29
C ASP E 27 47.61 -25.83 -12.44
N ASP E 28 47.21 -26.57 -13.47
CA ASP E 28 48.08 -26.79 -14.63
C ASP E 28 48.37 -25.46 -15.29
N GLU E 29 47.29 -24.74 -15.64
CA GLU E 29 47.39 -23.41 -16.23
C GLU E 29 48.29 -22.45 -15.48
N VAL E 30 48.27 -22.50 -14.14
CA VAL E 30 49.18 -21.70 -13.32
C VAL E 30 50.64 -22.14 -13.54
N ARG E 31 50.89 -23.45 -13.51
CA ARG E 31 52.27 -23.97 -13.73
C ARG E 31 52.80 -23.54 -15.10
N ILE E 32 51.95 -23.64 -16.12
CA ILE E 32 52.29 -23.23 -17.49
C ILE E 32 52.64 -21.75 -17.54
N LEU E 33 51.74 -20.86 -17.10
CA LEU E 33 51.95 -19.38 -17.23
C LEU E 33 53.20 -18.85 -16.51
N MET E 34 53.51 -19.55 -15.42
CA MET E 34 54.71 -19.32 -14.65
C MET E 34 55.92 -19.70 -15.50
N ALA E 35 55.88 -20.90 -16.09
CA ALA E 35 56.93 -21.37 -17.01
C ALA E 35 57.15 -20.37 -18.13
N ASN E 36 56.09 -19.77 -18.68
CA ASN E 36 56.22 -18.78 -19.77
C ASN E 36 56.43 -17.35 -19.31
N GLY E 37 56.82 -17.12 -18.05
CA GLY E 37 57.19 -15.76 -17.55
C GLY E 37 56.14 -14.81 -16.93
N ALA E 38 54.96 -15.31 -16.54
CA ALA E 38 53.92 -14.38 -15.99
C ALA E 38 54.42 -13.82 -14.70
N ASP E 39 54.09 -12.55 -14.46
CA ASP E 39 54.44 -11.88 -13.22
C ASP E 39 53.60 -12.52 -12.09
N VAL E 40 54.32 -13.18 -11.19
CA VAL E 40 53.78 -13.77 -10.01
C VAL E 40 53.16 -12.81 -9.03
N ASN E 41 53.55 -11.55 -9.05
CA ASN E 41 52.99 -10.49 -8.25
C ASN E 41 52.09 -9.51 -9.00
N ALA E 42 51.57 -9.95 -10.16
CA ALA E 42 50.51 -9.21 -10.93
C ALA E 42 49.38 -8.92 -9.97
N ALA E 43 48.75 -7.77 -10.11
CA ALA E 43 47.72 -7.36 -9.19
C ALA E 43 46.54 -6.85 -9.94
N ASP E 44 45.34 -7.13 -9.42
CA ASP E 44 44.15 -6.69 -10.14
C ASP E 44 43.79 -5.31 -9.62
N VAL E 45 42.65 -4.79 -10.02
CA VAL E 45 42.27 -3.44 -9.64
C VAL E 45 42.02 -3.26 -8.18
N VAL E 46 41.68 -4.30 -7.44
CA VAL E 46 41.59 -4.11 -5.99
C VAL E 46 42.89 -4.43 -5.27
N GLY E 47 43.94 -4.71 -6.01
CA GLY E 47 45.25 -4.96 -5.40
C GLY E 47 45.45 -6.38 -4.95
N TRP E 48 44.67 -7.31 -5.52
CA TRP E 48 44.79 -8.70 -5.20
C TRP E 48 45.73 -9.35 -6.17
N THR E 49 46.67 -10.09 -5.61
CA THR E 49 47.67 -10.83 -6.32
C THR E 49 47.16 -12.25 -6.50
N PRO E 50 47.85 -13.04 -7.33
CA PRO E 50 47.47 -14.44 -7.41
C PRO E 50 47.46 -15.17 -6.08
N LEU E 51 48.39 -14.83 -5.20
CA LEU E 51 48.47 -15.43 -3.87
C LEU E 51 47.22 -15.07 -3.03
N HIS E 52 46.81 -13.80 -3.09
CA HIS E 52 45.54 -13.41 -2.43
C HIS E 52 44.37 -14.27 -2.93
N LEU E 53 44.27 -14.45 -4.24
CA LEU E 53 43.16 -15.13 -4.83
C LEU E 53 43.17 -16.58 -4.42
N ALA E 54 44.34 -17.23 -4.49
CA ALA E 54 44.46 -18.63 -4.12
C ALA E 54 44.20 -18.85 -2.62
N ALA E 55 44.62 -17.93 -1.78
CA ALA E 55 44.32 -17.97 -0.37
C ALA E 55 42.80 -17.80 -0.06
N TYR E 56 42.14 -16.84 -0.71
CA TYR E 56 40.69 -16.62 -0.48
C TYR E 56 39.84 -17.84 -0.90
N TRP E 57 40.13 -18.35 -2.09
CA TRP E 57 39.37 -19.43 -2.72
C TRP E 57 39.90 -20.80 -2.32
N GLY E 58 40.89 -20.85 -1.45
CA GLY E 58 41.26 -22.11 -0.81
C GLY E 58 42.12 -23.07 -1.63
N HIS E 59 42.87 -22.58 -2.62
CA HIS E 59 43.61 -23.47 -3.53
C HIS E 59 45.03 -23.66 -3.00
N LEU E 60 45.22 -24.70 -2.20
CA LEU E 60 46.47 -24.93 -1.49
C LEU E 60 47.70 -25.10 -2.41
N GLU E 61 47.56 -25.88 -3.47
CA GLU E 61 48.69 -26.27 -4.32
C GLU E 61 49.09 -25.06 -5.16
N ILE E 62 48.10 -24.27 -5.58
CA ILE E 62 48.39 -22.99 -6.21
C ILE E 62 49.16 -22.08 -5.25
N VAL E 63 48.78 -22.03 -3.98
CA VAL E 63 49.54 -21.22 -3.03
C VAL E 63 51.02 -21.62 -3.02
N GLU E 64 51.25 -22.91 -2.84
CA GLU E 64 52.63 -23.44 -2.67
C GLU E 64 53.44 -23.14 -3.91
N VAL E 65 52.84 -23.40 -5.09
CA VAL E 65 53.46 -23.14 -6.38
C VAL E 65 53.83 -21.65 -6.57
N LEU E 66 52.98 -20.73 -6.12
CA LEU E 66 53.27 -19.31 -6.27
C LEU E 66 54.43 -18.90 -5.35
N LEU E 67 54.52 -19.51 -4.15
CA LEU E 67 55.51 -19.06 -3.17
C LEU E 67 56.93 -19.49 -3.57
N LYS E 68 56.99 -20.63 -4.20
CA LYS E 68 58.24 -21.20 -4.68
C LYS E 68 58.73 -20.41 -5.88
N ASN E 69 57.81 -19.75 -6.61
CA ASN E 69 58.18 -18.88 -7.73
C ASN E 69 58.26 -17.45 -7.35
N GLY E 70 58.53 -17.18 -6.08
CA GLY E 70 58.82 -15.84 -5.58
C GLY E 70 57.64 -14.93 -5.23
N ALA E 71 56.39 -15.45 -5.29
CA ALA E 71 55.21 -14.65 -4.85
C ALA E 71 55.49 -13.96 -3.52
N ASP E 72 55.13 -12.69 -3.44
CA ASP E 72 55.32 -11.91 -2.26
C ASP E 72 54.26 -12.24 -1.19
N VAL E 73 54.73 -12.88 -0.13
CA VAL E 73 53.89 -13.40 0.92
C VAL E 73 53.14 -12.34 1.73
N ASN E 74 53.62 -11.11 1.77
CA ASN E 74 53.00 -10.01 2.45
C ASN E 74 52.48 -8.91 1.53
N ALA E 75 52.14 -9.25 0.33
CA ALA E 75 51.51 -8.31 -0.58
C ALA E 75 50.23 -7.81 0.07
N TYR E 76 49.95 -6.52 -0.04
CA TYR E 76 48.76 -5.98 0.65
C TYR E 76 47.82 -5.39 -0.45
N ASP E 77 46.49 -5.58 -0.33
CA ASP E 77 45.54 -5.04 -1.32
C ASP E 77 45.35 -3.53 -1.07
N THR E 78 44.44 -2.85 -1.76
CA THR E 78 44.29 -1.39 -1.56
C THR E 78 43.64 -0.99 -0.25
N LEU E 79 43.19 -1.96 0.53
CA LEU E 79 42.69 -1.70 1.88
C LEU E 79 43.58 -2.38 2.94
N GLY E 80 44.81 -2.74 2.59
CA GLY E 80 45.79 -3.19 3.59
C GLY E 80 45.72 -4.65 3.96
N SER E 81 44.91 -5.45 3.29
CA SER E 81 44.78 -6.85 3.66
C SER E 81 45.77 -7.75 2.89
N THR E 82 46.22 -8.79 3.53
CA THR E 82 47.30 -9.68 3.04
C THR E 82 46.74 -11.06 2.75
N PRO E 83 47.46 -11.93 2.02
CA PRO E 83 46.95 -13.27 1.82
C PRO E 83 46.62 -14.06 3.13
N LEU E 84 47.34 -13.77 4.21
CA LEU E 84 47.11 -14.43 5.47
C LEU E 84 45.80 -13.93 6.07
N HIS E 85 45.48 -12.64 5.94
CA HIS E 85 44.14 -12.19 6.40
C HIS E 85 43.04 -13.07 5.83
N LEU E 86 43.10 -13.29 4.52
CA LEU E 86 42.09 -13.93 3.73
C LEU E 86 41.99 -15.42 4.08
N ALA E 87 43.14 -16.08 4.14
CA ALA E 87 43.19 -17.47 4.56
C ALA E 87 42.63 -17.68 5.95
N ALA E 88 43.00 -16.81 6.89
CA ALA E 88 42.55 -16.94 8.23
C ALA E 88 41.07 -16.66 8.35
N HIS E 89 40.60 -15.64 7.63
CA HIS E 89 39.17 -15.30 7.74
C HIS E 89 38.28 -16.39 7.21
N PHE E 90 38.72 -17.09 6.16
CA PHE E 90 37.89 -18.04 5.49
C PHE E 90 38.22 -19.49 5.90
N GLY E 91 38.97 -19.66 6.96
CA GLY E 91 39.12 -20.98 7.55
C GLY E 91 39.95 -21.97 6.75
N HIS E 92 40.92 -21.48 6.00
CA HIS E 92 41.78 -22.30 5.18
C HIS E 92 43.06 -22.62 5.98
N LEU E 93 42.97 -23.64 6.82
CA LEU E 93 44.01 -23.96 7.80
C LEU E 93 45.43 -24.27 7.22
N GLU E 94 45.43 -25.18 6.24
CA GLU E 94 46.65 -25.67 5.60
C GLU E 94 47.33 -24.47 4.97
N ILE E 95 46.54 -23.60 4.31
CA ILE E 95 47.07 -22.37 3.71
C ILE E 95 47.66 -21.42 4.76
N VAL E 96 47.00 -21.26 5.89
CA VAL E 96 47.53 -20.41 6.95
C VAL E 96 48.95 -20.86 7.37
N GLU E 97 49.12 -22.16 7.48
CA GLU E 97 50.42 -22.77 7.90
C GLU E 97 51.50 -22.56 6.88
N VAL E 98 51.16 -22.78 5.61
CA VAL E 98 52.11 -22.54 4.52
C VAL E 98 52.54 -21.08 4.42
N LEU E 99 51.60 -20.15 4.54
CA LEU E 99 51.97 -18.76 4.52
C LEU E 99 52.88 -18.43 5.68
N LEU E 100 52.55 -18.96 6.83
CA LEU E 100 53.35 -18.59 8.01
C LEU E 100 54.74 -19.23 7.91
N LYS E 101 54.78 -20.49 7.41
CA LYS E 101 56.02 -21.21 7.09
C LYS E 101 56.84 -20.44 6.09
N ASN E 102 56.20 -19.77 5.11
CA ASN E 102 56.92 -18.92 4.14
C ASN E 102 57.14 -17.50 4.45
N GLY E 103 56.96 -17.13 5.71
CA GLY E 103 57.29 -15.80 6.19
C GLY E 103 56.15 -14.76 6.32
N ALA E 104 54.89 -15.19 6.32
CA ALA E 104 53.78 -14.19 6.44
C ALA E 104 53.84 -13.44 7.76
N ASP E 105 53.61 -12.12 7.71
CA ASP E 105 53.55 -11.31 8.90
C ASP E 105 52.28 -11.63 9.70
N VAL E 106 52.46 -12.31 10.81
CA VAL E 106 51.35 -12.80 11.61
C VAL E 106 50.61 -11.69 12.33
N ASN E 107 51.20 -10.54 12.50
CA ASN E 107 50.55 -9.36 13.06
C ASN E 107 50.26 -8.24 12.06
N ALA E 108 50.17 -8.58 10.78
CA ALA E 108 49.87 -7.56 9.76
C ALA E 108 48.50 -6.96 10.13
N LYS E 109 48.41 -5.63 10.11
CA LYS E 109 47.19 -4.90 10.36
C LYS E 109 46.70 -4.34 9.03
N ASP E 110 45.42 -4.56 8.68
CA ASP E 110 44.88 -3.82 7.56
C ASP E 110 44.62 -2.34 7.87
N ASP E 111 43.99 -1.61 6.94
CA ASP E 111 43.65 -0.18 7.15
C ASP E 111 42.76 0.04 8.35
N ASN E 112 41.98 -0.95 8.78
CA ASN E 112 41.08 -0.80 9.93
C ASN E 112 41.76 -1.30 11.22
N GLY E 113 43.04 -1.72 11.15
CA GLY E 113 43.70 -2.27 12.35
C GLY E 113 43.34 -3.70 12.64
N ILE E 114 42.75 -4.37 11.64
CA ILE E 114 42.34 -5.75 11.76
C ILE E 114 43.51 -6.67 11.39
N THR E 115 43.69 -7.74 12.18
CA THR E 115 44.82 -8.66 12.10
C THR E 115 44.24 -9.99 11.72
N PRO E 116 45.04 -10.94 11.25
CA PRO E 116 44.49 -12.26 10.93
C PRO E 116 43.83 -12.96 12.17
N LEU E 117 44.32 -12.70 13.36
CA LEU E 117 43.77 -13.28 14.57
C LEU E 117 42.34 -12.73 14.83
N HIS E 118 42.15 -11.41 14.73
CA HIS E 118 40.80 -10.83 14.77
C HIS E 118 39.84 -11.58 13.84
N LEU E 119 40.25 -11.86 12.60
CA LEU E 119 39.34 -12.42 11.58
C LEU E 119 39.05 -13.88 11.88
N ALA E 120 40.08 -14.64 12.23
CA ALA E 120 39.89 -16.03 12.65
C ALA E 120 39.00 -16.12 13.87
N ALA E 121 39.25 -15.26 14.84
CA ALA E 121 38.44 -15.22 16.07
C ALA E 121 36.97 -14.91 15.78
N ASN E 122 36.71 -13.97 14.89
CA ASN E 122 35.36 -13.64 14.53
C ASN E 122 34.56 -14.74 13.86
N ARG E 123 35.17 -15.53 13.02
CA ARG E 123 34.50 -16.66 12.44
C ARG E 123 34.61 -17.96 13.25
N GLY E 124 35.22 -17.91 14.43
CA GLY E 124 35.30 -19.11 15.29
C GLY E 124 36.22 -20.18 14.75
N HIS E 125 37.24 -19.80 13.97
CA HIS E 125 38.19 -20.77 13.40
C HIS E 125 39.26 -21.13 14.45
N LEU E 126 38.97 -22.07 15.35
CA LEU E 126 39.82 -22.28 16.54
C LEU E 126 41.25 -22.81 16.24
N GLU E 127 41.38 -23.71 15.28
CA GLU E 127 42.75 -24.24 14.97
C GLU E 127 43.64 -23.14 14.37
N ILE E 128 43.00 -22.26 13.60
CA ILE E 128 43.73 -21.17 13.01
C ILE E 128 44.15 -20.23 14.10
N VAL E 129 43.23 -19.89 15.01
CA VAL E 129 43.62 -19.07 16.17
C VAL E 129 44.87 -19.67 16.85
N GLU E 130 44.85 -20.99 16.99
CA GLU E 130 45.97 -21.68 17.67
C GLU E 130 47.30 -21.53 16.91
N VAL E 131 47.25 -21.81 15.60
CA VAL E 131 48.44 -21.68 14.73
C VAL E 131 48.94 -20.24 14.76
N LEU E 132 48.05 -19.26 14.58
CA LEU E 132 48.49 -17.88 14.61
C LEU E 132 49.24 -17.57 15.89
N LEU E 133 48.65 -18.03 17.01
CA LEU E 133 49.23 -17.79 18.34
C LEU E 133 50.64 -18.45 18.52
N LYS E 134 50.81 -19.69 18.04
CA LYS E 134 52.14 -20.33 17.97
C LYS E 134 53.15 -19.39 17.28
N TYR E 135 52.75 -18.82 16.13
CA TYR E 135 53.67 -18.01 15.34
C TYR E 135 53.87 -16.63 15.87
N GLY E 136 53.32 -16.32 17.04
CA GLY E 136 53.62 -15.06 17.71
C GLY E 136 52.61 -13.95 17.53
N ALA E 137 51.34 -14.33 17.31
CA ALA E 137 50.28 -13.31 17.15
C ALA E 137 50.08 -12.59 18.46
N ASP E 138 50.06 -11.25 18.41
CA ASP E 138 49.84 -10.40 19.61
C ASP E 138 48.38 -10.47 20.02
N VAL E 139 48.17 -11.26 21.05
CA VAL E 139 46.82 -11.55 21.52
C VAL E 139 46.10 -10.31 21.99
N ASN E 140 46.83 -9.29 22.40
CA ASN E 140 46.21 -8.03 22.79
C ASN E 140 46.12 -6.94 21.71
N ALA E 141 46.44 -7.28 20.47
CA ALA E 141 46.37 -6.27 19.40
C ALA E 141 44.90 -5.79 19.29
N GLN E 142 44.77 -4.49 19.18
CA GLN E 142 43.51 -3.81 19.14
C GLN E 142 43.26 -3.28 17.73
N ASP E 143 42.01 -3.29 17.27
CA ASP E 143 41.69 -2.71 15.96
C ASP E 143 41.38 -1.26 16.23
N LYS E 144 40.87 -0.56 15.22
CA LYS E 144 40.56 0.87 15.34
C LYS E 144 39.52 1.22 16.38
N PHE E 145 38.69 0.27 16.79
CA PHE E 145 37.65 0.50 17.77
C PHE E 145 38.13 0.09 19.17
N GLY E 146 39.37 -0.34 19.27
CA GLY E 146 39.89 -0.82 20.54
C GLY E 146 39.63 -2.26 20.86
N LYS E 147 39.17 -3.05 19.90
CA LYS E 147 38.79 -4.41 20.24
C LYS E 147 39.87 -5.43 20.01
N THR E 148 39.90 -6.42 20.87
CA THR E 148 40.82 -7.55 20.78
C THR E 148 40.04 -8.78 20.38
N ALA E 149 40.79 -9.83 20.06
CA ALA E 149 40.28 -11.15 19.79
C ALA E 149 39.42 -11.69 20.94
N PHE E 150 39.85 -11.41 22.16
CA PHE E 150 39.09 -11.72 23.33
C PHE E 150 37.71 -10.99 23.38
N ASP E 151 37.71 -9.69 23.15
CA ASP E 151 36.43 -8.96 23.07
C ASP E 151 35.49 -9.59 22.03
N ILE E 152 36.07 -10.02 20.89
CA ILE E 152 35.33 -10.67 19.84
C ILE E 152 34.71 -11.96 20.31
N SER E 153 35.50 -12.79 20.99
CA SER E 153 34.99 -14.00 21.57
C SER E 153 33.80 -13.76 22.57
N ILE E 154 33.92 -12.72 23.40
CA ILE E 154 32.88 -12.35 24.35
C ILE E 154 31.63 -11.92 23.59
N ASN E 155 31.81 -11.03 22.65
CA ASN E 155 30.62 -10.51 21.91
C ASN E 155 29.89 -11.63 21.15
N ASN E 156 30.62 -12.55 20.54
CA ASN E 156 30.00 -13.64 19.81
C ASN E 156 29.53 -14.78 20.68
N GLY E 157 29.87 -14.78 21.96
CA GLY E 157 29.39 -15.82 22.88
C GLY E 157 30.01 -17.15 22.53
N ASN E 158 31.30 -17.16 22.17
CA ASN E 158 32.00 -18.38 21.79
C ASN E 158 32.93 -18.74 22.92
N GLU E 159 32.48 -19.56 23.86
CA GLU E 159 33.23 -19.73 25.12
C GLU E 159 34.52 -20.55 24.97
N ASP E 160 34.51 -21.49 24.02
CA ASP E 160 35.69 -22.28 23.63
C ASP E 160 36.85 -21.39 23.15
N LEU E 161 36.50 -20.37 22.36
CA LEU E 161 37.48 -19.41 21.91
C LEU E 161 37.95 -18.55 23.06
N ALA E 162 37.02 -18.07 23.89
CA ALA E 162 37.39 -17.29 25.07
C ALA E 162 38.33 -18.04 26.08
N GLU E 163 38.22 -19.38 26.16
CA GLU E 163 39.16 -20.22 26.92
C GLU E 163 40.57 -19.93 26.47
N ILE E 164 40.82 -20.22 25.20
CA ILE E 164 42.15 -20.17 24.60
C ILE E 164 42.85 -18.81 24.73
N LEU E 165 42.12 -17.70 24.87
CA LEU E 165 42.73 -16.34 24.87
C LEU E 165 42.87 -15.73 26.28
N HIS F 5 -11.45 53.79 -1.09
CA HIS F 5 -10.44 52.90 -1.81
C HIS F 5 -10.82 51.39 -1.80
N HIS F 6 -11.32 50.90 -0.66
CA HIS F 6 -12.03 49.62 -0.64
C HIS F 6 -13.42 49.93 -1.16
N HIS F 7 -13.75 49.48 -2.38
CA HIS F 7 -15.06 49.75 -3.00
C HIS F 7 -16.09 48.65 -2.68
N HIS F 8 -17.36 49.06 -2.53
CA HIS F 8 -18.42 48.20 -1.97
C HIS F 8 -19.04 47.22 -3.02
N HIS F 9 -18.97 45.91 -2.72
CA HIS F 9 -19.69 44.85 -3.47
C HIS F 9 -21.22 45.07 -3.37
N HIS F 10 -21.71 46.06 -4.16
CA HIS F 10 -23.13 46.37 -4.30
C HIS F 10 -23.76 45.35 -5.28
N GLY F 11 -22.97 44.97 -6.30
CA GLY F 11 -23.35 43.94 -7.26
C GLY F 11 -24.52 44.38 -8.14
N SER F 12 -24.52 45.66 -8.54
CA SER F 12 -25.58 46.24 -9.41
C SER F 12 -25.50 45.58 -10.82
N ASP F 13 -26.64 45.52 -11.50
CA ASP F 13 -26.74 44.79 -12.77
C ASP F 13 -25.67 45.33 -13.78
N LEU F 14 -25.61 46.65 -14.01
CA LEU F 14 -24.60 47.19 -14.93
C LEU F 14 -23.16 47.07 -14.36
N GLY F 15 -23.00 47.25 -13.04
CA GLY F 15 -21.73 46.95 -12.32
C GLY F 15 -21.19 45.54 -12.56
N LYS F 16 -22.07 44.57 -12.41
CA LYS F 16 -21.77 43.17 -12.65
C LYS F 16 -21.40 42.97 -14.11
N LYS F 17 -22.22 43.52 -15.02
CA LYS F 17 -21.87 43.42 -16.43
C LYS F 17 -20.54 44.11 -16.77
N LEU F 18 -20.23 45.21 -16.09
CA LEU F 18 -18.98 45.93 -16.34
C LEU F 18 -17.75 45.07 -15.87
N LEU F 19 -17.89 44.48 -14.68
CA LEU F 19 -16.89 43.52 -14.14
C LEU F 19 -16.63 42.41 -15.13
N GLU F 20 -17.69 41.83 -15.68
CA GLU F 20 -17.53 40.69 -16.59
C GLU F 20 -16.88 41.14 -17.86
N ALA F 21 -17.23 42.33 -18.34
CA ALA F 21 -16.73 42.81 -19.64
C ALA F 21 -15.28 43.23 -19.51
N ALA F 22 -14.95 43.81 -18.36
CA ALA F 22 -13.58 44.23 -18.13
C ALA F 22 -12.65 43.02 -18.07
N ARG F 23 -13.14 41.95 -17.46
CA ARG F 23 -12.35 40.73 -17.37
C ARG F 23 -12.18 40.03 -18.73
N ALA F 24 -13.22 39.99 -19.54
CA ALA F 24 -13.21 39.27 -20.82
C ALA F 24 -12.55 40.05 -21.96
N GLY F 25 -12.21 41.31 -21.71
CA GLY F 25 -11.61 42.18 -22.72
C GLY F 25 -12.58 42.66 -23.80
N ARG F 26 -13.83 42.93 -23.43
CA ARG F 26 -14.85 43.36 -24.43
C ARG F 26 -14.93 44.88 -24.41
N ASP F 27 -14.02 45.49 -25.18
CA ASP F 27 -13.76 46.96 -25.11
C ASP F 27 -15.02 47.75 -25.41
N ASP F 28 -15.81 47.27 -26.37
CA ASP F 28 -16.94 48.06 -26.84
C ASP F 28 -18.01 48.01 -25.82
N GLU F 29 -18.26 46.80 -25.31
CA GLU F 29 -19.21 46.67 -24.24
C GLU F 29 -18.82 47.56 -23.04
N VAL F 30 -17.52 47.62 -22.70
CA VAL F 30 -17.13 48.53 -21.62
C VAL F 30 -17.56 50.01 -21.93
N ARG F 31 -17.29 50.46 -23.16
CA ARG F 31 -17.66 51.83 -23.63
C ARG F 31 -19.16 52.00 -23.48
N ILE F 32 -19.93 51.03 -23.98
CA ILE F 32 -21.43 51.11 -23.91
C ILE F 32 -21.91 51.26 -22.48
N LEU F 33 -21.38 50.43 -21.58
CA LEU F 33 -21.79 50.44 -20.18
C LEU F 33 -21.43 51.70 -19.49
N MET F 34 -20.22 52.18 -19.78
CA MET F 34 -19.78 53.47 -19.21
C MET F 34 -20.74 54.58 -19.71
N ALA F 35 -21.06 54.54 -21.00
CA ALA F 35 -21.98 55.54 -21.60
C ALA F 35 -23.44 55.40 -21.04
N ASN F 36 -23.76 54.26 -20.44
CA ASN F 36 -25.03 54.05 -19.71
C ASN F 36 -25.03 54.19 -18.22
N GLY F 37 -23.96 54.76 -17.68
CA GLY F 37 -23.87 55.09 -16.28
C GLY F 37 -23.43 53.97 -15.33
N ALA F 38 -22.82 52.90 -15.85
CA ALA F 38 -22.26 51.83 -14.92
C ALA F 38 -21.26 52.40 -13.90
N ASP F 39 -21.39 52.01 -12.63
CA ASP F 39 -20.42 52.38 -11.61
C ASP F 39 -19.02 51.88 -12.03
N VAL F 40 -18.12 52.81 -12.31
CA VAL F 40 -16.78 52.46 -12.81
C VAL F 40 -15.98 51.77 -11.72
N ASN F 41 -16.35 52.04 -10.47
CA ASN F 41 -15.77 51.41 -9.29
C ASN F 41 -16.59 50.27 -8.63
N ALA F 42 -17.39 49.58 -9.42
CA ALA F 42 -18.14 48.41 -8.97
C ALA F 42 -17.10 47.41 -8.46
N ALA F 43 -17.38 46.72 -7.38
CA ALA F 43 -16.40 45.78 -6.80
C ALA F 43 -17.02 44.39 -6.69
N ASP F 44 -16.24 43.32 -6.98
CA ASP F 44 -16.74 41.95 -6.82
C ASP F 44 -16.52 41.51 -5.38
N VAL F 45 -16.76 40.22 -5.11
CA VAL F 45 -16.72 39.74 -3.74
C VAL F 45 -15.33 39.76 -3.13
N VAL F 46 -14.29 39.69 -3.95
CA VAL F 46 -12.95 39.85 -3.38
C VAL F 46 -12.41 41.33 -3.45
N GLY F 47 -13.28 42.29 -3.81
CA GLY F 47 -12.92 43.70 -3.84
C GLY F 47 -12.20 44.15 -5.10
N TRP F 48 -12.25 43.36 -6.14
CA TRP F 48 -11.65 43.70 -7.41
C TRP F 48 -12.65 44.58 -8.19
N THR F 49 -12.13 45.71 -8.69
CA THR F 49 -12.83 46.61 -9.57
C THR F 49 -12.57 46.20 -11.00
N PRO F 50 -13.27 46.82 -11.97
CA PRO F 50 -12.98 46.63 -13.36
C PRO F 50 -11.52 46.91 -13.72
N LEU F 51 -10.94 47.90 -13.05
CA LEU F 51 -9.54 48.26 -13.31
C LEU F 51 -8.60 47.09 -12.81
N HIS F 52 -8.91 46.49 -11.65
CA HIS F 52 -8.15 45.29 -11.16
C HIS F 52 -8.24 44.23 -12.23
N LEU F 53 -9.44 43.97 -12.74
CA LEU F 53 -9.62 42.89 -13.66
C LEU F 53 -8.89 43.12 -14.97
N ALA F 54 -9.03 44.34 -15.53
CA ALA F 54 -8.33 44.66 -16.75
C ALA F 54 -6.79 44.62 -16.57
N ALA F 55 -6.29 45.07 -15.42
CA ALA F 55 -4.87 45.04 -15.13
C ALA F 55 -4.40 43.59 -15.01
N TYR F 56 -5.21 42.70 -14.42
CA TYR F 56 -4.77 41.31 -14.27
C TYR F 56 -4.69 40.57 -15.60
N TRP F 57 -5.75 40.69 -16.37
CA TRP F 57 -5.89 39.94 -17.62
C TRP F 57 -5.19 40.67 -18.75
N GLY F 58 -4.66 41.88 -18.51
CA GLY F 58 -3.81 42.53 -19.48
C GLY F 58 -4.58 43.23 -20.57
N HIS F 59 -5.70 43.90 -20.25
CA HIS F 59 -6.55 44.60 -21.26
C HIS F 59 -6.27 46.11 -21.26
N LEU F 60 -5.31 46.50 -22.11
CA LEU F 60 -4.71 47.84 -22.04
C LEU F 60 -5.74 48.96 -22.34
N GLU F 61 -6.45 48.76 -23.44
CA GLU F 61 -7.47 49.74 -23.95
C GLU F 61 -8.53 49.90 -22.85
N ILE F 62 -8.85 48.80 -22.14
CA ILE F 62 -9.90 48.87 -21.11
C ILE F 62 -9.42 49.62 -19.93
N VAL F 63 -8.17 49.39 -19.54
CA VAL F 63 -7.60 50.20 -18.47
C VAL F 63 -7.76 51.73 -18.78
N GLU F 64 -7.44 52.06 -20.02
CA GLU F 64 -7.46 53.45 -20.50
C GLU F 64 -8.86 54.02 -20.43
N VAL F 65 -9.82 53.30 -21.00
CA VAL F 65 -11.19 53.74 -20.92
C VAL F 65 -11.66 53.94 -19.49
N LEU F 66 -11.34 52.99 -18.60
CA LEU F 66 -11.79 53.13 -17.22
C LEU F 66 -11.22 54.32 -16.52
N LEU F 67 -9.91 54.52 -16.74
CA LEU F 67 -9.24 55.67 -16.12
C LEU F 67 -9.81 56.96 -16.68
N LYS F 68 -10.11 56.94 -17.97
CA LYS F 68 -10.76 58.08 -18.60
C LYS F 68 -12.13 58.38 -17.96
N ASN F 69 -12.88 57.32 -17.61
CA ASN F 69 -14.19 57.49 -17.03
C ASN F 69 -14.19 57.65 -15.51
N GLY F 70 -13.06 58.02 -14.93
CA GLY F 70 -12.96 58.27 -13.49
C GLY F 70 -12.59 57.08 -12.56
N ALA F 71 -12.29 55.90 -13.10
CA ALA F 71 -11.90 54.72 -12.22
C ALA F 71 -10.87 55.13 -11.18
N ASP F 72 -11.05 54.65 -9.94
CA ASP F 72 -10.09 54.84 -8.87
C ASP F 72 -8.82 54.01 -9.16
N VAL F 73 -7.74 54.71 -9.52
CA VAL F 73 -6.48 54.09 -9.92
C VAL F 73 -5.84 53.37 -8.73
N ASN F 74 -6.19 53.77 -7.51
CA ASN F 74 -5.65 53.16 -6.31
C ASN F 74 -6.63 52.27 -5.54
N ALA F 75 -7.61 51.73 -6.23
CA ALA F 75 -8.60 50.85 -5.57
C ALA F 75 -7.87 49.70 -4.88
N TYR F 76 -8.27 49.32 -3.66
CA TYR F 76 -7.61 48.25 -2.90
C TYR F 76 -8.58 47.10 -2.88
N ASP F 77 -8.09 45.87 -3.11
CA ASP F 77 -8.95 44.71 -2.81
C ASP F 77 -9.00 44.41 -1.30
N THR F 78 -9.65 43.30 -0.92
CA THR F 78 -9.86 42.96 0.46
C THR F 78 -8.60 42.57 1.13
N LEU F 79 -7.54 42.33 0.39
CA LEU F 79 -6.20 42.10 0.98
C LEU F 79 -5.20 43.26 0.74
N GLY F 80 -5.75 44.44 0.43
CA GLY F 80 -4.97 45.69 0.22
C GLY F 80 -4.17 45.80 -1.08
N SER F 81 -4.42 44.96 -2.08
CA SER F 81 -3.70 45.00 -3.32
C SER F 81 -4.42 45.88 -4.36
N THR F 82 -3.61 46.57 -5.17
CA THR F 82 -4.01 47.58 -6.14
C THR F 82 -3.83 47.07 -7.52
N PRO F 83 -4.45 47.76 -8.48
CA PRO F 83 -4.26 47.36 -9.86
C PRO F 83 -2.83 47.44 -10.35
N LEU F 84 -2.05 48.40 -9.83
CA LEU F 84 -0.60 48.42 -10.12
C LEU F 84 0.11 47.11 -9.63
N HIS F 85 -0.29 46.59 -8.46
CA HIS F 85 0.33 45.34 -7.97
C HIS F 85 0.15 44.29 -9.00
N LEU F 86 -1.07 44.15 -9.52
CA LEU F 86 -1.38 43.13 -10.48
C LEU F 86 -0.63 43.29 -11.80
N ALA F 87 -0.65 44.50 -12.34
CA ALA F 87 0.06 44.76 -13.58
C ALA F 87 1.57 44.53 -13.44
N ALA F 88 2.15 44.97 -12.35
CA ALA F 88 3.55 44.74 -12.10
C ALA F 88 3.89 43.24 -11.95
N HIS F 89 3.07 42.51 -11.20
CA HIS F 89 3.32 41.07 -11.01
C HIS F 89 3.24 40.27 -12.31
N PHE F 90 2.33 40.59 -13.20
CA PHE F 90 2.07 39.79 -14.36
C PHE F 90 2.73 40.26 -15.61
N GLY F 91 3.60 41.26 -15.47
CA GLY F 91 4.43 41.66 -16.56
C GLY F 91 3.78 42.56 -17.60
N HIS F 92 2.78 43.34 -17.22
CA HIS F 92 1.99 44.08 -18.23
C HIS F 92 2.54 45.53 -18.26
N LEU F 93 3.66 45.71 -18.96
CA LEU F 93 4.41 46.97 -18.91
C LEU F 93 3.61 48.25 -19.31
N GLU F 94 2.90 48.18 -20.43
CA GLU F 94 2.16 49.35 -20.93
C GLU F 94 1.07 49.73 -19.94
N ILE F 95 0.44 48.71 -19.29
CA ILE F 95 -0.52 48.98 -18.20
C ILE F 95 0.15 49.64 -17.01
N VAL F 96 1.33 49.15 -16.65
CA VAL F 96 2.05 49.75 -15.51
C VAL F 96 2.27 51.28 -15.79
N GLU F 97 2.72 51.56 -17.02
CA GLU F 97 3.04 52.97 -17.47
C GLU F 97 1.78 53.83 -17.38
N VAL F 98 0.70 53.30 -17.97
CA VAL F 98 -0.62 53.96 -17.93
C VAL F 98 -1.16 54.20 -16.53
N LEU F 99 -1.06 53.22 -15.63
CA LEU F 99 -1.46 53.41 -14.26
C LEU F 99 -0.65 54.44 -13.56
N LEU F 100 0.65 54.37 -13.73
CA LEU F 100 1.50 55.35 -13.03
C LEU F 100 1.30 56.83 -13.57
N LYS F 101 1.12 56.95 -14.87
CA LYS F 101 0.76 58.23 -15.54
C LYS F 101 -0.51 58.84 -14.90
N ASN F 102 -1.49 57.97 -14.60
CA ASN F 102 -2.73 58.38 -13.92
C ASN F 102 -2.76 58.47 -12.47
N GLY F 103 -1.59 58.42 -11.82
CA GLY F 103 -1.56 58.62 -10.38
C GLY F 103 -1.44 57.38 -9.47
N ALA F 104 -1.23 56.19 -10.03
CA ALA F 104 -1.04 54.97 -9.19
C ALA F 104 -0.02 55.23 -8.08
N ASP F 105 -0.32 54.83 -6.83
CA ASP F 105 0.69 54.82 -5.75
C ASP F 105 1.79 53.77 -6.05
N VAL F 106 2.92 54.25 -6.54
CA VAL F 106 4.08 53.45 -6.82
C VAL F 106 4.60 52.73 -5.57
N ASN F 107 4.35 53.21 -4.38
CA ASN F 107 4.82 52.56 -3.15
C ASN F 107 3.72 51.85 -2.30
N ALA F 108 2.53 51.63 -2.89
CA ALA F 108 1.39 50.98 -2.20
C ALA F 108 1.81 49.67 -1.60
N LYS F 109 1.51 49.45 -0.33
CA LYS F 109 1.75 48.17 0.36
C LYS F 109 0.41 47.44 0.46
N ASP F 110 0.33 46.17 0.05
CA ASP F 110 -0.83 45.33 0.44
C ASP F 110 -0.77 44.98 1.91
N ASP F 111 -1.67 44.13 2.36
CA ASP F 111 -1.70 43.77 3.76
C ASP F 111 -0.48 43.06 4.30
N ASN F 112 0.35 42.53 3.44
CA ASN F 112 1.56 41.83 3.77
C ASN F 112 2.81 42.75 3.71
N GLY F 113 2.59 44.04 3.44
CA GLY F 113 3.66 44.95 3.22
C GLY F 113 4.33 44.83 1.86
N ILE F 114 3.68 44.12 0.93
CA ILE F 114 4.27 43.83 -0.36
C ILE F 114 3.92 44.97 -1.32
N THR F 115 4.90 45.40 -2.13
CA THR F 115 4.83 46.56 -3.03
C THR F 115 4.89 46.07 -4.47
N PRO F 116 4.45 46.90 -5.42
CA PRO F 116 4.62 46.50 -6.79
C PRO F 116 6.07 46.20 -7.20
N LEU F 117 7.03 46.89 -6.62
CA LEU F 117 8.43 46.59 -6.92
C LEU F 117 8.82 45.12 -6.49
N HIS F 118 8.40 44.72 -5.29
CA HIS F 118 8.66 43.34 -4.79
C HIS F 118 8.13 42.35 -5.82
N LEU F 119 6.89 42.58 -6.29
CA LEU F 119 6.25 41.69 -7.22
C LEU F 119 6.92 41.64 -8.57
N ALA F 120 7.23 42.79 -9.14
CA ALA F 120 7.96 42.78 -10.40
C ALA F 120 9.37 42.12 -10.29
N ALA F 121 10.05 42.42 -9.23
CA ALA F 121 11.38 41.91 -8.96
C ALA F 121 11.32 40.41 -8.84
N ASN F 122 10.36 39.93 -8.08
CA ASN F 122 10.24 38.48 -7.92
C ASN F 122 9.99 37.70 -9.21
N ARG F 123 9.27 38.27 -10.16
CA ARG F 123 9.06 37.62 -11.41
C ARG F 123 10.10 38.02 -12.47
N GLY F 124 11.07 38.87 -12.14
CA GLY F 124 12.11 39.24 -13.09
C GLY F 124 11.68 40.15 -14.25
N HIS F 125 10.72 41.02 -13.99
CA HIS F 125 10.16 41.92 -14.99
C HIS F 125 10.97 43.22 -14.97
N LEU F 126 12.07 43.23 -15.73
CA LEU F 126 13.15 44.23 -15.53
C LEU F 126 12.76 45.65 -15.98
N GLU F 127 12.05 45.74 -17.10
CA GLU F 127 11.55 47.01 -17.56
C GLU F 127 10.55 47.60 -16.58
N ILE F 128 9.68 46.73 -16.01
CA ILE F 128 8.68 47.22 -15.09
C ILE F 128 9.40 47.76 -13.87
N VAL F 129 10.37 47.02 -13.35
CA VAL F 129 11.19 47.50 -12.24
C VAL F 129 11.80 48.93 -12.53
N GLU F 130 12.31 49.13 -13.73
CA GLU F 130 12.92 50.45 -14.09
C GLU F 130 11.86 51.55 -14.07
N VAL F 131 10.71 51.28 -14.67
CA VAL F 131 9.60 52.25 -14.67
C VAL F 131 9.17 52.60 -13.26
N LEU F 132 9.07 51.58 -12.39
CA LEU F 132 8.66 51.84 -11.04
C LEU F 132 9.67 52.71 -10.29
N LEU F 133 10.94 52.41 -10.55
CA LEU F 133 12.06 53.18 -9.93
C LEU F 133 12.04 54.66 -10.39
N LYS F 134 11.76 54.82 -11.67
CA LYS F 134 11.57 56.13 -12.31
C LYS F 134 10.44 56.95 -11.67
N TYR F 135 9.35 56.30 -11.20
CA TYR F 135 8.29 57.02 -10.51
C TYR F 135 8.51 57.13 -9.01
N GLY F 136 9.70 56.82 -8.58
CA GLY F 136 10.03 56.99 -7.17
C GLY F 136 9.77 55.78 -6.30
N ALA F 137 9.75 54.59 -6.87
CA ALA F 137 9.68 53.41 -6.02
C ALA F 137 10.82 53.45 -5.03
N ASP F 138 10.50 53.34 -3.74
CA ASP F 138 11.46 53.10 -2.67
C ASP F 138 12.12 51.70 -2.79
N VAL F 139 13.40 51.72 -3.13
CA VAL F 139 14.18 50.53 -3.37
C VAL F 139 14.35 49.77 -2.05
N ASN F 140 14.34 50.50 -0.93
CA ASN F 140 14.57 49.91 0.39
C ASN F 140 13.31 49.47 1.09
N ALA F 141 12.15 49.56 0.42
CA ALA F 141 10.87 49.17 1.04
C ALA F 141 10.98 47.66 1.44
N GLN F 142 10.61 47.41 2.68
CA GLN F 142 10.58 46.07 3.31
C GLN F 142 9.16 45.54 3.38
N ASP F 143 8.97 44.23 3.17
CA ASP F 143 7.65 43.59 3.40
C ASP F 143 7.61 43.19 4.86
N LYS F 144 6.52 42.57 5.30
CA LYS F 144 6.38 42.15 6.72
C LYS F 144 7.52 41.25 7.23
N PHE F 145 8.23 40.57 6.33
CA PHE F 145 9.31 39.73 6.75
C PHE F 145 10.64 40.49 6.68
N GLY F 146 10.61 41.76 6.34
CA GLY F 146 11.80 42.55 6.34
C GLY F 146 12.59 42.43 5.05
N LYS F 147 12.06 41.80 3.98
CA LYS F 147 12.78 41.65 2.71
C LYS F 147 12.58 42.83 1.79
N THR F 148 13.63 43.16 1.03
CA THR F 148 13.59 44.14 -0.06
C THR F 148 13.67 43.49 -1.40
N ALA F 149 13.44 44.31 -2.43
CA ALA F 149 13.59 43.88 -3.80
C ALA F 149 14.99 43.30 -4.08
N PHE F 150 15.99 43.87 -3.43
CA PHE F 150 17.35 43.38 -3.55
C PHE F 150 17.50 41.95 -2.94
N ASP F 151 16.99 41.73 -1.73
CA ASP F 151 16.98 40.37 -1.14
C ASP F 151 16.33 39.35 -2.10
N ILE F 152 15.30 39.78 -2.79
CA ILE F 152 14.62 38.98 -3.80
C ILE F 152 15.53 38.64 -4.98
N SER F 153 16.20 39.67 -5.51
CA SER F 153 17.22 39.47 -6.56
C SER F 153 18.32 38.45 -6.21
N ILE F 154 18.84 38.54 -5.00
CA ILE F 154 19.88 37.65 -4.52
C ILE F 154 19.26 36.24 -4.30
N ASN F 155 18.09 36.17 -3.67
CA ASN F 155 17.46 34.82 -3.52
C ASN F 155 17.19 34.13 -4.86
N ASN F 156 16.72 34.91 -5.85
CA ASN F 156 16.45 34.35 -7.18
C ASN F 156 17.65 34.17 -8.09
N GLY F 157 18.78 34.72 -7.71
CA GLY F 157 20.00 34.64 -8.48
C GLY F 157 19.97 35.49 -9.72
N ASN F 158 19.29 36.63 -9.66
CA ASN F 158 19.07 37.45 -10.86
C ASN F 158 20.03 38.62 -10.77
N GLU F 159 21.16 38.51 -11.47
CA GLU F 159 22.23 39.51 -11.45
C GLU F 159 21.85 40.80 -12.17
N ASP F 160 21.22 40.65 -13.33
CA ASP F 160 20.64 41.80 -14.05
C ASP F 160 19.80 42.66 -13.10
N LEU F 161 18.85 42.02 -12.44
CA LEU F 161 18.00 42.72 -11.48
C LEU F 161 18.84 43.38 -10.36
N ALA F 162 19.82 42.66 -9.81
CA ALA F 162 20.66 43.21 -8.68
C ALA F 162 21.50 44.43 -9.09
N GLU F 163 21.94 44.46 -10.36
CA GLU F 163 22.67 45.61 -10.93
C GLU F 163 21.74 46.82 -11.05
N ILE F 164 20.60 46.64 -11.71
CA ILE F 164 19.56 47.68 -11.79
C ILE F 164 19.22 48.33 -10.41
N LEU F 165 19.32 47.57 -9.32
CA LEU F 165 19.02 48.06 -7.95
C LEU F 165 20.24 48.59 -7.12
N GLN F 166 21.42 48.76 -7.74
CA GLN F 166 22.75 48.92 -7.04
C GLN F 166 22.97 48.11 -5.75
#